data_4NMD
#
_entry.id   4NMD
#
_cell.length_a   95.173
_cell.length_b   151.359
_cell.length_c   175.477
_cell.angle_alpha   90.000
_cell.angle_beta   90.000
_cell.angle_gamma   90.000
#
_symmetry.space_group_name_H-M   'P 21 21 21'
#
loop_
_entity.id
_entity.type
_entity.pdbx_description
1 polymer 'Proline dehydrogenase and Delta-1-pyrroline-5-carboxylate dehydrogenase'
2 non-polymer 'DIHYDROFLAVINE-ADENINE DINUCLEOTIDE'
3 non-polymer 1,2-ETHANEDIOL
4 water water
#
_entity_poly.entity_id   1
_entity_poly.type   'polypeptide(L)'
_entity_poly.pdbx_seq_one_letter_code
;SMLNSELNTKIVNRGKEFFGSISGEKPSLFNKGAWMGKAMDWSMQNEQFKIQMFRFVDVFPSLTTSKLLTEHIREYFGNE
QDMPAFMSTGAKVAGMLGSFGGAVLNKVLTSNIEEMARQFIVGETTKEAVKNLEKLRKDGFAAVVDVLGEATLSEEEAEV
YTNTYLELLEALKKEQGSWKGLPGKGGDPGLDWGHAPKVNIAVKPTALFCLANPQDFEGSVVAILDRMRRIFKKVMELNG
FLCIDMESYRHKEIILEVFRRLKLEYRDYPHLGIVLQAYLKDNDKDLDDLLAWAKEHKVQISVRLVKGAYWDYETVKAKQ
NDWEVPVWTIKAESDAAYERQARKILENHQICHFACASHNIRTISAVMEMARELNVPEDRYEFQVLYGMAEPVRKGILKV
AGRIRLYAPYGNMVPGMGYLVRRLLENTANESFLRQSFAEDAQIERLLEDPAVTVERERAARAAKPKKERKGLGGLPPFN
NEAMVDFTRADHRAAFPKHIAQVRTQLGKTYPLFINGKEVRTNDLIPTVNPNKPSEVLGQICQAGTTEVGDAIAAAKAAF
PAWRDTDPRTRAEYLLKAAQAARKRLFELSAWQVLEIGKQWDQAYADVTEAIDFLEYYAREMIRLGQPQRVGHAPGELNH
YFYEPKGVAAVIAPWNFPLAISMGMASAAIVTGNCVVFKPSGITSIIGWHLVELFREAGLPEGVFNFTPGRGSVMGDYLV
DHPDISLIAFTGSMETGLRIIERAAKVHPGQANVKKIISEMGGKNAIIIDDDADLDEAVPHVLYSAFGFQGQKCSACSRV
IVLDAVYDKFIERLVSMAKATKVGPSEDPANYMGAVADDKAMKSIKEYAEIGKREGHVLYESPVPAGEGYFVPMTIIGGI
KPEHRIAQEEIFGPVLAVMRAKDFDQAIEWANSTQFALTGGIFSRSPEHLAKARREFRVGNLYINRNNTGALVERQPFGG
ARMSGVGTKAGGPDYLLHFMDPRVVTENTMRRGFAPIEEDDDWVD
;
_entity_poly.pdbx_strand_id   A,B
#
# COMPACT_ATOMS: atom_id res chain seq x y z
N SER A 1 -47.58 18.71 -30.17
CA SER A 1 -47.77 17.34 -29.68
C SER A 1 -48.44 16.48 -30.75
N MET A 2 -49.73 16.71 -30.96
CA MET A 2 -50.41 16.14 -32.13
C MET A 2 -49.84 16.81 -33.39
N LEU A 3 -49.61 18.12 -33.28
CA LEU A 3 -48.95 18.88 -34.34
C LEU A 3 -47.53 18.37 -34.55
N ASN A 4 -46.89 18.00 -33.45
CA ASN A 4 -45.55 17.43 -33.48
C ASN A 4 -45.50 16.18 -34.35
N SER A 5 -46.47 15.29 -34.13
CA SER A 5 -46.57 14.03 -34.87
C SER A 5 -46.73 14.25 -36.38
N GLU A 6 -47.52 15.26 -36.76
CA GLU A 6 -47.78 15.58 -38.16
C GLU A 6 -46.55 16.12 -38.90
N LEU A 7 -45.85 17.04 -38.26
CA LEU A 7 -44.66 17.64 -38.86
C LEU A 7 -43.55 16.61 -39.00
N ASN A 8 -43.41 15.76 -37.99
CA ASN A 8 -42.45 14.67 -38.00
C ASN A 8 -42.66 13.76 -39.21
N THR A 9 -43.92 13.44 -39.48
CA THR A 9 -44.29 12.64 -40.65
C THR A 9 -43.79 13.26 -41.95
N LYS A 10 -43.90 14.59 -42.07
CA LYS A 10 -43.37 15.29 -43.25
C LYS A 10 -41.86 15.25 -43.31
N ILE A 11 -41.22 15.33 -42.14
CA ILE A 11 -39.77 15.25 -42.07
C ILE A 11 -39.29 13.86 -42.48
N VAL A 12 -39.86 12.83 -41.85
CA VAL A 12 -39.53 11.44 -42.19
C VAL A 12 -39.72 11.17 -43.69
N ASN A 13 -40.83 11.65 -44.24
CA ASN A 13 -41.08 11.51 -45.68
C ASN A 13 -40.07 12.27 -46.53
N ARG A 14 -39.65 13.44 -46.07
CA ARG A 14 -38.61 14.20 -46.78
C ARG A 14 -37.27 13.47 -46.70
N GLY A 15 -37.02 12.82 -45.56
CA GLY A 15 -35.80 12.05 -45.37
C GLY A 15 -35.63 11.02 -46.47
N LYS A 16 -36.73 10.39 -46.86
CA LYS A 16 -36.72 9.35 -47.89
C LYS A 16 -36.57 9.87 -49.30
N GLU A 17 -37.05 11.09 -49.55
CA GLU A 17 -36.80 11.74 -50.84
C GLU A 17 -35.31 12.02 -51.00
N PHE A 18 -34.62 12.21 -49.87
CA PHE A 18 -33.17 12.39 -49.91
C PHE A 18 -32.49 11.05 -50.14
N PHE A 19 -32.93 10.02 -49.44
CA PHE A 19 -32.39 8.67 -49.58
C PHE A 19 -32.65 8.12 -50.98
N GLY A 20 -33.86 8.32 -51.48
CA GLY A 20 -34.18 7.98 -52.86
C GLY A 20 -33.28 8.73 -53.83
N SER A 21 -33.18 10.05 -53.65
CA SER A 21 -32.31 10.87 -54.47
C SER A 21 -30.84 10.49 -54.30
N ILE A 22 -30.52 9.87 -53.16
CA ILE A 22 -29.20 9.28 -52.95
C ILE A 22 -29.16 7.89 -53.59
N PRO A 27 -20.66 7.50 -50.12
CA PRO A 27 -19.41 8.26 -50.03
C PRO A 27 -18.20 7.34 -50.12
N SER A 28 -17.04 7.91 -50.42
CA SER A 28 -15.87 7.15 -50.85
C SER A 28 -15.12 6.41 -49.74
N LEU A 29 -15.27 6.87 -48.49
CA LEU A 29 -14.62 6.20 -47.36
C LEU A 29 -15.37 4.94 -46.94
N PHE A 30 -16.61 4.81 -47.42
CA PHE A 30 -17.44 3.66 -47.09
C PHE A 30 -17.48 2.68 -48.25
N ASN A 31 -16.73 2.99 -49.31
CA ASN A 31 -16.59 2.11 -50.47
C ASN A 31 -15.51 1.05 -50.26
N LYS A 32 -15.93 -0.17 -49.95
CA LYS A 32 -14.99 -1.25 -49.61
C LYS A 32 -14.25 -1.83 -50.84
N GLY A 33 -14.25 -1.09 -51.94
CA GLY A 33 -13.48 -1.46 -53.12
C GLY A 33 -12.22 -0.61 -53.21
N ALA A 34 -12.34 0.65 -52.80
CA ALA A 34 -11.19 1.55 -52.72
C ALA A 34 -10.39 1.24 -51.47
N TRP A 35 -9.08 1.52 -51.52
CA TRP A 35 -8.15 1.27 -50.43
C TRP A 35 -8.57 1.96 -49.12
N MET A 36 -9.06 3.17 -49.24
CA MET A 36 -9.47 3.93 -48.08
C MET A 36 -10.68 3.35 -47.41
N GLY A 37 -11.64 2.91 -48.20
CA GLY A 37 -12.82 2.23 -47.70
C GLY A 37 -12.46 0.96 -46.95
N LYS A 38 -11.39 0.30 -47.39
CA LYS A 38 -10.88 -0.90 -46.74
C LYS A 38 -10.19 -0.54 -45.43
N ALA A 39 -9.36 0.49 -45.46
CA ALA A 39 -8.67 0.95 -44.25
C ALA A 39 -9.66 1.47 -43.21
N MET A 40 -10.69 2.17 -43.67
CA MET A 40 -11.72 2.71 -42.77
C MET A 40 -12.60 1.60 -42.19
N ASP A 41 -12.95 0.63 -43.03
CA ASP A 41 -13.77 -0.49 -42.59
C ASP A 41 -13.09 -1.23 -41.44
N TRP A 42 -11.80 -1.50 -41.61
CA TRP A 42 -11.04 -2.21 -40.58
C TRP A 42 -10.87 -1.33 -39.34
N SER A 43 -10.85 -0.02 -39.54
CA SER A 43 -10.81 0.91 -38.42
C SER A 43 -12.09 0.85 -37.62
N MET A 44 -13.22 0.67 -38.32
CA MET A 44 -14.52 0.61 -37.66
C MET A 44 -14.80 -0.74 -37.03
N GLN A 45 -13.97 -1.73 -37.37
CA GLN A 45 -14.09 -3.08 -36.80
C GLN A 45 -13.13 -3.30 -35.64
N ASN A 46 -11.91 -2.76 -35.77
CA ASN A 46 -10.86 -2.93 -34.77
C ASN A 46 -10.39 -1.57 -34.20
N GLU A 47 -10.73 -1.30 -32.94
CA GLU A 47 -10.41 -0.01 -32.34
C GLU A 47 -8.90 0.21 -32.17
N GLN A 48 -8.19 -0.87 -31.83
CA GLN A 48 -6.74 -0.82 -31.71
C GLN A 48 -6.15 -0.32 -33.03
N PHE A 49 -6.62 -0.88 -34.14
CA PHE A 49 -6.16 -0.44 -35.45
C PHE A 49 -6.55 0.99 -35.79
N LYS A 50 -7.80 1.37 -35.49
CA LYS A 50 -8.27 2.73 -35.74
C LYS A 50 -7.32 3.74 -35.07
N ILE A 51 -6.93 3.45 -33.83
CA ILE A 51 -6.03 4.32 -33.10
C ILE A 51 -4.67 4.42 -33.79
N GLN A 52 -4.14 3.30 -34.24
CA GLN A 52 -2.85 3.27 -34.91
C GLN A 52 -2.89 4.03 -36.24
N MET A 53 -3.91 3.75 -37.04
CA MET A 53 -4.07 4.36 -38.36
C MET A 53 -4.24 5.88 -38.28
N PHE A 54 -5.08 6.33 -37.36
CA PHE A 54 -5.35 7.76 -37.24
C PHE A 54 -4.14 8.52 -36.69
N ARG A 55 -3.46 7.92 -35.71
CA ARG A 55 -2.25 8.52 -35.18
C ARG A 55 -1.14 8.52 -36.24
N PHE A 56 -1.13 7.49 -37.10
CA PHE A 56 -0.13 7.44 -38.17
C PHE A 56 -0.38 8.55 -39.18
N VAL A 57 -1.63 8.76 -39.56
CA VAL A 57 -1.97 9.84 -40.50
C VAL A 57 -1.60 11.18 -39.89
N ASP A 58 -1.82 11.33 -38.58
CA ASP A 58 -1.45 12.56 -37.88
C ASP A 58 0.06 12.86 -37.96
N VAL A 59 0.89 11.84 -37.76
CA VAL A 59 2.33 12.03 -37.73
C VAL A 59 2.90 12.03 -39.15
N PHE A 60 2.12 11.50 -40.08
CA PHE A 60 2.58 11.28 -41.45
C PHE A 60 3.34 12.46 -42.12
N PRO A 61 2.85 13.69 -41.97
CA PRO A 61 3.59 14.73 -42.70
C PRO A 61 4.97 15.07 -42.12
N SER A 62 5.29 14.63 -40.91
CA SER A 62 6.64 14.87 -40.41
CA SER A 62 6.61 14.82 -40.33
C SER A 62 7.59 13.73 -40.77
N LEU A 63 7.08 12.73 -41.49
CA LEU A 63 7.90 11.59 -41.87
C LEU A 63 8.65 11.91 -43.16
N THR A 64 9.60 12.84 -43.05
CA THR A 64 10.22 13.49 -44.21
C THR A 64 11.44 12.78 -44.82
N THR A 65 11.94 11.74 -44.16
CA THR A 65 13.01 10.92 -44.76
C THR A 65 12.54 9.47 -44.91
N SER A 66 13.24 8.72 -45.76
CA SER A 66 12.92 7.31 -45.99
C SER A 66 13.03 6.52 -44.69
N LYS A 67 13.97 6.92 -43.83
CA LYS A 67 14.17 6.27 -42.54
C LYS A 67 13.01 6.53 -41.58
N LEU A 68 12.63 7.79 -41.38
CA LEU A 68 11.47 8.11 -40.55
C LEU A 68 10.23 7.35 -41.01
N LEU A 69 9.96 7.38 -42.31
CA LEU A 69 8.76 6.75 -42.85
C LEU A 69 8.74 5.25 -42.57
N THR A 70 9.78 4.55 -43.03
CA THR A 70 9.90 3.11 -42.85
C THR A 70 9.75 2.67 -41.39
N GLU A 71 10.41 3.38 -40.48
CA GLU A 71 10.39 2.99 -39.08
C GLU A 71 9.04 3.24 -38.44
N HIS A 72 8.38 4.32 -38.81
CA HIS A 72 7.09 4.63 -38.21
C HIS A 72 6.06 3.61 -38.70
N ILE A 73 6.17 3.24 -39.97
CA ILE A 73 5.27 2.24 -40.54
C ILE A 73 5.37 0.94 -39.73
N ARG A 74 6.60 0.50 -39.51
CA ARG A 74 6.87 -0.69 -38.71
C ARG A 74 6.35 -0.54 -37.27
N GLU A 75 6.61 0.60 -36.65
CA GLU A 75 6.21 0.81 -35.26
C GLU A 75 4.70 0.96 -35.07
N TYR A 76 4.00 1.48 -36.08
CA TYR A 76 2.56 1.66 -35.96
C TYR A 76 1.76 0.43 -36.40
N PHE A 77 2.27 -0.27 -37.41
CA PHE A 77 1.53 -1.35 -38.05
C PHE A 77 2.20 -2.71 -37.89
N GLY A 78 3.36 -2.74 -37.25
CA GLY A 78 4.07 -3.99 -37.06
C GLY A 78 4.76 -4.40 -38.34
N ASN A 79 5.18 -5.66 -38.41
CA ASN A 79 5.88 -6.14 -39.59
C ASN A 79 4.92 -6.57 -40.70
N GLU A 80 5.40 -6.58 -41.94
CA GLU A 80 4.57 -6.83 -43.13
C GLU A 80 3.71 -8.09 -43.08
N GLN A 81 3.87 -8.89 -42.03
CA GLN A 81 3.01 -10.04 -41.75
C GLN A 81 1.91 -9.70 -40.73
N ASP A 82 2.29 -8.92 -39.71
CA ASP A 82 1.35 -8.44 -38.69
C ASP A 82 0.22 -7.63 -39.31
N MET A 83 0.60 -6.64 -40.12
CA MET A 83 -0.36 -5.72 -40.74
C MET A 83 -1.30 -6.45 -41.70
N PRO A 84 -2.56 -5.96 -41.80
CA PRO A 84 -3.62 -6.60 -42.60
C PRO A 84 -3.42 -6.52 -44.12
N ALA A 85 -4.34 -7.14 -44.86
CA ALA A 85 -4.18 -7.40 -46.29
C ALA A 85 -4.05 -6.17 -47.19
N PHE A 86 -4.89 -5.16 -46.97
CA PHE A 86 -4.81 -3.91 -47.73
C PHE A 86 -3.48 -3.17 -47.52
N MET A 87 -2.64 -3.76 -46.67
CA MET A 87 -1.25 -3.36 -46.50
C MET A 87 -0.34 -4.56 -46.76
N ALA A 103 11.04 1.57 -50.02
CA ALA A 103 10.31 0.30 -49.88
C ALA A 103 8.87 0.42 -50.39
N VAL A 104 8.29 -0.71 -50.77
CA VAL A 104 6.95 -0.76 -51.33
C VAL A 104 5.89 -0.12 -50.43
N LEU A 105 5.83 -0.57 -49.18
CA LEU A 105 4.90 -0.04 -48.18
C LEU A 105 4.94 1.48 -48.07
N ASN A 106 6.17 2.03 -48.06
CA ASN A 106 6.38 3.47 -48.09
C ASN A 106 5.63 4.11 -49.24
N LYS A 107 5.74 3.51 -50.42
CA LYS A 107 5.07 4.02 -51.63
C LYS A 107 3.55 3.82 -51.54
N VAL A 108 3.14 2.65 -51.07
CA VAL A 108 1.73 2.31 -50.91
C VAL A 108 1.02 3.33 -50.02
N LEU A 109 1.53 3.48 -48.80
CA LEU A 109 0.92 4.38 -47.84
C LEU A 109 0.92 5.84 -48.30
N THR A 110 2.05 6.31 -48.83
CA THR A 110 2.21 7.72 -49.18
C THR A 110 1.17 8.16 -50.19
N SER A 111 1.08 7.45 -51.32
CA SER A 111 0.14 7.80 -52.37
C SER A 111 -1.32 7.73 -51.90
N ASN A 112 -1.67 6.67 -51.17
CA ASN A 112 -3.03 6.51 -50.66
C ASN A 112 -3.43 7.60 -49.68
N ILE A 113 -2.55 7.90 -48.73
CA ILE A 113 -2.85 8.89 -47.71
C ILE A 113 -2.95 10.27 -48.34
N GLU A 114 -1.98 10.58 -49.21
CA GLU A 114 -2.05 11.84 -49.96
C GLU A 114 -3.32 11.94 -50.81
N GLU A 115 -3.71 10.85 -51.46
CA GLU A 115 -4.96 10.84 -52.22
C GLU A 115 -6.17 11.08 -51.30
N MET A 116 -6.19 10.44 -50.12
CA MET A 116 -7.30 10.65 -49.19
C MET A 116 -7.42 12.11 -48.78
N ALA A 117 -6.28 12.75 -48.52
CA ALA A 117 -6.28 14.14 -48.08
C ALA A 117 -6.78 15.09 -49.17
N ARG A 118 -6.43 14.81 -50.43
CA ARG A 118 -6.82 15.67 -51.54
C ARG A 118 -8.32 15.67 -51.79
N GLN A 119 -9.01 14.62 -51.37
CA GLN A 119 -10.46 14.54 -51.50
C GLN A 119 -11.18 15.65 -50.73
N PHE A 120 -10.53 16.24 -49.73
CA PHE A 120 -11.20 17.20 -48.85
C PHE A 120 -10.74 18.64 -49.05
N ILE A 121 -9.79 18.85 -49.97
CA ILE A 121 -9.30 20.20 -50.23
C ILE A 121 -9.43 20.52 -51.72
N VAL A 122 -9.64 21.79 -52.05
CA VAL A 122 -9.87 22.16 -53.44
C VAL A 122 -8.61 22.60 -54.17
N GLY A 123 -7.46 22.54 -53.49
CA GLY A 123 -6.20 22.89 -54.11
C GLY A 123 -5.12 23.25 -53.12
N GLU A 124 -3.87 23.30 -53.59
CA GLU A 124 -2.74 23.61 -52.73
C GLU A 124 -2.24 25.02 -52.99
N THR A 125 -2.69 25.62 -54.09
CA THR A 125 -2.38 27.01 -54.37
C THR A 125 -3.67 27.78 -54.56
N THR A 126 -3.58 29.10 -54.46
CA THR A 126 -4.72 29.98 -54.72
C THR A 126 -5.24 29.81 -56.14
N LYS A 127 -4.34 29.73 -57.12
CA LYS A 127 -4.75 29.61 -58.52
C LYS A 127 -5.50 28.30 -58.76
N GLU A 128 -4.98 27.20 -58.22
CA GLU A 128 -5.64 25.90 -58.37
C GLU A 128 -7.01 25.92 -57.68
N ALA A 129 -7.03 26.48 -56.48
CA ALA A 129 -8.28 26.61 -55.71
C ALA A 129 -9.35 27.37 -56.50
N VAL A 130 -9.02 28.58 -56.95
CA VAL A 130 -9.92 29.41 -57.75
C VAL A 130 -10.39 28.69 -59.02
N LYS A 131 -9.50 27.98 -59.69
CA LYS A 131 -9.89 27.19 -60.86
C LYS A 131 -10.86 26.06 -60.48
N ASN A 132 -10.58 25.37 -59.37
CA ASN A 132 -11.48 24.30 -58.92
C ASN A 132 -12.84 24.80 -58.40
N LEU A 133 -12.85 25.99 -57.81
CA LEU A 133 -14.11 26.61 -57.35
C LEU A 133 -15.00 26.98 -58.53
N GLU A 134 -14.39 27.41 -59.62
CA GLU A 134 -15.12 27.76 -60.84
C GLU A 134 -15.74 26.53 -61.47
N LYS A 135 -15.02 25.40 -61.43
CA LYS A 135 -15.55 24.12 -61.88
C LYS A 135 -16.81 23.77 -61.11
N LEU A 136 -16.70 23.88 -59.79
CA LEU A 136 -17.81 23.59 -58.90
C LEU A 136 -19.01 24.49 -59.20
N ARG A 137 -18.74 25.77 -59.49
CA ARG A 137 -19.80 26.71 -59.84
C ARG A 137 -20.57 26.24 -61.06
N LYS A 138 -19.84 25.87 -62.11
CA LYS A 138 -20.46 25.39 -63.34
C LYS A 138 -21.23 24.08 -63.09
N ASP A 139 -20.91 23.42 -61.99
CA ASP A 139 -21.64 22.23 -61.55
C ASP A 139 -22.81 22.58 -60.60
N GLY A 140 -23.05 23.88 -60.40
CA GLY A 140 -24.19 24.33 -59.62
C GLY A 140 -23.94 24.48 -58.13
N PHE A 141 -22.69 24.41 -57.71
CA PHE A 141 -22.34 24.54 -56.29
C PHE A 141 -21.75 25.89 -55.95
N ALA A 142 -22.28 26.52 -54.90
CA ALA A 142 -21.66 27.71 -54.33
C ALA A 142 -20.51 27.24 -53.44
N ALA A 143 -19.69 28.18 -52.98
CA ALA A 143 -18.59 27.80 -52.08
C ALA A 143 -18.40 28.80 -50.94
N VAL A 144 -17.83 28.33 -49.83
CA VAL A 144 -17.21 29.22 -48.84
C VAL A 144 -15.78 28.77 -48.68
N VAL A 145 -14.83 29.68 -48.91
CA VAL A 145 -13.42 29.30 -48.99
C VAL A 145 -12.69 29.51 -47.66
N ASP A 146 -11.91 28.51 -47.27
CA ASP A 146 -11.18 28.57 -46.02
C ASP A 146 -9.70 28.27 -46.31
N VAL A 147 -8.82 28.90 -45.55
CA VAL A 147 -7.40 28.73 -45.74
C VAL A 147 -6.84 27.74 -44.71
N LEU A 148 -6.30 26.61 -45.19
CA LEU A 148 -5.64 25.64 -44.33
C LEU A 148 -4.37 26.27 -43.74
N GLY A 149 -4.11 26.01 -42.47
CA GLY A 149 -2.84 26.43 -41.91
C GLY A 149 -2.53 25.68 -40.64
N GLU A 150 -1.24 25.56 -40.34
CA GLU A 150 -0.81 25.08 -39.04
C GLU A 150 -1.21 26.13 -38.01
N ALA A 151 -1.18 25.76 -36.73
CA ALA A 151 -1.52 26.71 -35.67
C ALA A 151 -0.65 27.96 -35.80
N THR A 152 -1.26 29.12 -35.60
CA THR A 152 -0.55 30.39 -35.60
C THR A 152 0.19 30.53 -34.29
N LEU A 153 1.52 30.61 -34.37
CA LEU A 153 2.33 30.69 -33.17
C LEU A 153 3.12 32.00 -33.08
N SER A 154 2.96 32.87 -34.05
CA SER A 154 3.71 34.13 -34.03
C SER A 154 2.97 35.21 -34.79
N GLU A 155 3.46 36.45 -34.69
CA GLU A 155 2.90 37.54 -35.45
C GLU A 155 3.16 37.36 -36.94
N GLU A 156 4.34 36.87 -37.29
CA GLU A 156 4.67 36.60 -38.68
C GLU A 156 3.71 35.57 -39.25
N GLU A 157 3.40 34.53 -38.48
CA GLU A 157 2.44 33.53 -38.91
C GLU A 157 1.03 34.09 -39.05
N ALA A 158 0.60 34.89 -38.08
CA ALA A 158 -0.73 35.51 -38.18
C ALA A 158 -0.82 36.40 -39.43
N GLU A 159 0.26 37.12 -39.74
CA GLU A 159 0.33 37.94 -40.95
C GLU A 159 0.27 37.15 -42.25
N VAL A 160 0.95 36.01 -42.30
CA VAL A 160 0.90 35.12 -43.46
C VAL A 160 -0.53 34.63 -43.72
N TYR A 161 -1.18 34.12 -42.66
CA TYR A 161 -2.57 33.67 -42.72
C TYR A 161 -3.47 34.81 -43.21
N THR A 162 -3.30 35.99 -42.62
CA THR A 162 -4.08 37.16 -43.01
C THR A 162 -3.87 37.51 -44.49
N ASN A 163 -2.62 37.57 -44.91
CA ASN A 163 -2.29 37.93 -46.28
C ASN A 163 -2.72 36.88 -47.30
N THR A 164 -2.88 35.64 -46.86
CA THR A 164 -3.35 34.61 -47.77
C THR A 164 -4.80 34.91 -48.12
N TYR A 165 -5.61 35.29 -47.13
CA TYR A 165 -6.99 35.69 -47.43
C TYR A 165 -7.04 36.90 -48.36
N LEU A 166 -6.19 37.89 -48.12
CA LEU A 166 -6.17 39.09 -48.96
C LEU A 166 -5.81 38.72 -50.40
N GLU A 167 -4.87 37.80 -50.54
CA GLU A 167 -4.40 37.33 -51.84
C GLU A 167 -5.51 36.58 -52.55
N LEU A 168 -6.22 35.74 -51.81
CA LEU A 168 -7.37 35.00 -52.33
C LEU A 168 -8.46 35.94 -52.81
N LEU A 169 -8.80 36.91 -51.96
CA LEU A 169 -9.83 37.89 -52.28
C LEU A 169 -9.46 38.69 -53.52
N GLU A 170 -8.18 39.03 -53.66
CA GLU A 170 -7.74 39.78 -54.83
C GLU A 170 -7.88 38.93 -56.09
N ALA A 171 -7.54 37.66 -55.97
CA ALA A 171 -7.72 36.72 -57.07
C ALA A 171 -9.20 36.57 -57.43
N LEU A 172 -10.03 36.35 -56.41
CA LEU A 172 -11.47 36.20 -56.60
C LEU A 172 -12.12 37.45 -57.17
N LYS A 173 -11.66 38.61 -56.71
CA LYS A 173 -12.18 39.90 -57.17
C LYS A 173 -12.09 40.04 -58.69
N LYS A 174 -11.03 39.49 -59.28
CA LYS A 174 -10.85 39.60 -60.72
C LYS A 174 -11.68 38.58 -61.50
N GLU A 175 -12.13 37.52 -60.83
CA GLU A 175 -12.84 36.44 -61.51
C GLU A 175 -14.36 36.58 -61.46
N GLN A 176 -14.88 37.13 -60.36
CA GLN A 176 -16.32 37.05 -60.09
C GLN A 176 -17.22 37.77 -61.11
N GLY A 177 -16.70 38.83 -61.74
CA GLY A 177 -17.48 39.54 -62.75
C GLY A 177 -17.78 38.68 -63.96
N SER A 178 -17.02 37.60 -64.11
CA SER A 178 -17.16 36.68 -65.22
C SER A 178 -18.14 35.56 -64.90
N TRP A 179 -18.57 35.49 -63.65
CA TRP A 179 -19.44 34.40 -63.18
C TRP A 179 -20.91 34.74 -63.30
N LYS A 180 -21.69 33.87 -63.94
CA LYS A 180 -23.14 34.00 -63.90
C LYS A 180 -23.60 33.53 -62.53
N GLY A 181 -24.62 34.16 -61.96
CA GLY A 181 -25.14 33.72 -60.68
C GLY A 181 -25.78 32.35 -60.81
N LEU A 182 -25.63 31.51 -59.80
CA LEU A 182 -26.33 30.23 -59.77
C LEU A 182 -27.82 30.46 -59.96
N PRO A 183 -28.47 29.58 -60.75
CA PRO A 183 -29.88 29.77 -61.12
C PRO A 183 -30.78 29.77 -59.90
N GLY A 184 -31.75 30.68 -59.88
CA GLY A 184 -32.66 30.82 -58.76
C GLY A 184 -34.08 30.97 -59.26
N LYS A 185 -34.99 31.41 -58.39
CA LYS A 185 -36.38 31.60 -58.75
C LYS A 185 -36.72 33.05 -59.10
N GLY A 186 -35.69 33.91 -59.06
CA GLY A 186 -35.87 35.32 -59.34
C GLY A 186 -34.77 36.15 -58.68
N GLY A 187 -34.84 37.46 -58.84
CA GLY A 187 -33.85 38.35 -58.26
C GLY A 187 -32.74 38.71 -59.22
N ASP A 188 -31.56 38.97 -58.67
CA ASP A 188 -30.42 39.44 -59.44
C ASP A 188 -29.66 38.28 -60.09
N PRO A 189 -29.63 38.24 -61.43
CA PRO A 189 -28.95 37.10 -62.06
C PRO A 189 -27.43 37.18 -61.94
N GLY A 190 -26.93 38.26 -61.35
CA GLY A 190 -25.50 38.38 -61.09
C GLY A 190 -25.19 37.86 -59.70
N LEU A 191 -26.24 37.58 -58.93
CA LEU A 191 -26.08 37.04 -57.57
C LEU A 191 -26.46 35.57 -57.53
N ASP A 192 -25.84 34.81 -56.64
CA ASP A 192 -26.18 33.38 -56.52
C ASP A 192 -27.62 33.16 -56.07
N TRP A 193 -28.35 32.34 -56.83
CA TRP A 193 -29.78 32.08 -56.62
C TRP A 193 -30.61 33.37 -56.65
N GLY A 194 -30.01 34.45 -57.12
CA GLY A 194 -30.71 35.72 -57.20
C GLY A 194 -30.41 36.68 -56.05
N HIS A 195 -29.75 36.21 -55.00
CA HIS A 195 -29.55 37.04 -53.79
C HIS A 195 -28.19 36.95 -53.09
N ALA A 196 -27.57 35.77 -53.10
CA ALA A 196 -26.32 35.56 -52.36
C ALA A 196 -25.06 36.09 -53.05
N PRO A 197 -24.19 36.78 -52.29
CA PRO A 197 -22.85 37.17 -52.76
C PRO A 197 -22.07 35.97 -53.29
N LYS A 198 -21.39 36.14 -54.42
CA LYS A 198 -20.67 35.03 -55.03
C LYS A 198 -19.40 34.69 -54.25
N VAL A 199 -18.79 35.70 -53.66
CA VAL A 199 -17.58 35.49 -52.88
C VAL A 199 -17.91 35.37 -51.40
N ASN A 200 -17.51 34.24 -50.80
CA ASN A 200 -17.84 33.92 -49.41
C ASN A 200 -16.62 33.21 -48.84
N ILE A 201 -16.05 33.74 -47.76
CA ILE A 201 -14.87 33.12 -47.14
C ILE A 201 -15.10 32.91 -45.65
N ALA A 202 -14.44 31.90 -45.07
CA ALA A 202 -14.52 31.67 -43.63
C ALA A 202 -13.14 31.78 -43.03
N VAL A 203 -13.05 32.39 -41.86
CA VAL A 203 -11.78 32.65 -41.19
C VAL A 203 -11.80 32.07 -39.78
N LYS A 204 -10.71 31.41 -39.37
CA LYS A 204 -10.55 30.92 -37.99
C LYS A 204 -9.94 32.03 -37.15
N PRO A 205 -10.73 32.59 -36.20
CA PRO A 205 -10.29 33.78 -35.48
C PRO A 205 -8.99 33.60 -34.70
N THR A 206 -8.79 32.46 -34.05
CA THR A 206 -7.57 32.27 -33.25
C THR A 206 -6.34 32.16 -34.13
N ALA A 207 -6.54 31.90 -35.42
CA ALA A 207 -5.40 31.87 -36.33
C ALA A 207 -4.87 33.30 -36.55
N LEU A 208 -5.62 34.29 -36.09
CA LEU A 208 -5.21 35.69 -36.26
C LEU A 208 -4.43 36.23 -35.05
N PHE A 209 -4.24 35.42 -34.01
CA PHE A 209 -3.53 35.87 -32.82
C PHE A 209 -2.99 34.69 -32.02
N CYS A 210 -1.67 34.56 -31.97
CA CYS A 210 -1.03 33.38 -31.41
C CYS A 210 -1.22 33.27 -29.90
N LEU A 211 -1.51 34.38 -29.22
CA LEU A 211 -1.72 34.36 -27.76
C LEU A 211 -3.20 34.49 -27.34
N ALA A 212 -4.12 34.13 -28.22
CA ALA A 212 -5.54 34.26 -27.90
C ALA A 212 -5.88 33.46 -26.64
N ASN A 213 -6.42 34.14 -25.63
CA ASN A 213 -6.57 33.57 -24.28
C ASN A 213 -7.53 34.47 -23.51
N PRO A 214 -8.66 33.91 -23.03
CA PRO A 214 -9.63 34.71 -22.28
C PRO A 214 -9.04 35.27 -20.98
N GLN A 215 -7.91 34.74 -20.52
CA GLN A 215 -7.20 35.34 -19.40
C GLN A 215 -6.83 36.81 -19.70
N ASP A 216 -6.46 37.07 -20.95
CA ASP A 216 -6.35 38.46 -21.43
C ASP A 216 -7.47 38.70 -22.45
N PHE A 217 -8.69 38.81 -21.95
CA PHE A 217 -9.87 38.88 -22.82
C PHE A 217 -9.83 40.06 -23.79
N GLU A 218 -9.65 41.27 -23.27
CA GLU A 218 -9.68 42.45 -24.10
C GLU A 218 -8.56 42.48 -25.14
N GLY A 219 -7.37 42.05 -24.72
CA GLY A 219 -6.22 42.01 -25.61
C GLY A 219 -6.43 41.03 -26.74
N SER A 220 -7.09 39.92 -26.44
CA SER A 220 -7.33 38.91 -27.46
C SER A 220 -8.37 39.37 -28.48
N VAL A 221 -9.46 39.95 -27.97
CA VAL A 221 -10.50 40.49 -28.84
C VAL A 221 -9.90 41.51 -29.81
N VAL A 222 -9.14 42.47 -29.27
CA VAL A 222 -8.60 43.56 -30.08
C VAL A 222 -7.62 43.10 -31.16
N ALA A 223 -6.72 42.19 -30.78
CA ALA A 223 -5.70 41.70 -31.70
C ALA A 223 -6.33 40.91 -32.84
N ILE A 224 -7.30 40.06 -32.50
CA ILE A 224 -8.04 39.31 -33.51
C ILE A 224 -8.88 40.27 -34.35
N LEU A 225 -9.61 41.17 -33.68
CA LEU A 225 -10.46 42.15 -34.37
C LEU A 225 -9.68 42.99 -35.38
N ASP A 226 -8.49 43.44 -35.03
CA ASP A 226 -7.72 44.26 -35.95
C ASP A 226 -7.38 43.54 -37.26
N ARG A 227 -7.02 42.26 -37.18
CA ARG A 227 -6.75 41.49 -38.40
C ARG A 227 -8.04 41.13 -39.12
N MET A 228 -9.08 40.75 -38.39
CA MET A 228 -10.37 40.46 -39.01
C MET A 228 -10.95 41.67 -39.74
N ARG A 229 -10.74 42.86 -39.19
CA ARG A 229 -11.22 44.09 -39.82
C ARG A 229 -10.52 44.30 -41.16
N ARG A 230 -9.22 44.04 -41.19
CA ARG A 230 -8.46 44.19 -42.42
C ARG A 230 -8.99 43.25 -43.52
N ILE A 231 -9.26 42.00 -43.15
CA ILE A 231 -9.85 41.05 -44.09
C ILE A 231 -11.26 41.48 -44.49
N PHE A 232 -12.04 41.98 -43.54
CA PHE A 232 -13.43 42.33 -43.79
C PHE A 232 -13.54 43.50 -44.76
N LYS A 233 -12.66 44.50 -44.61
CA LYS A 233 -12.68 45.64 -45.52
C LYS A 233 -12.51 45.18 -46.97
N LYS A 234 -11.59 44.25 -47.20
CA LYS A 234 -11.34 43.73 -48.54
C LYS A 234 -12.55 42.94 -49.04
N VAL A 235 -13.15 42.16 -48.16
CA VAL A 235 -14.39 41.44 -48.46
C VAL A 235 -15.48 42.39 -48.91
N MET A 236 -15.71 43.46 -48.14
CA MET A 236 -16.75 44.43 -48.47
C MET A 236 -16.47 45.12 -49.80
N GLU A 237 -15.20 45.36 -50.10
CA GLU A 237 -14.81 45.99 -51.36
C GLU A 237 -15.31 45.21 -52.57
N LEU A 238 -15.44 43.89 -52.45
CA LEU A 238 -15.94 43.09 -53.57
C LEU A 238 -17.36 42.58 -53.31
N ASN A 239 -18.04 43.22 -52.36
CA ASN A 239 -19.37 42.82 -51.91
C ASN A 239 -19.50 41.33 -51.61
N GLY A 240 -18.58 40.80 -50.80
CA GLY A 240 -18.55 39.38 -50.51
C GLY A 240 -19.12 39.07 -49.15
N PHE A 241 -18.99 37.82 -48.70
CA PHE A 241 -19.51 37.42 -47.39
C PHE A 241 -18.34 36.93 -46.56
N LEU A 242 -18.28 37.36 -45.30
CA LEU A 242 -17.27 36.88 -44.36
C LEU A 242 -17.94 36.09 -43.26
N CYS A 243 -17.57 34.83 -43.11
CA CYS A 243 -18.08 34.05 -41.98
C CYS A 243 -17.00 33.93 -40.93
N ILE A 244 -17.34 34.25 -39.69
CA ILE A 244 -16.39 34.09 -38.61
C ILE A 244 -16.62 32.69 -37.99
N ASP A 245 -15.68 31.78 -38.21
CA ASP A 245 -15.84 30.40 -37.71
C ASP A 245 -15.73 30.35 -36.19
N MET A 246 -16.25 29.26 -35.60
CA MET A 246 -16.22 29.11 -34.15
C MET A 246 -15.28 27.95 -33.80
N GLU A 247 -14.41 28.18 -32.82
CA GLU A 247 -13.44 27.16 -32.48
C GLU A 247 -13.73 26.56 -31.11
N SER A 248 -12.71 26.24 -30.33
CA SER A 248 -12.91 25.55 -29.05
C SER A 248 -13.55 26.45 -27.99
N TYR A 249 -14.12 25.85 -26.97
CA TYR A 249 -14.96 26.59 -26.00
C TYR A 249 -14.14 27.67 -25.29
N ARG A 250 -12.85 27.39 -25.11
CA ARG A 250 -11.90 28.36 -24.54
C ARG A 250 -12.01 29.76 -25.16
N HIS A 251 -12.28 29.83 -26.47
CA HIS A 251 -12.31 31.11 -27.17
C HIS A 251 -13.70 31.53 -27.65
N LYS A 252 -14.74 30.80 -27.24
CA LYS A 252 -16.10 31.12 -27.73
C LYS A 252 -16.53 32.56 -27.41
N GLU A 253 -16.31 32.99 -26.17
CA GLU A 253 -16.77 34.33 -25.77
C GLU A 253 -15.96 35.41 -26.48
N ILE A 254 -14.66 35.17 -26.65
CA ILE A 254 -13.81 36.09 -27.39
C ILE A 254 -14.34 36.28 -28.81
N ILE A 255 -14.64 35.16 -29.48
CA ILE A 255 -15.09 35.20 -30.86
C ILE A 255 -16.44 35.87 -31.00
N LEU A 256 -17.36 35.60 -30.07
CA LEU A 256 -18.64 36.28 -30.10
C LEU A 256 -18.44 37.79 -30.04
N GLU A 257 -17.52 38.24 -29.20
CA GLU A 257 -17.31 39.67 -28.99
C GLU A 257 -16.62 40.33 -30.19
N VAL A 258 -15.72 39.60 -30.84
CA VAL A 258 -15.13 40.04 -32.10
C VAL A 258 -16.24 40.25 -33.14
N PHE A 259 -17.16 39.30 -33.25
CA PHE A 259 -18.25 39.41 -34.22
C PHE A 259 -19.15 40.60 -33.92
N ARG A 260 -19.49 40.77 -32.64
CA ARG A 260 -20.33 41.89 -32.24
C ARG A 260 -19.68 43.24 -32.53
N ARG A 261 -18.39 43.40 -32.24
CA ARG A 261 -17.73 44.69 -32.48
C ARG A 261 -17.63 45.02 -33.98
N LEU A 262 -17.22 44.04 -34.76
CA LEU A 262 -17.06 44.23 -36.20
C LEU A 262 -18.41 44.53 -36.85
N LYS A 263 -19.46 43.88 -36.36
CA LYS A 263 -20.80 44.08 -36.92
C LYS A 263 -21.27 45.51 -36.72
N LEU A 264 -20.99 46.05 -35.54
CA LEU A 264 -21.42 47.40 -35.20
C LEU A 264 -20.56 48.46 -35.89
N GLU A 265 -19.29 48.12 -36.16
CA GLU A 265 -18.43 49.00 -36.94
C GLU A 265 -18.94 49.18 -38.36
N TYR A 266 -19.64 48.16 -38.86
CA TYR A 266 -20.23 48.24 -40.21
C TYR A 266 -21.69 47.78 -40.15
N ARG A 267 -22.48 48.54 -39.39
CA ARG A 267 -23.85 48.17 -39.06
C ARG A 267 -24.78 48.00 -40.25
N ASP A 268 -24.40 48.58 -41.39
CA ASP A 268 -25.26 48.54 -42.58
C ASP A 268 -24.84 47.46 -43.57
N TYR A 269 -23.74 46.77 -43.30
CA TYR A 269 -23.27 45.72 -44.20
C TYR A 269 -23.79 44.35 -43.74
N PRO A 270 -24.63 43.72 -44.56
CA PRO A 270 -25.39 42.52 -44.19
C PRO A 270 -24.68 41.19 -44.33
N HIS A 271 -23.48 41.15 -44.92
CA HIS A 271 -22.85 39.88 -45.26
C HIS A 271 -21.72 39.46 -44.33
N LEU A 272 -22.07 39.38 -43.04
CA LEU A 272 -21.15 38.94 -42.01
C LEU A 272 -21.86 37.88 -41.19
N GLY A 273 -21.22 36.73 -41.02
CA GLY A 273 -21.82 35.63 -40.29
C GLY A 273 -20.97 35.13 -39.13
N ILE A 274 -21.62 34.43 -38.22
CA ILE A 274 -20.94 33.81 -37.09
C ILE A 274 -21.37 32.35 -37.07
N VAL A 275 -20.49 31.47 -36.61
CA VAL A 275 -20.84 30.07 -36.42
C VAL A 275 -21.28 29.88 -34.96
N LEU A 276 -22.41 29.20 -34.76
CA LEU A 276 -22.79 28.78 -33.41
C LEU A 276 -22.84 27.25 -33.37
N GLN A 277 -22.43 26.66 -32.25
CA GLN A 277 -22.36 25.20 -32.12
C GLN A 277 -23.48 24.62 -31.25
N ALA A 278 -24.36 23.84 -31.86
CA ALA A 278 -25.49 23.25 -31.15
C ALA A 278 -25.08 22.22 -30.10
N TYR A 279 -23.85 21.72 -30.14
CA TYR A 279 -23.44 20.79 -29.09
C TYR A 279 -23.16 21.47 -27.74
N LEU A 280 -23.09 22.80 -27.73
CA LEU A 280 -22.84 23.52 -26.47
C LEU A 280 -24.13 23.74 -25.67
N LYS A 281 -24.09 23.38 -24.39
CA LYS A 281 -25.21 23.65 -23.51
C LYS A 281 -25.49 25.14 -23.46
N ASP A 282 -24.43 25.95 -23.59
CA ASP A 282 -24.52 27.41 -23.62
C ASP A 282 -25.32 27.94 -24.84
N ASN A 283 -25.47 27.14 -25.88
CA ASN A 283 -25.93 27.69 -27.17
C ASN A 283 -27.37 28.20 -27.20
N ASP A 284 -28.25 27.59 -26.41
CA ASP A 284 -29.64 28.05 -26.38
C ASP A 284 -29.66 29.50 -25.94
N LYS A 285 -28.90 29.80 -24.89
CA LYS A 285 -28.79 31.15 -24.37
C LYS A 285 -27.94 32.08 -25.26
N ASP A 286 -26.86 31.55 -25.84
CA ASP A 286 -26.00 32.36 -26.70
C ASP A 286 -26.78 32.81 -27.93
N LEU A 287 -27.58 31.92 -28.49
CA LEU A 287 -28.42 32.27 -29.65
C LEU A 287 -29.51 33.26 -29.27
N ASP A 288 -30.18 33.02 -28.15
CA ASP A 288 -31.18 33.98 -27.65
C ASP A 288 -30.55 35.35 -27.45
N ASP A 289 -29.40 35.39 -26.76
CA ASP A 289 -28.68 36.64 -26.51
C ASP A 289 -28.29 37.34 -27.81
N LEU A 290 -27.78 36.58 -28.77
CA LEU A 290 -27.29 37.20 -30.00
C LEU A 290 -28.45 37.80 -30.77
N LEU A 291 -29.56 37.07 -30.83
CA LEU A 291 -30.77 37.58 -31.50
C LEU A 291 -31.33 38.84 -30.82
N ALA A 292 -31.38 38.83 -29.48
CA ALA A 292 -31.85 39.98 -28.73
C ALA A 292 -30.89 41.17 -28.95
N TRP A 293 -29.59 40.87 -28.99
CA TRP A 293 -28.57 41.89 -29.23
C TRP A 293 -28.75 42.55 -30.58
N ALA A 294 -29.07 41.75 -31.60
CA ALA A 294 -29.24 42.29 -32.94
C ALA A 294 -30.48 43.17 -33.04
N LYS A 295 -31.57 42.79 -32.35
CA LYS A 295 -32.77 43.62 -32.35
C LYS A 295 -32.53 44.92 -31.63
N GLU A 296 -31.88 44.84 -30.47
CA GLU A 296 -31.52 46.02 -29.70
C GLU A 296 -30.75 47.02 -30.56
N HIS A 297 -29.74 46.54 -31.28
CA HIS A 297 -28.90 47.41 -32.10
C HIS A 297 -29.44 47.61 -33.51
N LYS A 298 -30.60 47.03 -33.79
CA LYS A 298 -31.25 47.21 -35.08
C LYS A 298 -30.33 46.84 -36.23
N VAL A 299 -29.57 45.76 -36.06
CA VAL A 299 -28.77 45.25 -37.17
C VAL A 299 -29.28 43.88 -37.60
N GLN A 300 -28.81 43.40 -38.75
CA GLN A 300 -29.13 42.03 -39.14
C GLN A 300 -27.88 41.18 -39.00
N ILE A 301 -28.08 39.88 -38.86
CA ILE A 301 -26.96 38.95 -38.72
C ILE A 301 -27.14 37.72 -39.62
N SER A 302 -26.10 36.89 -39.66
CA SER A 302 -26.20 35.58 -40.29
C SER A 302 -25.55 34.58 -39.34
N VAL A 303 -26.18 33.43 -39.18
CA VAL A 303 -25.63 32.38 -38.33
C VAL A 303 -25.46 31.11 -39.15
N ARG A 304 -24.26 30.53 -39.12
CA ARG A 304 -24.09 29.16 -39.60
C ARG A 304 -24.15 28.27 -38.38
N LEU A 305 -25.24 27.53 -38.25
CA LEU A 305 -25.37 26.60 -37.12
C LEU A 305 -24.73 25.26 -37.49
N VAL A 306 -23.81 24.82 -36.65
CA VAL A 306 -23.19 23.52 -36.82
C VAL A 306 -23.43 22.77 -35.53
N LYS A 307 -23.11 21.48 -35.51
CA LYS A 307 -23.23 20.74 -34.27
C LYS A 307 -22.01 20.98 -33.37
N GLY A 308 -20.80 20.84 -33.93
CA GLY A 308 -19.58 21.16 -33.20
C GLY A 308 -18.43 20.21 -33.55
N ALA A 309 -17.23 20.75 -33.72
CA ALA A 309 -16.11 19.96 -34.23
C ALA A 309 -15.16 19.40 -33.17
N TYR A 310 -15.33 19.81 -31.92
CA TYR A 310 -14.33 19.51 -30.88
C TYR A 310 -14.90 18.69 -29.71
N TRP A 311 -15.83 17.80 -29.98
CA TRP A 311 -16.58 17.11 -28.92
C TRP A 311 -15.70 16.37 -27.92
N ASP A 312 -14.87 15.46 -28.42
CA ASP A 312 -14.00 14.68 -27.55
C ASP A 312 -13.03 15.59 -26.79
N TYR A 313 -12.51 16.61 -27.48
CA TYR A 313 -11.60 17.55 -26.85
C TYR A 313 -12.23 18.33 -25.69
N GLU A 314 -13.45 18.83 -25.88
CA GLU A 314 -14.07 19.63 -24.82
C GLU A 314 -14.40 18.79 -23.60
N THR A 315 -14.81 17.56 -23.84
CA THR A 315 -15.15 16.64 -22.76
C THR A 315 -13.90 16.32 -21.92
N VAL A 316 -12.82 15.95 -22.61
CA VAL A 316 -11.56 15.65 -21.97
C VAL A 316 -11.01 16.86 -21.22
N LYS A 317 -10.97 18.00 -21.88
CA LYS A 317 -10.43 19.21 -21.26
C LYS A 317 -11.20 19.57 -19.99
N ALA A 318 -12.53 19.48 -20.04
CA ALA A 318 -13.35 19.80 -18.87
C ALA A 318 -13.07 18.86 -17.70
N LYS A 319 -13.02 17.55 -17.98
CA LYS A 319 -12.73 16.55 -16.95
C LYS A 319 -11.35 16.74 -16.33
N GLN A 320 -10.38 17.15 -17.16
CA GLN A 320 -9.01 17.36 -16.69
C GLN A 320 -8.87 18.55 -15.75
N ASN A 321 -9.80 19.50 -15.83
CA ASN A 321 -9.71 20.72 -15.03
C ASN A 321 -10.85 20.83 -14.06
N ASP A 322 -11.61 19.74 -13.96
CA ASP A 322 -12.74 19.67 -13.05
C ASP A 322 -13.75 20.80 -13.29
N TRP A 323 -13.94 21.11 -14.57
CA TRP A 323 -14.96 22.06 -15.03
C TRP A 323 -16.21 21.30 -15.47
N GLU A 324 -17.36 21.96 -15.43
CA GLU A 324 -18.56 21.38 -16.04
C GLU A 324 -18.30 21.12 -17.52
N VAL A 325 -18.64 19.93 -17.99
CA VAL A 325 -18.46 19.61 -19.41
C VAL A 325 -19.38 20.53 -20.22
N PRO A 326 -18.79 21.30 -21.16
CA PRO A 326 -19.64 22.31 -21.83
C PRO A 326 -20.54 21.77 -22.94
N VAL A 327 -20.30 20.53 -23.36
CA VAL A 327 -21.10 19.93 -24.43
C VAL A 327 -22.10 18.93 -23.86
N TRP A 328 -23.19 18.72 -24.59
CA TRP A 328 -24.08 17.58 -24.38
C TRP A 328 -23.25 16.31 -24.55
N THR A 329 -23.58 15.24 -23.83
CA THR A 329 -22.78 14.01 -23.96
C THR A 329 -23.55 12.83 -24.53
N ILE A 330 -24.82 13.04 -24.83
CA ILE A 330 -25.59 12.07 -25.60
C ILE A 330 -25.75 12.68 -26.99
N LYS A 331 -25.30 11.96 -28.02
CA LYS A 331 -25.27 12.52 -29.38
C LYS A 331 -26.63 13.06 -29.83
N ALA A 332 -27.71 12.36 -29.50
CA ALA A 332 -29.05 12.79 -29.85
C ALA A 332 -29.41 14.15 -29.23
N GLU A 333 -28.75 14.50 -28.13
CA GLU A 333 -29.00 15.80 -27.49
C GLU A 333 -28.52 16.96 -28.37
N SER A 334 -27.42 16.73 -29.09
CA SER A 334 -26.91 17.72 -30.03
C SER A 334 -27.82 17.83 -31.27
N ASP A 335 -28.29 16.69 -31.78
CA ASP A 335 -29.26 16.69 -32.87
C ASP A 335 -30.54 17.43 -32.46
N ALA A 336 -31.00 17.17 -31.24
CA ALA A 336 -32.23 17.81 -30.76
C ALA A 336 -32.00 19.30 -30.59
N ALA A 337 -30.85 19.66 -30.03
CA ALA A 337 -30.49 21.06 -29.90
C ALA A 337 -30.44 21.74 -31.27
N TYR A 338 -29.86 21.06 -32.25
CA TYR A 338 -29.76 21.62 -33.59
C TYR A 338 -31.14 21.94 -34.16
N GLU A 339 -32.06 20.99 -34.08
CA GLU A 339 -33.39 21.21 -34.64
C GLU A 339 -34.13 22.31 -33.87
N ARG A 340 -33.91 22.34 -32.56
CA ARG A 340 -34.51 23.34 -31.69
C ARG A 340 -33.99 24.73 -32.03
N GLN A 341 -32.67 24.83 -32.19
CA GLN A 341 -32.05 26.12 -32.47
C GLN A 341 -32.24 26.59 -33.93
N ALA A 342 -32.25 25.66 -34.87
CA ALA A 342 -32.56 26.01 -36.25
C ALA A 342 -33.98 26.60 -36.33
N ARG A 343 -34.92 26.01 -35.58
CA ARG A 343 -36.28 26.55 -35.57
C ARG A 343 -36.28 27.99 -35.04
N LYS A 344 -35.52 28.25 -33.97
CA LYS A 344 -35.44 29.59 -33.39
C LYS A 344 -34.89 30.61 -34.40
N ILE A 345 -33.84 30.23 -35.12
CA ILE A 345 -33.27 31.11 -36.12
C ILE A 345 -34.30 31.38 -37.22
N LEU A 346 -34.97 30.33 -37.68
CA LEU A 346 -35.94 30.45 -38.76
C LEU A 346 -37.16 31.30 -38.38
N GLU A 347 -37.58 31.20 -37.12
CA GLU A 347 -38.66 32.05 -36.61
C GLU A 347 -38.19 33.50 -36.73
N ASN A 348 -36.89 33.69 -36.57
CA ASN A 348 -36.28 35.02 -36.62
C ASN A 348 -35.66 35.36 -37.96
N HIS A 349 -36.25 34.88 -39.05
CA HIS A 349 -35.64 35.01 -40.36
C HIS A 349 -35.60 36.45 -40.87
N GLN A 350 -36.47 37.31 -40.34
CA GLN A 350 -36.45 38.71 -40.73
C GLN A 350 -35.13 39.38 -40.35
N ILE A 351 -34.56 38.97 -39.23
CA ILE A 351 -33.33 39.59 -38.74
C ILE A 351 -32.10 38.68 -38.89
N CYS A 352 -32.34 37.39 -39.05
CA CYS A 352 -31.21 36.44 -39.02
C CYS A 352 -31.20 35.50 -40.21
N HIS A 353 -30.19 35.64 -41.06
CA HIS A 353 -29.99 34.72 -42.18
C HIS A 353 -29.46 33.41 -41.63
N PHE A 354 -29.86 32.30 -42.26
CA PHE A 354 -29.51 30.97 -41.75
C PHE A 354 -28.70 30.15 -42.75
N ALA A 355 -27.59 29.58 -42.30
CA ALA A 355 -26.91 28.55 -43.08
C ALA A 355 -26.97 27.24 -42.30
N CYS A 356 -27.76 26.31 -42.79
CA CYS A 356 -27.77 24.96 -42.23
C CYS A 356 -26.49 24.24 -42.62
N ALA A 357 -25.71 23.82 -41.64
CA ALA A 357 -24.45 23.14 -41.95
C ALA A 357 -24.39 21.77 -41.28
N SER A 358 -24.90 20.77 -41.99
CA SER A 358 -24.94 19.41 -41.47
C SER A 358 -24.95 18.42 -42.63
N HIS A 359 -24.41 17.23 -42.41
CA HIS A 359 -24.45 16.17 -43.42
C HIS A 359 -25.54 15.17 -43.06
N ASN A 360 -26.17 15.41 -41.92
CA ASN A 360 -27.24 14.56 -41.43
C ASN A 360 -28.55 14.80 -42.16
N ILE A 361 -29.05 13.76 -42.83
CA ILE A 361 -30.28 13.84 -43.62
C ILE A 361 -31.55 14.14 -42.81
N ARG A 362 -31.64 13.59 -41.60
CA ARG A 362 -32.72 13.94 -40.67
C ARG A 362 -32.69 15.44 -40.37
N THR A 363 -31.50 15.92 -40.01
CA THR A 363 -31.28 17.32 -39.66
C THR A 363 -31.64 18.24 -40.84
N ILE A 364 -31.12 17.91 -42.02
CA ILE A 364 -31.45 18.68 -43.21
C ILE A 364 -32.94 18.67 -43.51
N SER A 365 -33.58 17.50 -43.46
CA SER A 365 -35.00 17.39 -43.76
C SER A 365 -35.85 18.15 -42.74
N ALA A 366 -35.39 18.17 -41.48
CA ALA A 366 -36.07 18.93 -40.44
C ALA A 366 -36.03 20.42 -40.75
N VAL A 367 -34.84 20.95 -41.05
CA VAL A 367 -34.70 22.35 -41.45
C VAL A 367 -35.61 22.68 -42.65
N MET A 368 -35.62 21.81 -43.66
CA MET A 368 -36.46 22.02 -44.84
C MET A 368 -37.95 22.07 -44.52
N GLU A 369 -38.41 21.20 -43.62
CA GLU A 369 -39.84 21.17 -43.35
C GLU A 369 -40.25 22.28 -42.37
N MET A 370 -39.33 22.65 -41.48
CA MET A 370 -39.59 23.78 -40.58
C MET A 370 -39.64 25.09 -41.35
N ALA A 371 -38.72 25.27 -42.30
CA ALA A 371 -38.71 26.47 -43.14
C ALA A 371 -40.03 26.61 -43.91
N ARG A 372 -40.55 25.48 -44.40
CA ARG A 372 -41.83 25.45 -45.10
C ARG A 372 -42.96 25.75 -44.13
N GLU A 373 -42.92 25.14 -42.94
CA GLU A 373 -43.95 25.35 -41.94
C GLU A 373 -44.04 26.82 -41.55
N LEU A 374 -42.89 27.46 -41.39
CA LEU A 374 -42.83 28.84 -40.94
C LEU A 374 -42.87 29.82 -42.11
N ASN A 375 -43.11 29.31 -43.31
CA ASN A 375 -43.13 30.12 -44.52
C ASN A 375 -41.92 31.04 -44.68
N VAL A 376 -40.72 30.51 -44.43
CA VAL A 376 -39.51 31.31 -44.55
C VAL A 376 -39.14 31.46 -46.04
N PRO A 377 -38.85 32.70 -46.48
CA PRO A 377 -38.41 32.94 -47.87
C PRO A 377 -37.01 32.32 -48.13
N GLU A 378 -36.79 31.81 -49.33
CA GLU A 378 -35.58 31.05 -49.61
C GLU A 378 -34.31 31.87 -49.49
N ASP A 379 -34.40 33.18 -49.70
CA ASP A 379 -33.21 34.03 -49.58
C ASP A 379 -32.75 34.18 -48.14
N ARG A 380 -33.50 33.59 -47.20
CA ARG A 380 -33.16 33.65 -45.78
C ARG A 380 -32.51 32.37 -45.25
N TYR A 381 -32.38 31.34 -46.09
CA TYR A 381 -31.66 30.13 -45.66
C TYR A 381 -31.01 29.35 -46.81
N GLU A 382 -29.83 28.79 -46.54
CA GLU A 382 -29.14 27.96 -47.50
C GLU A 382 -28.58 26.73 -46.78
N PHE A 383 -28.01 25.81 -47.54
CA PHE A 383 -27.47 24.58 -46.96
C PHE A 383 -25.98 24.47 -47.27
N GLN A 384 -25.20 24.05 -46.29
CA GLN A 384 -23.76 23.93 -46.46
C GLN A 384 -23.28 22.54 -46.07
N VAL A 385 -22.33 22.01 -46.83
CA VAL A 385 -21.66 20.77 -46.45
C VAL A 385 -20.17 20.94 -46.70
N LEU A 386 -19.36 20.07 -46.10
CA LEU A 386 -17.92 20.14 -46.30
C LEU A 386 -17.58 19.48 -47.63
N TYR A 387 -16.62 20.06 -48.34
CA TYR A 387 -16.13 19.52 -49.59
C TYR A 387 -15.54 18.12 -49.39
N GLY A 388 -15.91 17.19 -50.20
CA GLY A 388 -15.38 15.87 -50.19
C GLY A 388 -16.24 14.90 -49.43
N MET A 389 -17.30 15.40 -48.85
CA MET A 389 -18.05 14.60 -47.91
C MET A 389 -19.49 14.57 -48.32
N ALA A 390 -20.20 13.54 -47.87
CA ALA A 390 -21.61 13.46 -48.15
C ALA A 390 -21.90 13.99 -49.53
N GLU A 391 -21.40 13.26 -50.52
CA GLU A 391 -21.65 13.51 -51.95
C GLU A 391 -23.12 13.25 -52.35
N PRO A 392 -23.66 12.06 -51.99
CA PRO A 392 -25.06 11.84 -52.36
C PRO A 392 -26.01 12.79 -51.61
N VAL A 393 -25.61 13.25 -50.43
CA VAL A 393 -26.36 14.28 -49.73
C VAL A 393 -26.22 15.59 -50.51
N ARG A 394 -24.99 15.93 -50.89
CA ARG A 394 -24.74 17.10 -51.74
C ARG A 394 -25.32 16.93 -53.15
N LYS A 395 -25.39 15.68 -53.61
CA LYS A 395 -26.08 15.38 -54.87
C LYS A 395 -27.57 15.61 -54.65
N GLY A 396 -28.11 14.90 -53.66
CA GLY A 396 -29.52 14.98 -53.31
C GLY A 396 -29.98 16.33 -52.79
N ILE A 397 -29.17 16.97 -51.95
CA ILE A 397 -29.55 18.28 -51.42
C ILE A 397 -29.62 19.28 -52.57
N LEU A 398 -28.62 19.24 -53.46
CA LEU A 398 -28.64 20.09 -54.64
C LEU A 398 -29.94 19.91 -55.41
N LYS A 399 -30.35 18.65 -55.57
CA LYS A 399 -31.56 18.35 -56.34
C LYS A 399 -32.85 18.64 -55.57
N VAL A 400 -32.82 18.41 -54.25
CA VAL A 400 -34.00 18.62 -53.40
C VAL A 400 -34.07 20.03 -52.81
N ALA A 401 -32.96 20.49 -52.25
CA ALA A 401 -32.90 21.79 -51.56
C ALA A 401 -32.49 22.95 -52.48
N GLY A 402 -31.64 22.68 -53.46
CA GLY A 402 -31.34 23.65 -54.50
C GLY A 402 -30.27 24.68 -54.22
N ARG A 403 -30.10 25.06 -52.96
CA ARG A 403 -29.11 26.07 -52.61
C ARG A 403 -28.06 25.49 -51.66
N ILE A 404 -26.97 24.97 -52.27
CA ILE A 404 -25.92 24.25 -51.53
C ILE A 404 -24.57 24.96 -51.70
N ARG A 405 -23.89 25.19 -50.58
CA ARG A 405 -22.57 25.81 -50.60
C ARG A 405 -21.56 24.81 -50.02
N LEU A 406 -20.45 24.61 -50.74
CA LEU A 406 -19.41 23.71 -50.26
C LEU A 406 -18.39 24.48 -49.46
N TYR A 407 -18.14 24.06 -48.23
CA TYR A 407 -17.02 24.56 -47.44
C TYR A 407 -15.72 23.97 -48.01
N ALA A 408 -14.88 24.84 -48.57
CA ALA A 408 -13.77 24.38 -49.39
C ALA A 408 -12.42 24.88 -48.88
N PRO A 409 -11.69 24.04 -48.13
CA PRO A 409 -10.39 24.51 -47.67
C PRO A 409 -9.34 24.28 -48.75
N TYR A 410 -8.29 25.10 -48.75
CA TYR A 410 -7.19 24.90 -49.67
C TYR A 410 -5.91 25.31 -48.97
N GLY A 411 -4.77 24.85 -49.48
CA GLY A 411 -3.50 25.21 -48.90
C GLY A 411 -2.54 24.04 -48.77
N ASN A 412 -1.64 24.14 -47.79
CA ASN A 412 -0.53 23.22 -47.64
C ASN A 412 -0.93 21.82 -47.17
N MET A 413 -0.28 20.80 -47.74
CA MET A 413 -0.57 19.40 -47.38
C MET A 413 -0.38 19.09 -45.89
N VAL A 414 0.57 19.77 -45.24
CA VAL A 414 0.81 19.56 -43.82
C VAL A 414 -0.45 19.78 -42.96
N PRO A 415 -1.03 21.01 -42.98
CA PRO A 415 -2.30 21.10 -42.23
C PRO A 415 -3.44 20.36 -42.93
N GLY A 416 -3.29 20.05 -44.21
CA GLY A 416 -4.25 19.24 -44.91
C GLY A 416 -4.41 17.84 -44.30
N MET A 417 -3.30 17.29 -43.81
CA MET A 417 -3.29 15.97 -43.17
C MET A 417 -4.01 15.96 -41.82
N GLY A 418 -3.80 17.02 -41.04
CA GLY A 418 -4.50 17.17 -39.78
C GLY A 418 -6.00 17.33 -39.99
N TYR A 419 -6.37 18.01 -41.07
CA TYR A 419 -7.77 18.18 -41.43
C TYR A 419 -8.35 16.84 -41.84
N LEU A 420 -7.57 16.07 -42.60
CA LEU A 420 -7.98 14.72 -42.97
C LEU A 420 -8.27 13.84 -41.75
N VAL A 421 -7.38 13.87 -40.77
CA VAL A 421 -7.61 13.10 -39.55
C VAL A 421 -8.98 13.41 -38.94
N ARG A 422 -9.32 14.70 -38.85
CA ARG A 422 -10.62 15.09 -38.31
C ARG A 422 -11.78 14.56 -39.14
N ARG A 423 -11.63 14.56 -40.47
CA ARG A 423 -12.71 14.07 -41.32
C ARG A 423 -12.90 12.55 -41.17
N LEU A 424 -11.80 11.83 -41.04
CA LEU A 424 -11.83 10.38 -40.85
C LEU A 424 -12.48 10.07 -39.50
N LEU A 425 -12.14 10.87 -38.51
CA LEU A 425 -12.72 10.75 -37.17
C LEU A 425 -14.22 10.98 -37.21
N GLU A 426 -14.64 12.06 -37.88
CA GLU A 426 -16.06 12.36 -38.01
C GLU A 426 -16.80 11.24 -38.74
N ASN A 427 -16.27 10.81 -39.87
CA ASN A 427 -16.95 9.81 -40.72
C ASN A 427 -17.09 8.43 -40.10
N THR A 428 -16.14 8.04 -39.25
CA THR A 428 -16.10 6.69 -38.68
C THR A 428 -16.46 6.62 -37.20
N ALA A 429 -16.90 7.74 -36.64
CA ALA A 429 -17.37 7.75 -35.25
C ALA A 429 -18.59 6.82 -35.12
N ASN A 430 -18.68 6.11 -34.00
CA ASN A 430 -19.81 5.21 -33.73
C ASN A 430 -21.15 5.92 -33.91
N GLU A 431 -21.23 7.14 -33.41
CA GLU A 431 -22.47 7.92 -33.43
C GLU A 431 -22.65 8.76 -34.70
N SER A 432 -21.75 8.61 -35.67
CA SER A 432 -21.83 9.36 -36.93
C SER A 432 -23.06 8.95 -37.74
N PHE A 433 -23.85 9.93 -38.17
CA PHE A 433 -25.00 9.67 -39.02
C PHE A 433 -24.59 9.02 -40.33
N LEU A 434 -23.40 9.37 -40.81
CA LEU A 434 -22.91 8.81 -42.06
C LEU A 434 -22.58 7.33 -41.92
N ARG A 435 -21.78 7.00 -40.92
CA ARG A 435 -21.44 5.61 -40.62
C ARG A 435 -22.71 4.75 -40.43
N GLN A 436 -23.67 5.26 -39.66
CA GLN A 436 -24.93 4.54 -39.44
C GLN A 436 -25.72 4.36 -40.74
N SER A 437 -25.70 5.37 -41.59
CA SER A 437 -26.50 5.34 -42.82
C SER A 437 -26.03 4.30 -43.84
N PHE A 438 -24.72 4.09 -43.90
CA PHE A 438 -24.13 3.31 -44.98
C PHE A 438 -23.51 2.00 -44.47
N ALA A 439 -22.25 2.09 -44.03
CA ALA A 439 -21.50 0.96 -43.49
C ALA A 439 -22.31 0.02 -42.58
N GLU A 440 -23.32 0.57 -41.90
CA GLU A 440 -24.11 -0.20 -40.94
C GLU A 440 -25.34 -0.88 -41.55
N ASP A 441 -25.94 -0.27 -42.57
CA ASP A 441 -27.26 -0.66 -43.03
C ASP A 441 -28.27 -0.63 -41.87
N ALA A 442 -28.56 0.58 -41.39
CA ALA A 442 -29.52 0.77 -40.31
C ALA A 442 -30.91 0.96 -40.90
N GLN A 443 -31.93 0.77 -40.06
CA GLN A 443 -33.30 1.00 -40.50
C GLN A 443 -33.54 2.49 -40.64
N ILE A 444 -34.11 2.90 -41.78
CA ILE A 444 -34.36 4.32 -42.05
C ILE A 444 -35.27 4.92 -40.99
N GLU A 445 -36.20 4.12 -40.49
CA GLU A 445 -37.10 4.54 -39.41
C GLU A 445 -36.31 5.07 -38.21
N ARG A 446 -35.26 4.35 -37.80
CA ARG A 446 -34.42 4.76 -36.67
C ARG A 446 -33.58 6.00 -36.99
N LEU A 447 -33.11 6.12 -38.22
CA LEU A 447 -32.29 7.24 -38.65
C LEU A 447 -33.09 8.55 -38.74
N LEU A 448 -34.34 8.46 -39.17
CA LEU A 448 -35.18 9.65 -39.36
C LEU A 448 -36.06 9.93 -38.14
N GLU A 449 -35.78 9.21 -37.06
CA GLU A 449 -36.49 9.40 -35.80
C GLU A 449 -36.26 10.81 -35.26
N ASP A 450 -37.32 11.42 -34.71
CA ASP A 450 -37.18 12.70 -34.01
C ASP A 450 -36.13 12.49 -32.92
N PRO A 451 -35.02 13.25 -32.97
CA PRO A 451 -33.97 13.09 -31.97
C PRO A 451 -34.44 13.38 -30.54
N ALA A 452 -35.54 14.11 -30.38
CA ALA A 452 -36.10 14.33 -29.05
C ALA A 452 -36.60 13.03 -28.44
N VAL A 453 -37.14 12.15 -29.29
CA VAL A 453 -37.58 10.84 -28.84
C VAL A 453 -36.37 9.96 -28.51
N THR A 454 -35.33 10.06 -29.32
CA THR A 454 -34.08 9.34 -29.06
C THR A 454 -33.46 9.79 -27.74
N VAL A 455 -33.48 11.11 -27.51
CA VAL A 455 -32.97 11.69 -26.27
C VAL A 455 -33.62 11.06 -25.04
N GLU A 456 -34.94 11.03 -25.02
CA GLU A 456 -35.66 10.52 -23.87
C GLU A 456 -35.39 9.06 -23.58
N ARG A 457 -35.35 8.25 -24.64
CA ARG A 457 -35.03 6.83 -24.51
C ARG A 457 -33.62 6.64 -23.94
N GLU A 458 -32.65 7.34 -24.53
CA GLU A 458 -31.26 7.24 -24.10
C GLU A 458 -31.06 7.80 -22.69
N ARG A 459 -31.79 8.87 -22.37
CA ARG A 459 -31.72 9.44 -21.02
C ARG A 459 -32.27 8.46 -20.00
N ALA A 460 -33.34 7.77 -20.36
CA ALA A 460 -33.96 6.77 -19.50
C ALA A 460 -33.08 5.53 -19.32
N ALA A 461 -32.43 5.09 -20.40
CA ALA A 461 -31.52 3.96 -20.33
C ALA A 461 -30.40 4.27 -19.33
N ARG A 462 -29.81 5.46 -19.48
CA ARG A 462 -28.75 5.91 -18.57
C ARG A 462 -29.21 5.99 -17.11
N ALA A 463 -30.52 5.99 -16.89
CA ALA A 463 -31.07 5.97 -15.52
C ALA A 463 -30.93 4.60 -14.84
N ALA A 464 -29.92 3.84 -15.24
CA ALA A 464 -29.56 2.59 -14.59
C ALA A 464 -28.11 2.24 -14.88
N LYS A 471 -16.39 5.75 -6.26
CA LYS A 471 -17.14 5.91 -5.01
C LYS A 471 -16.23 6.28 -3.83
N GLY A 472 -16.81 6.95 -2.83
CA GLY A 472 -16.04 7.42 -1.68
C GLY A 472 -15.98 6.45 -0.52
N LEU A 473 -15.45 6.91 0.61
CA LEU A 473 -15.22 6.06 1.78
C LEU A 473 -15.39 6.80 3.10
N GLY A 474 -16.07 6.17 4.06
CA GLY A 474 -16.29 6.77 5.36
C GLY A 474 -17.30 7.89 5.34
N GLY A 475 -18.12 7.94 4.29
CA GLY A 475 -19.11 8.99 4.14
C GLY A 475 -18.57 10.22 3.43
N LEU A 476 -17.28 10.18 3.08
CA LEU A 476 -16.66 11.26 2.34
C LEU A 476 -16.71 10.99 0.85
N PRO A 477 -16.92 12.04 0.04
CA PRO A 477 -16.85 11.89 -1.42
C PRO A 477 -15.45 11.45 -1.83
N PRO A 478 -15.32 10.78 -2.99
CA PRO A 478 -13.97 10.43 -3.45
C PRO A 478 -13.16 11.71 -3.69
N PHE A 479 -11.83 11.62 -3.66
CA PHE A 479 -11.01 12.80 -3.92
C PHE A 479 -11.21 13.26 -5.37
N ASN A 480 -11.30 14.57 -5.56
CA ASN A 480 -11.21 15.18 -6.88
C ASN A 480 -10.43 16.45 -6.73
N ASN A 481 -9.56 16.75 -7.69
CA ASN A 481 -8.84 18.03 -7.70
C ASN A 481 -9.79 19.21 -7.80
N GLU A 482 -9.46 20.28 -7.10
CA GLU A 482 -10.28 21.49 -7.06
C GLU A 482 -10.33 22.09 -8.46
N ALA A 483 -11.48 22.60 -8.86
CA ALA A 483 -11.64 23.18 -10.21
C ALA A 483 -10.66 24.33 -10.46
N MET A 484 -10.01 24.32 -11.62
CA MET A 484 -9.09 25.39 -11.96
C MET A 484 -9.86 26.67 -12.28
N VAL A 485 -9.21 27.82 -12.14
CA VAL A 485 -9.84 29.08 -12.53
C VAL A 485 -10.23 28.98 -14.01
N ASP A 486 -11.39 29.55 -14.36
CA ASP A 486 -11.98 29.34 -15.68
C ASP A 486 -12.33 30.68 -16.30
N PHE A 487 -11.40 31.24 -17.06
CA PHE A 487 -11.58 32.58 -17.60
C PHE A 487 -12.53 32.69 -18.79
N THR A 488 -13.16 31.59 -19.18
CA THR A 488 -14.29 31.69 -20.12
C THR A 488 -15.43 32.44 -19.42
N ARG A 489 -15.41 32.43 -18.09
CA ARG A 489 -16.47 33.04 -17.29
C ARG A 489 -16.19 34.51 -17.00
N ALA A 490 -17.22 35.33 -17.14
CA ALA A 490 -17.10 36.77 -16.87
C ALA A 490 -16.78 37.03 -15.39
N ASP A 491 -17.39 36.24 -14.51
CA ASP A 491 -17.20 36.47 -13.09
C ASP A 491 -15.75 36.13 -12.66
N HIS A 492 -15.16 35.10 -13.26
CA HIS A 492 -13.77 34.80 -12.96
C HIS A 492 -12.83 35.87 -13.49
N ARG A 493 -13.11 36.40 -14.68
CA ARG A 493 -12.29 37.47 -15.22
C ARG A 493 -12.37 38.73 -14.37
N ALA A 494 -13.56 39.01 -13.83
CA ALA A 494 -13.75 40.21 -13.03
C ALA A 494 -13.18 40.07 -11.62
N ALA A 495 -13.08 38.83 -11.14
CA ALA A 495 -12.69 38.59 -9.75
C ALA A 495 -11.26 39.05 -9.42
N PHE A 496 -10.33 38.87 -10.34
CA PHE A 496 -8.94 39.21 -10.01
C PHE A 496 -8.68 40.70 -9.77
N PRO A 497 -9.03 41.58 -10.74
CA PRO A 497 -8.88 43.01 -10.47
C PRO A 497 -9.56 43.44 -9.16
N LYS A 498 -10.77 42.93 -8.91
CA LYS A 498 -11.49 43.28 -7.69
C LYS A 498 -10.75 42.82 -6.44
N HIS A 499 -10.28 41.58 -6.44
CA HIS A 499 -9.59 41.05 -5.26
C HIS A 499 -8.19 41.61 -5.08
N ILE A 500 -7.51 41.92 -6.17
CA ILE A 500 -6.22 42.61 -6.05
C ILE A 500 -6.44 43.97 -5.38
N ALA A 501 -7.50 44.67 -5.79
CA ALA A 501 -7.84 45.95 -5.15
C ALA A 501 -8.13 45.81 -3.66
N GLN A 502 -8.86 44.76 -3.29
CA GLN A 502 -9.25 44.53 -1.90
C GLN A 502 -8.03 44.21 -1.05
N VAL A 503 -7.08 43.46 -1.60
CA VAL A 503 -5.85 43.19 -0.89
C VAL A 503 -5.10 44.49 -0.65
N ARG A 504 -5.12 45.39 -1.63
CA ARG A 504 -4.43 46.67 -1.47
C ARG A 504 -5.02 47.58 -0.36
N THR A 505 -6.24 47.30 0.08
CA THR A 505 -6.80 48.05 1.21
C THR A 505 -6.28 47.49 2.53
N GLN A 506 -5.55 46.38 2.47
CA GLN A 506 -5.12 45.64 3.66
C GLN A 506 -3.61 45.65 3.88
N LEU A 507 -2.89 46.53 3.20
CA LEU A 507 -1.44 46.55 3.32
C LEU A 507 -0.95 47.32 4.55
N GLY A 508 0.31 47.13 4.91
CA GLY A 508 0.90 47.92 5.98
C GLY A 508 0.86 47.28 7.36
N LYS A 509 0.39 46.04 7.44
CA LYS A 509 0.29 45.37 8.73
C LYS A 509 1.64 44.80 9.17
N THR A 510 1.80 44.67 10.48
CA THR A 510 2.93 43.93 11.03
C THR A 510 2.46 42.51 11.38
N TYR A 511 3.20 41.52 10.86
CA TYR A 511 2.85 40.13 11.09
C TYR A 511 3.73 39.53 12.18
N PRO A 512 3.10 39.01 13.25
CA PRO A 512 3.84 38.48 14.40
C PRO A 512 4.14 37.00 14.25
N LEU A 513 4.94 36.46 15.16
CA LEU A 513 5.08 35.01 15.27
C LEU A 513 3.74 34.48 15.78
N PHE A 514 3.48 33.20 15.57
CA PHE A 514 2.31 32.58 16.17
C PHE A 514 2.74 31.32 16.90
N ILE A 515 2.80 31.40 18.22
CA ILE A 515 3.33 30.30 19.02
C ILE A 515 2.34 29.93 20.11
N ASN A 516 2.01 28.64 20.19
CA ASN A 516 1.09 28.13 21.22
C ASN A 516 -0.24 28.88 21.25
N GLY A 517 -0.74 29.25 20.07
CA GLY A 517 -2.03 29.91 19.95
C GLY A 517 -2.00 31.40 20.26
N LYS A 518 -0.80 31.95 20.45
CA LYS A 518 -0.67 33.36 20.76
C LYS A 518 0.21 34.09 19.76
N GLU A 519 -0.16 35.33 19.46
CA GLU A 519 0.68 36.20 18.66
C GLU A 519 1.85 36.70 19.50
N VAL A 520 3.06 36.57 18.97
CA VAL A 520 4.25 37.03 19.67
C VAL A 520 4.98 38.05 18.78
N ARG A 521 5.07 39.30 19.23
CA ARG A 521 5.75 40.32 18.44
C ARG A 521 7.22 40.36 18.81
N THR A 522 8.10 40.62 17.85
CA THR A 522 9.51 40.89 18.15
C THR A 522 9.95 42.21 17.55
N ASN A 523 11.12 42.70 17.98
CA ASN A 523 11.61 44.00 17.52
C ASN A 523 12.32 43.97 16.16
N ASP A 524 12.63 42.78 15.69
CA ASP A 524 13.30 42.64 14.40
C ASP A 524 12.29 42.45 13.26
N LEU A 525 12.08 43.51 12.48
CA LEU A 525 11.10 43.48 11.40
C LEU A 525 11.77 43.46 10.01
N ILE A 526 11.25 42.65 9.10
CA ILE A 526 11.70 42.66 7.70
C ILE A 526 10.51 42.95 6.77
N PRO A 527 10.62 43.99 5.93
CA PRO A 527 9.53 44.32 5.02
C PRO A 527 9.38 43.27 3.92
N THR A 528 8.15 43.03 3.49
CA THR A 528 7.90 42.22 2.30
C THR A 528 7.32 43.15 1.23
N VAL A 529 7.88 43.11 0.03
CA VAL A 529 7.46 44.04 -1.01
C VAL A 529 7.05 43.33 -2.28
N ASN A 530 6.37 44.08 -3.15
CA ASN A 530 5.92 43.61 -4.45
C ASN A 530 7.09 43.55 -5.43
N PRO A 531 7.45 42.36 -5.92
CA PRO A 531 8.64 42.27 -6.77
C PRO A 531 8.49 43.02 -8.08
N ASN A 532 7.26 43.16 -8.57
CA ASN A 532 7.04 43.94 -9.78
C ASN A 532 6.99 45.44 -9.50
N LYS A 533 6.99 45.81 -8.22
CA LYS A 533 6.94 47.22 -7.84
C LYS A 533 7.42 47.33 -6.39
N PRO A 534 8.74 47.28 -6.18
CA PRO A 534 9.31 47.15 -4.84
C PRO A 534 9.06 48.34 -3.92
N SER A 535 8.66 49.48 -4.48
CA SER A 535 8.27 50.60 -3.63
C SER A 535 6.94 50.30 -2.92
N GLU A 536 6.18 49.33 -3.42
CA GLU A 536 4.94 48.92 -2.76
C GLU A 536 5.21 47.89 -1.65
N VAL A 537 5.09 48.32 -0.41
CA VAL A 537 5.40 47.46 0.74
C VAL A 537 4.12 46.82 1.27
N LEU A 538 4.07 45.49 1.29
CA LEU A 538 2.84 44.79 1.69
C LEU A 538 2.70 44.64 3.21
N GLY A 539 3.83 44.60 3.92
CA GLY A 539 3.78 44.52 5.37
C GLY A 539 5.16 44.36 5.98
N GLN A 540 5.20 44.25 7.31
CA GLN A 540 6.46 44.01 8.02
C GLN A 540 6.33 42.68 8.74
N ILE A 541 7.39 41.87 8.72
CA ILE A 541 7.33 40.54 9.31
C ILE A 541 8.26 40.43 10.50
N CYS A 542 7.73 40.07 11.68
CA CYS A 542 8.55 39.84 12.87
C CYS A 542 9.45 38.64 12.66
N GLN A 543 10.70 38.75 13.09
CA GLN A 543 11.63 37.63 12.97
C GLN A 543 11.80 36.95 14.32
N ALA A 544 11.81 35.62 14.31
CA ALA A 544 12.03 34.87 15.54
C ALA A 544 13.53 34.68 15.80
N GLY A 545 13.97 34.99 17.01
CA GLY A 545 15.32 34.63 17.43
C GLY A 545 15.32 33.17 17.88
N THR A 546 16.48 32.66 18.27
CA THR A 546 16.55 31.28 18.75
C THR A 546 15.66 31.06 19.96
N THR A 547 15.50 32.09 20.79
CA THR A 547 14.64 31.98 21.96
C THR A 547 13.18 31.72 21.56
N GLU A 548 12.70 32.44 20.55
CA GLU A 548 11.32 32.23 20.11
C GLU A 548 11.18 30.90 19.39
N VAL A 549 12.18 30.54 18.59
CA VAL A 549 12.16 29.22 17.96
C VAL A 549 12.10 28.11 19.04
N GLY A 550 12.95 28.24 20.06
CA GLY A 550 12.95 27.29 21.16
C GLY A 550 11.59 27.21 21.85
N ASP A 551 10.94 28.36 22.03
CA ASP A 551 9.60 28.38 22.61
C ASP A 551 8.57 27.66 21.75
N ALA A 552 8.67 27.81 20.43
CA ALA A 552 7.72 27.16 19.51
C ALA A 552 7.92 25.65 19.52
N ILE A 553 9.18 25.22 19.50
CA ILE A 553 9.48 23.80 19.63
C ILE A 553 8.90 23.26 20.96
N ALA A 554 9.07 24.02 22.04
CA ALA A 554 8.55 23.60 23.34
C ALA A 554 7.04 23.49 23.30
N ALA A 555 6.38 24.44 22.62
CA ALA A 555 4.93 24.41 22.52
C ALA A 555 4.46 23.21 21.70
N ALA A 556 5.13 22.95 20.58
CA ALA A 556 4.81 21.79 19.75
C ALA A 556 4.97 20.49 20.55
N LYS A 557 6.10 20.38 21.25
CA LYS A 557 6.38 19.20 22.04
C LYS A 557 5.34 19.00 23.14
N ALA A 558 4.87 20.09 23.75
CA ALA A 558 3.88 19.95 24.83
C ALA A 558 2.51 19.55 24.28
N ALA A 559 2.18 19.99 23.07
CA ALA A 559 0.89 19.67 22.46
C ALA A 559 0.88 18.26 21.84
N PHE A 560 2.07 17.72 21.58
CA PHE A 560 2.20 16.46 20.86
C PHE A 560 1.47 15.24 21.45
N PRO A 561 1.61 14.99 22.78
CA PRO A 561 0.98 13.75 23.28
C PRO A 561 -0.54 13.69 23.08
N ALA A 562 -1.22 14.80 23.34
CA ALA A 562 -2.66 14.86 23.15
C ALA A 562 -3.01 14.82 21.66
N TRP A 563 -2.18 15.43 20.82
CA TRP A 563 -2.43 15.42 19.38
C TRP A 563 -2.20 14.02 18.80
N ARG A 564 -1.09 13.40 19.18
CA ARG A 564 -0.82 12.01 18.80
C ARG A 564 -1.98 11.09 19.19
N ASP A 565 -2.54 11.31 20.38
CA ASP A 565 -3.63 10.48 20.88
C ASP A 565 -4.99 10.84 20.29
N THR A 566 -5.03 11.85 19.44
CA THR A 566 -6.27 12.23 18.76
C THR A 566 -6.56 11.30 17.58
N ASP A 567 -7.80 10.82 17.50
CA ASP A 567 -8.22 9.90 16.44
C ASP A 567 -7.90 10.46 15.05
N PRO A 568 -7.28 9.64 14.19
CA PRO A 568 -6.91 10.01 12.82
C PRO A 568 -8.08 10.64 12.05
N ARG A 569 -9.28 10.12 12.25
CA ARG A 569 -10.47 10.68 11.59
C ARG A 569 -10.75 12.10 12.07
N THR A 570 -10.52 12.34 13.36
CA THR A 570 -10.68 13.68 13.93
C THR A 570 -9.59 14.64 13.42
N ARG A 571 -8.34 14.18 13.41
CA ARG A 571 -7.25 14.99 12.86
C ARG A 571 -7.53 15.34 11.40
N ALA A 572 -7.99 14.36 10.62
CA ALA A 572 -8.34 14.60 9.22
C ALA A 572 -9.46 15.64 9.08
N GLU A 573 -10.38 15.65 10.03
CA GLU A 573 -11.48 16.61 9.99
C GLU A 573 -10.98 18.06 10.02
N TYR A 574 -9.90 18.31 10.75
CA TYR A 574 -9.34 19.67 10.76
C TYR A 574 -8.84 20.07 9.38
N LEU A 575 -8.20 19.14 8.67
CA LEU A 575 -7.71 19.43 7.32
C LEU A 575 -8.88 19.76 6.40
N LEU A 576 -9.97 19.01 6.52
CA LEU A 576 -11.16 19.27 5.71
C LEU A 576 -11.76 20.64 6.03
N LYS A 577 -11.72 21.03 7.30
CA LYS A 577 -12.22 22.35 7.69
C LYS A 577 -11.32 23.44 7.11
N ALA A 578 -10.00 23.24 7.24
CA ALA A 578 -9.05 24.17 6.62
C ALA A 578 -9.27 24.28 5.11
N ALA A 579 -9.58 23.16 4.46
CA ALA A 579 -9.79 23.17 3.01
C ALA A 579 -11.05 23.96 2.63
N GLN A 580 -12.12 23.81 3.41
CA GLN A 580 -13.32 24.61 3.15
C GLN A 580 -13.02 26.09 3.37
N ALA A 581 -12.29 26.39 4.44
CA ALA A 581 -11.88 27.77 4.73
C ALA A 581 -11.10 28.39 3.57
N ALA A 582 -10.16 27.64 3.00
CA ALA A 582 -9.40 28.11 1.86
C ALA A 582 -10.27 28.24 0.60
N ARG A 583 -11.12 27.24 0.38
CA ARG A 583 -12.01 27.26 -0.78
C ARG A 583 -12.88 28.52 -0.80
N LYS A 584 -13.31 28.98 0.38
CA LYS A 584 -14.13 30.20 0.46
C LYS A 584 -13.34 31.48 0.22
N ARG A 585 -12.01 31.39 0.31
CA ARG A 585 -11.16 32.57 0.13
C ARG A 585 -10.29 32.48 -1.13
N LEU A 586 -10.68 31.62 -2.05
CA LEU A 586 -9.82 31.26 -3.19
C LEU A 586 -9.28 32.46 -3.97
N PHE A 587 -10.14 33.39 -4.38
CA PHE A 587 -9.66 34.55 -5.13
C PHE A 587 -8.88 35.52 -4.26
N GLU A 588 -9.28 35.68 -3.00
CA GLU A 588 -8.56 36.57 -2.09
C GLU A 588 -7.15 36.04 -1.82
N LEU A 589 -7.05 34.73 -1.59
CA LEU A 589 -5.74 34.10 -1.34
C LEU A 589 -4.86 34.18 -2.58
N SER A 590 -5.46 34.08 -3.76
CA SER A 590 -4.69 34.15 -4.98
C SER A 590 -4.15 35.56 -5.19
N ALA A 591 -4.99 36.55 -4.90
CA ALA A 591 -4.59 37.95 -5.10
C ALA A 591 -3.36 38.35 -4.28
N TRP A 592 -3.22 37.78 -3.08
CA TRP A 592 -2.05 38.06 -2.27
C TRP A 592 -0.79 37.58 -2.97
N GLN A 593 -0.88 36.43 -3.60
CA GLN A 593 0.25 35.85 -4.31
C GLN A 593 0.63 36.65 -5.55
N VAL A 594 -0.37 37.19 -6.25
CA VAL A 594 -0.11 38.09 -7.37
C VAL A 594 0.81 39.24 -6.93
N LEU A 595 0.48 39.85 -5.81
CA LEU A 595 1.23 41.02 -5.31
C LEU A 595 2.50 40.67 -4.52
N GLU A 596 2.46 39.65 -3.66
CA GLU A 596 3.62 39.42 -2.80
C GLU A 596 4.78 38.68 -3.50
N ILE A 597 4.47 37.82 -4.47
CA ILE A 597 5.53 37.06 -5.11
C ILE A 597 5.48 37.07 -6.65
N GLY A 598 4.56 37.86 -7.21
CA GLY A 598 4.56 38.08 -8.65
C GLY A 598 4.02 36.92 -9.45
N LYS A 599 3.09 36.18 -8.85
CA LYS A 599 2.37 35.13 -9.57
C LYS A 599 1.42 35.74 -10.57
N GLN A 600 1.39 35.20 -11.79
CA GLN A 600 0.34 35.53 -12.76
C GLN A 600 -1.01 35.03 -12.23
N TRP A 601 -2.11 35.53 -12.78
CA TRP A 601 -3.43 35.18 -12.22
C TRP A 601 -3.64 33.67 -12.15
N ASP A 602 -3.43 32.98 -13.26
CA ASP A 602 -3.60 31.52 -13.31
C ASP A 602 -2.66 30.79 -12.35
N GLN A 603 -1.41 31.23 -12.30
CA GLN A 603 -0.40 30.62 -11.44
C GLN A 603 -0.79 30.75 -9.97
N ALA A 604 -1.31 31.92 -9.62
CA ALA A 604 -1.70 32.18 -8.24
C ALA A 604 -2.87 31.27 -7.81
N TYR A 605 -3.88 31.19 -8.66
CA TYR A 605 -5.08 30.42 -8.36
C TYR A 605 -4.72 28.94 -8.26
N ALA A 606 -3.86 28.48 -9.15
CA ALA A 606 -3.40 27.08 -9.12
C ALA A 606 -2.60 26.77 -7.85
N ASP A 607 -1.92 27.76 -7.31
CA ASP A 607 -1.19 27.57 -6.06
C ASP A 607 -2.18 27.33 -4.91
N VAL A 608 -3.30 28.04 -4.93
CA VAL A 608 -4.27 27.87 -3.85
C VAL A 608 -5.04 26.55 -4.00
N THR A 609 -5.39 26.18 -5.23
CA THR A 609 -6.14 24.94 -5.44
C THR A 609 -5.29 23.73 -5.11
N GLU A 610 -3.98 23.82 -5.37
CA GLU A 610 -3.08 22.75 -4.96
C GLU A 610 -3.07 22.62 -3.44
N ALA A 611 -2.99 23.75 -2.74
CA ALA A 611 -3.07 23.74 -1.28
C ALA A 611 -4.34 23.03 -0.82
N ILE A 612 -5.47 23.36 -1.47
CA ILE A 612 -6.75 22.75 -1.14
C ILE A 612 -6.69 21.27 -1.44
N ASP A 613 -6.07 20.91 -2.58
CA ASP A 613 -5.96 19.49 -2.96
C ASP A 613 -5.19 18.68 -1.93
N PHE A 614 -4.06 19.22 -1.44
CA PHE A 614 -3.28 18.54 -0.41
C PHE A 614 -4.15 18.27 0.82
N LEU A 615 -4.91 19.27 1.22
CA LEU A 615 -5.74 19.13 2.41
C LEU A 615 -6.76 18.01 2.21
N GLU A 616 -7.45 18.04 1.08
CA GLU A 616 -8.47 17.03 0.80
C GLU A 616 -7.85 15.63 0.66
N TYR A 617 -6.67 15.56 0.06
CA TYR A 617 -6.05 14.28 -0.25
C TYR A 617 -5.41 13.67 1.00
N TYR A 618 -4.65 14.47 1.74
CA TYR A 618 -3.99 13.95 2.92
C TYR A 618 -5.02 13.63 4.02
N ALA A 619 -6.13 14.35 4.04
CA ALA A 619 -7.21 13.97 4.96
C ALA A 619 -7.69 12.55 4.65
N ARG A 620 -7.94 12.28 3.37
CA ARG A 620 -8.39 10.94 2.97
C ARG A 620 -7.33 9.85 3.18
N GLU A 621 -6.09 10.19 2.85
CA GLU A 621 -4.99 9.27 3.08
C GLU A 621 -4.82 8.89 4.55
N MET A 622 -5.03 9.83 5.47
CA MET A 622 -4.85 9.48 6.88
C MET A 622 -6.01 8.61 7.35
N ILE A 623 -7.21 8.88 6.84
CA ILE A 623 -8.35 8.04 7.18
C ILE A 623 -8.11 6.61 6.71
N ARG A 624 -7.54 6.46 5.51
CA ARG A 624 -7.23 5.15 4.95
C ARG A 624 -6.16 4.43 5.78
N LEU A 625 -5.14 5.18 6.20
CA LEU A 625 -4.00 4.59 6.89
C LEU A 625 -4.20 4.50 8.39
N GLY A 626 -5.26 5.15 8.89
CA GLY A 626 -5.46 5.29 10.32
C GLY A 626 -5.96 4.04 11.02
N GLN A 627 -6.51 3.09 10.27
CA GLN A 627 -7.05 1.86 10.87
C GLN A 627 -5.96 0.78 11.00
N PRO A 628 -5.75 0.26 12.23
CA PRO A 628 -4.84 -0.89 12.37
C PRO A 628 -5.31 -2.06 11.51
N GLN A 629 -4.39 -2.68 10.79
CA GLN A 629 -4.75 -3.79 9.93
C GLN A 629 -4.20 -5.10 10.48
N ARG A 630 -5.03 -6.15 10.47
CA ARG A 630 -4.52 -7.46 10.83
C ARG A 630 -3.51 -7.91 9.80
N VAL A 631 -2.36 -8.42 10.26
CA VAL A 631 -1.40 -9.04 9.34
C VAL A 631 -1.15 -10.48 9.79
N GLY A 632 -0.88 -11.35 8.83
CA GLY A 632 -0.77 -12.78 9.13
C GLY A 632 -2.13 -13.42 9.30
N HIS A 633 -2.19 -14.74 9.23
CA HIS A 633 -3.46 -15.45 9.25
C HIS A 633 -3.46 -16.66 10.19
N ALA A 634 -2.46 -16.73 11.07
CA ALA A 634 -2.38 -17.86 11.99
C ALA A 634 -3.39 -17.70 13.10
N PRO A 635 -4.10 -18.77 13.45
CA PRO A 635 -5.12 -18.74 14.50
C PRO A 635 -4.46 -18.64 15.89
N GLY A 636 -5.25 -18.33 16.93
CA GLY A 636 -4.71 -18.20 18.27
C GLY A 636 -3.76 -17.02 18.39
N GLU A 637 -3.78 -16.16 17.39
CA GLU A 637 -2.87 -15.02 17.32
C GLU A 637 -3.50 -13.86 16.55
N LEU A 638 -3.34 -12.65 17.07
CA LEU A 638 -3.71 -11.46 16.33
C LEU A 638 -2.49 -10.54 16.23
N ASN A 639 -2.10 -10.18 15.01
CA ASN A 639 -1.10 -9.14 14.80
C ASN A 639 -1.76 -7.95 14.16
N HIS A 640 -1.56 -6.78 14.75
CA HIS A 640 -2.08 -5.56 14.16
C HIS A 640 -0.94 -4.62 13.87
N TYR A 641 -0.92 -4.11 12.64
CA TYR A 641 0.13 -3.26 12.12
C TYR A 641 -0.50 -1.90 11.92
N PHE A 642 0.16 -0.85 12.44
CA PHE A 642 -0.43 0.48 12.37
C PHE A 642 0.69 1.52 12.48
N TYR A 643 0.34 2.79 12.39
CA TYR A 643 1.35 3.84 12.33
C TYR A 643 1.25 4.83 13.48
N GLU A 644 2.41 5.36 13.88
CA GLU A 644 2.50 6.35 14.95
C GLU A 644 3.26 7.56 14.42
N PRO A 645 2.91 8.76 14.89
CA PRO A 645 3.68 9.94 14.49
C PRO A 645 5.05 9.95 15.17
N LYS A 646 5.89 10.90 14.77
CA LYS A 646 7.25 10.98 15.29
C LYS A 646 7.42 12.02 16.40
N GLY A 647 6.81 13.19 16.25
CA GLY A 647 6.97 14.22 17.26
C GLY A 647 6.88 15.61 16.67
N VAL A 648 7.92 16.41 16.90
CA VAL A 648 7.96 17.75 16.36
C VAL A 648 8.61 17.77 14.97
N ALA A 649 7.90 18.36 14.01
CA ALA A 649 8.41 18.48 12.65
C ALA A 649 8.74 19.93 12.35
N ALA A 650 9.97 20.16 11.90
CA ALA A 650 10.37 21.44 11.33
C ALA A 650 9.95 21.47 9.87
N VAL A 651 9.21 22.50 9.47
CA VAL A 651 8.77 22.62 8.08
C VAL A 651 9.37 23.90 7.52
N ILE A 652 10.25 23.75 6.54
CA ILE A 652 11.01 24.88 6.03
C ILE A 652 10.59 25.07 4.57
N ALA A 653 9.86 26.13 4.31
CA ALA A 653 9.08 26.27 3.08
C ALA A 653 9.70 27.21 2.05
N PRO A 654 9.44 26.94 0.76
CA PRO A 654 9.95 27.82 -0.30
C PRO A 654 8.99 28.99 -0.59
N TRP A 655 9.46 29.97 -1.35
CA TRP A 655 8.65 31.12 -1.73
C TRP A 655 7.91 30.92 -3.05
N ASN A 656 8.34 29.94 -3.86
CA ASN A 656 7.82 29.86 -5.22
C ASN A 656 6.45 29.19 -5.34
N PHE A 657 6.14 28.31 -4.38
CA PHE A 657 4.77 27.81 -4.22
C PHE A 657 4.38 28.01 -2.77
N PRO A 658 4.16 29.27 -2.38
CA PRO A 658 4.13 29.71 -0.99
C PRO A 658 2.94 29.20 -0.20
N LEU A 659 1.83 28.88 -0.86
CA LEU A 659 0.70 28.32 -0.12
C LEU A 659 0.67 26.81 -0.33
N ALA A 660 0.77 26.39 -1.59
CA ALA A 660 0.69 24.98 -1.96
C ALA A 660 1.67 24.08 -1.21
N ILE A 661 2.97 24.30 -1.41
CA ILE A 661 3.98 23.42 -0.80
C ILE A 661 4.06 23.56 0.73
N SER A 662 3.95 24.79 1.24
CA SER A 662 3.86 25.02 2.67
C SER A 662 2.72 24.21 3.28
N MET A 663 1.53 24.35 2.70
CA MET A 663 0.35 23.67 3.21
C MET A 663 0.47 22.17 3.05
N GLY A 664 1.04 21.72 1.94
CA GLY A 664 1.26 20.31 1.72
C GLY A 664 2.13 19.71 2.81
N MET A 665 3.31 20.29 3.04
CA MET A 665 4.25 19.71 3.98
C MET A 665 3.72 19.81 5.41
N ALA A 666 3.13 20.96 5.74
CA ALA A 666 2.62 21.15 7.11
C ALA A 666 1.38 20.30 7.40
N SER A 667 0.43 20.24 6.46
CA SER A 667 -0.80 19.47 6.72
C SER A 667 -0.50 17.97 6.78
N ALA A 668 0.49 17.53 6.03
CA ALA A 668 0.92 16.12 6.05
C ALA A 668 1.48 15.76 7.41
N ALA A 669 2.39 16.59 7.94
CA ALA A 669 2.95 16.37 9.26
C ALA A 669 1.86 16.42 10.36
N ILE A 670 0.97 17.39 10.27
CA ILE A 670 -0.08 17.58 11.24
C ILE A 670 -1.09 16.44 11.23
N VAL A 671 -1.55 16.04 10.04
CA VAL A 671 -2.61 15.03 9.98
C VAL A 671 -2.14 13.67 10.47
N THR A 672 -0.84 13.43 10.33
CA THR A 672 -0.24 12.16 10.76
C THR A 672 0.07 12.16 12.26
N GLY A 673 -0.26 13.26 12.94
CA GLY A 673 -0.15 13.30 14.38
C GLY A 673 1.10 13.97 14.90
N ASN A 674 1.84 14.66 14.03
CA ASN A 674 2.99 15.41 14.50
C ASN A 674 2.58 16.85 14.78
N CYS A 675 3.45 17.60 15.46
CA CYS A 675 3.21 19.03 15.65
C CYS A 675 4.31 19.79 14.90
N VAL A 676 3.97 20.98 14.40
CA VAL A 676 4.79 21.64 13.40
C VAL A 676 5.35 22.97 13.89
N VAL A 677 6.64 23.19 13.65
CA VAL A 677 7.21 24.53 13.74
C VAL A 677 7.57 24.93 12.31
N PHE A 678 6.91 25.98 11.83
CA PHE A 678 6.91 26.32 10.40
C PHE A 678 7.69 27.61 10.12
N LYS A 679 8.68 27.52 9.24
CA LYS A 679 9.43 28.70 8.82
C LYS A 679 9.12 29.00 7.37
N PRO A 680 8.28 30.03 7.12
CA PRO A 680 8.03 30.42 5.73
C PRO A 680 9.26 31.11 5.17
N SER A 681 9.41 31.13 3.85
CA SER A 681 10.43 31.96 3.24
CA SER A 681 10.44 31.96 3.25
C SER A 681 10.12 33.41 3.56
N GLY A 682 11.17 34.22 3.73
CA GLY A 682 10.99 35.61 4.11
C GLY A 682 10.06 36.40 3.20
N ILE A 683 10.28 36.28 1.89
CA ILE A 683 9.57 37.13 0.94
C ILE A 683 8.13 36.69 0.66
N THR A 684 7.71 35.58 1.26
CA THR A 684 6.32 35.15 1.16
C THR A 684 5.75 34.84 2.53
N SER A 685 6.20 35.62 3.51
CA SER A 685 5.78 35.42 4.89
C SER A 685 4.28 35.69 5.09
N ILE A 686 3.72 36.61 4.32
CA ILE A 686 2.28 36.85 4.45
C ILE A 686 1.51 35.62 3.98
N ILE A 687 1.96 34.99 2.89
CA ILE A 687 1.34 33.75 2.45
C ILE A 687 1.48 32.68 3.54
N GLY A 688 2.62 32.68 4.22
CA GLY A 688 2.82 31.82 5.38
C GLY A 688 1.79 32.10 6.44
N TRP A 689 1.46 33.37 6.64
CA TRP A 689 0.47 33.74 7.64
C TRP A 689 -0.92 33.17 7.31
N HIS A 690 -1.20 33.00 6.02
CA HIS A 690 -2.45 32.38 5.58
C HIS A 690 -2.66 30.99 6.20
N LEU A 691 -1.56 30.24 6.39
CA LEU A 691 -1.67 28.96 7.08
C LEU A 691 -2.16 29.15 8.52
N VAL A 692 -1.63 30.16 9.19
CA VAL A 692 -2.08 30.50 10.54
C VAL A 692 -3.57 30.78 10.53
N GLU A 693 -4.01 31.61 9.57
CA GLU A 693 -5.43 31.96 9.47
C GLU A 693 -6.30 30.73 9.19
N LEU A 694 -5.84 29.86 8.29
CA LEU A 694 -6.64 28.70 7.90
C LEU A 694 -6.73 27.66 9.03
N PHE A 695 -5.62 27.41 9.71
CA PHE A 695 -5.64 26.46 10.82
C PHE A 695 -6.41 27.01 12.01
N ARG A 696 -6.31 28.33 12.21
CA ARG A 696 -7.07 28.93 13.30
C ARG A 696 -8.56 28.84 13.01
N GLU A 697 -8.94 29.16 11.77
CA GLU A 697 -10.35 29.03 11.37
C GLU A 697 -10.84 27.60 11.52
N ALA A 698 -9.96 26.63 11.27
CA ALA A 698 -10.29 25.21 11.45
C ALA A 698 -10.37 24.81 12.92
N GLY A 699 -9.88 25.67 13.82
CA GLY A 699 -9.92 25.39 15.25
C GLY A 699 -8.85 24.42 15.73
N LEU A 700 -7.74 24.32 15.00
CA LEU A 700 -6.64 23.42 15.37
C LEU A 700 -6.16 23.71 16.79
N PRO A 701 -5.92 22.64 17.60
CA PRO A 701 -5.49 22.87 18.98
C PRO A 701 -4.19 23.64 19.06
N GLU A 702 -4.05 24.46 20.10
CA GLU A 702 -2.86 25.32 20.28
C GLU A 702 -1.56 24.51 20.33
N GLY A 703 -0.50 25.04 19.72
CA GLY A 703 0.77 24.36 19.74
C GLY A 703 0.98 23.36 18.62
N VAL A 704 -0.10 22.92 17.96
CA VAL A 704 0.03 21.93 16.89
C VAL A 704 0.67 22.54 15.64
N PHE A 705 0.45 23.84 15.44
CA PHE A 705 1.07 24.58 14.35
C PHE A 705 1.61 25.90 14.85
N ASN A 706 2.91 26.11 14.69
CA ASN A 706 3.53 27.35 15.14
C ASN A 706 4.26 28.02 13.99
N PHE A 707 4.07 29.34 13.89
CA PHE A 707 4.56 30.13 12.77
C PHE A 707 5.75 30.96 13.25
N THR A 708 6.95 30.61 12.77
CA THR A 708 8.17 31.29 13.21
C THR A 708 9.05 31.68 12.02
N PRO A 709 8.66 32.73 11.28
CA PRO A 709 9.62 33.29 10.33
C PRO A 709 10.85 33.79 11.09
N GLY A 710 12.01 33.78 10.45
CA GLY A 710 13.23 34.17 11.11
C GLY A 710 14.39 34.21 10.13
N ARG A 711 15.53 34.75 10.56
CA ARG A 711 16.70 34.80 9.68
C ARG A 711 17.47 33.47 9.75
N GLY A 712 17.75 32.89 8.59
CA GLY A 712 18.48 31.64 8.51
C GLY A 712 19.81 31.72 9.24
N SER A 713 20.51 32.84 9.06
CA SER A 713 21.81 33.05 9.69
C SER A 713 21.70 33.12 11.22
N VAL A 714 20.50 33.39 11.72
CA VAL A 714 20.29 33.46 13.15
C VAL A 714 19.75 32.15 13.71
N MET A 715 18.74 31.58 13.06
CA MET A 715 18.00 30.46 13.67
C MET A 715 17.84 29.22 12.79
N GLY A 716 18.45 29.24 11.61
CA GLY A 716 18.34 28.11 10.70
C GLY A 716 18.92 26.82 11.25
N ASP A 717 20.21 26.85 11.58
CA ASP A 717 20.88 25.68 12.13
C ASP A 717 20.26 25.29 13.48
N TYR A 718 19.98 26.28 14.31
CA TYR A 718 19.33 26.04 15.61
C TYR A 718 18.08 25.16 15.44
N LEU A 719 17.23 25.52 14.48
CA LEU A 719 15.99 24.77 14.24
C LEU A 719 16.28 23.34 13.79
N VAL A 720 17.16 23.20 12.81
CA VAL A 720 17.51 21.90 12.27
C VAL A 720 18.22 21.01 13.29
N ASP A 721 19.11 21.61 14.09
CA ASP A 721 19.91 20.84 15.05
C ASP A 721 19.16 20.47 16.32
N HIS A 722 18.01 21.07 16.55
CA HIS A 722 17.40 20.98 17.87
C HIS A 722 17.08 19.53 18.20
N PRO A 723 17.42 19.08 19.42
CA PRO A 723 17.23 17.66 19.77
C PRO A 723 15.77 17.25 19.89
N ASP A 724 14.86 18.20 20.02
CA ASP A 724 13.44 17.86 20.13
C ASP A 724 12.76 17.75 18.75
N ILE A 725 13.52 17.98 17.70
CA ILE A 725 13.00 17.84 16.34
C ILE A 725 13.13 16.38 15.90
N SER A 726 12.06 15.80 15.37
CA SER A 726 12.12 14.40 14.93
C SER A 726 12.02 14.28 13.41
N LEU A 727 11.59 15.34 12.76
CA LEU A 727 11.36 15.27 11.33
C LEU A 727 11.58 16.64 10.73
N ILE A 728 12.18 16.68 9.55
CA ILE A 728 12.34 17.95 8.84
C ILE A 728 11.79 17.82 7.44
N ALA A 729 10.78 18.63 7.12
CA ALA A 729 10.27 18.72 5.74
C ALA A 729 10.78 20.01 5.11
N PHE A 730 11.52 19.86 4.01
CA PHE A 730 12.18 20.96 3.35
C PHE A 730 11.96 20.91 1.84
N THR A 731 11.64 22.05 1.25
CA THR A 731 11.62 22.17 -0.20
C THR A 731 12.38 23.44 -0.54
N GLY A 732 13.37 23.35 -1.43
CA GLY A 732 14.21 24.50 -1.71
C GLY A 732 15.44 24.09 -2.48
N SER A 733 16.55 24.78 -2.26
CA SER A 733 17.74 24.60 -3.08
C SER A 733 18.52 23.36 -2.65
N MET A 734 19.21 22.74 -3.60
CA MET A 734 20.06 21.58 -3.29
C MET A 734 21.08 21.94 -2.21
N GLU A 735 21.74 23.08 -2.37
CA GLU A 735 22.74 23.52 -1.40
C GLU A 735 22.20 23.55 0.04
N THR A 736 21.06 24.19 0.24
CA THR A 736 20.48 24.24 1.58
C THR A 736 19.98 22.86 2.01
N GLY A 737 19.39 22.12 1.07
CA GLY A 737 18.87 20.80 1.39
C GLY A 737 19.94 19.83 1.84
N LEU A 738 21.10 19.87 1.18
CA LEU A 738 22.20 18.97 1.52
C LEU A 738 22.81 19.30 2.88
N ARG A 739 22.87 20.60 3.20
CA ARG A 739 23.37 21.02 4.50
C ARG A 739 22.46 20.51 5.59
N ILE A 740 21.15 20.67 5.39
CA ILE A 740 20.17 20.17 6.37
C ILE A 740 20.27 18.67 6.58
N ILE A 741 20.41 17.91 5.50
CA ILE A 741 20.52 16.47 5.60
C ILE A 741 21.75 16.10 6.40
N GLU A 742 22.86 16.77 6.13
CA GLU A 742 24.11 16.48 6.82
C GLU A 742 24.02 16.78 8.31
N ARG A 743 23.43 17.93 8.65
CA ARG A 743 23.34 18.34 10.06
C ARG A 743 22.32 17.48 10.84
N ALA A 744 21.25 17.08 10.17
CA ALA A 744 20.16 16.39 10.85
C ALA A 744 20.54 14.97 11.20
N ALA A 745 21.57 14.47 10.55
CA ALA A 745 22.01 13.09 10.75
C ALA A 745 22.64 12.92 12.13
N LYS A 746 23.08 14.01 12.72
CA LYS A 746 23.58 14.01 14.07
C LYS A 746 22.48 13.77 15.12
N VAL A 747 22.71 12.82 16.01
CA VAL A 747 21.83 12.63 17.16
C VAL A 747 22.44 13.35 18.35
N HIS A 748 21.77 14.38 18.86
CA HIS A 748 22.30 15.14 19.98
C HIS A 748 21.84 14.56 21.32
N PRO A 749 22.44 15.03 22.44
CA PRO A 749 21.95 14.58 23.76
C PRO A 749 20.47 14.90 23.93
N GLY A 750 19.69 13.90 24.35
CA GLY A 750 18.27 14.11 24.61
C GLY A 750 17.42 13.99 23.36
N GLN A 751 18.06 13.67 22.23
CA GLN A 751 17.32 13.51 20.98
C GLN A 751 16.69 12.12 20.93
N ALA A 752 15.37 12.07 20.81
CA ALA A 752 14.66 10.81 20.95
C ALA A 752 14.77 9.90 19.70
N ASN A 753 14.84 10.51 18.53
CA ASN A 753 14.81 9.75 17.28
C ASN A 753 15.94 10.12 16.35
N VAL A 754 16.23 9.23 15.39
CA VAL A 754 17.03 9.62 14.24
C VAL A 754 16.12 10.49 13.38
N LYS A 755 16.59 11.67 13.00
CA LYS A 755 15.73 12.62 12.28
C LYS A 755 15.36 12.12 10.88
N LYS A 756 14.06 12.17 10.59
CA LYS A 756 13.55 11.80 9.27
C LYS A 756 13.56 13.02 8.36
N ILE A 757 14.06 12.82 7.14
CA ILE A 757 14.15 13.88 6.16
C ILE A 757 13.13 13.70 5.05
N ILE A 758 12.35 14.74 4.81
CA ILE A 758 11.45 14.78 3.65
C ILE A 758 11.85 16.02 2.87
N SER A 759 12.40 15.81 1.69
CA SER A 759 13.07 16.89 0.99
C SER A 759 12.84 16.83 -0.51
N GLU A 760 12.53 17.98 -1.09
CA GLU A 760 12.48 18.11 -2.53
C GLU A 760 13.42 19.26 -2.83
N MET A 761 14.41 19.00 -3.67
CA MET A 761 15.41 20.01 -3.98
C MET A 761 15.34 20.34 -5.48
N GLY A 762 16.42 20.81 -6.05
CA GLY A 762 16.33 21.34 -7.41
C GLY A 762 15.96 20.41 -8.54
N GLY A 763 15.87 20.99 -9.73
CA GLY A 763 15.88 20.20 -10.95
C GLY A 763 16.63 20.96 -12.02
N LYS A 764 17.19 20.24 -12.98
CA LYS A 764 17.68 20.86 -14.19
C LYS A 764 16.99 20.13 -15.34
N ASN A 765 15.72 20.48 -15.54
CA ASN A 765 14.80 19.66 -16.32
C ASN A 765 14.84 19.90 -17.82
N ALA A 766 14.92 18.81 -18.58
CA ALA A 766 14.99 18.88 -20.03
C ALA A 766 13.68 18.42 -20.67
N ILE A 767 13.37 19.02 -21.81
CA ILE A 767 12.34 18.50 -22.69
C ILE A 767 13.02 18.12 -24.00
N ILE A 768 12.78 16.91 -24.47
CA ILE A 768 13.36 16.46 -25.73
C ILE A 768 12.34 16.68 -26.84
N ILE A 769 12.80 17.28 -27.95
CA ILE A 769 11.95 17.48 -29.13
C ILE A 769 12.45 16.55 -30.23
N ASP A 770 11.71 15.47 -30.46
CA ASP A 770 12.11 14.44 -31.44
C ASP A 770 11.78 14.91 -32.84
N ASP A 771 12.41 14.29 -33.85
CA ASP A 771 12.17 14.60 -35.26
C ASP A 771 10.70 14.69 -35.67
N ASP A 772 9.88 13.81 -35.12
CA ASP A 772 8.49 13.71 -35.56
C ASP A 772 7.55 14.43 -34.61
N ALA A 773 8.11 15.29 -33.75
CA ALA A 773 7.30 16.07 -32.83
C ALA A 773 6.25 16.93 -33.54
N ASP A 774 5.08 17.07 -32.93
CA ASP A 774 4.08 18.02 -33.42
C ASP A 774 4.48 19.39 -32.90
N LEU A 775 5.01 20.25 -33.77
CA LEU A 775 5.56 21.52 -33.31
C LEU A 775 4.49 22.52 -32.90
N ASP A 776 3.27 22.35 -33.41
CA ASP A 776 2.15 23.20 -32.99
C ASP A 776 1.90 23.00 -31.48
N GLU A 777 2.23 21.82 -30.99
CA GLU A 777 2.08 21.53 -29.55
C GLU A 777 3.38 21.77 -28.81
N ALA A 778 4.48 21.27 -29.36
CA ALA A 778 5.77 21.37 -28.68
C ALA A 778 6.15 22.82 -28.38
N VAL A 779 5.97 23.72 -29.34
CA VAL A 779 6.43 25.09 -29.15
C VAL A 779 5.73 25.81 -27.98
N PRO A 780 4.39 25.88 -27.97
CA PRO A 780 3.83 26.60 -26.82
C PRO A 780 4.04 25.89 -25.47
N HIS A 781 4.06 24.55 -25.46
CA HIS A 781 4.27 23.85 -24.20
C HIS A 781 5.68 24.07 -23.65
N VAL A 782 6.68 24.08 -24.54
CA VAL A 782 8.04 24.40 -24.12
C VAL A 782 8.15 25.83 -23.61
N LEU A 783 7.51 26.77 -24.30
CA LEU A 783 7.55 28.17 -23.89
C LEU A 783 6.97 28.31 -22.50
N TYR A 784 5.84 27.64 -22.26
CA TYR A 784 5.21 27.69 -20.93
C TYR A 784 6.07 27.01 -19.85
N SER A 785 6.63 25.85 -20.18
CA SER A 785 7.43 25.08 -19.23
C SER A 785 8.65 25.88 -18.82
N ALA A 786 9.19 26.65 -19.74
CA ALA A 786 10.41 27.41 -19.48
C ALA A 786 10.14 28.73 -18.73
N PHE A 787 9.09 29.43 -19.13
CA PHE A 787 8.89 30.82 -18.71
C PHE A 787 7.64 31.08 -17.89
N GLY A 788 6.82 30.05 -17.70
CA GLY A 788 5.68 30.16 -16.79
C GLY A 788 6.19 30.55 -15.42
N PHE A 789 5.56 31.55 -14.81
CA PHE A 789 6.04 32.10 -13.54
C PHE A 789 7.53 32.42 -13.62
N GLN A 790 7.91 33.00 -14.75
CA GLN A 790 9.29 33.39 -15.09
C GLN A 790 10.36 32.35 -14.72
N GLY A 791 10.04 31.07 -14.92
CA GLY A 791 11.01 30.00 -14.74
C GLY A 791 11.25 29.59 -13.30
N GLN A 792 10.44 30.11 -12.37
CA GLN A 792 10.72 29.91 -10.95
C GLN A 792 10.02 28.67 -10.37
N LYS A 793 10.28 27.51 -10.98
CA LYS A 793 9.67 26.26 -10.52
C LYS A 793 10.74 25.19 -10.55
N CYS A 794 10.76 24.33 -9.53
CA CYS A 794 11.71 23.24 -9.50
CA CYS A 794 11.69 23.22 -9.48
C CYS A 794 11.48 22.32 -10.70
N SER A 795 10.26 22.34 -11.22
CA SER A 795 9.88 21.52 -12.38
C SER A 795 10.09 22.18 -13.75
N ALA A 796 10.53 23.44 -13.74
CA ALA A 796 10.61 24.22 -14.98
C ALA A 796 11.55 23.62 -16.01
N CYS A 797 11.23 23.79 -17.29
CA CYS A 797 12.14 23.38 -18.37
C CYS A 797 13.26 24.42 -18.51
N SER A 798 14.49 24.01 -18.28
CA SER A 798 15.61 24.93 -18.42
C SER A 798 16.56 24.45 -19.52
N ARG A 799 16.27 23.26 -20.04
CA ARG A 799 17.01 22.69 -21.18
C ARG A 799 16.01 22.13 -22.21
N VAL A 800 16.06 22.62 -23.44
CA VAL A 800 15.26 22.00 -24.50
C VAL A 800 16.25 21.33 -25.44
N ILE A 801 16.14 20.01 -25.56
CA ILE A 801 17.09 19.22 -26.31
C ILE A 801 16.43 18.82 -27.62
N VAL A 802 16.92 19.39 -28.71
CA VAL A 802 16.22 19.33 -29.99
C VAL A 802 16.96 18.48 -31.01
N LEU A 803 16.24 17.56 -31.63
CA LEU A 803 16.86 16.69 -32.63
C LEU A 803 17.37 17.47 -33.84
N ASP A 804 18.52 17.04 -34.35
CA ASP A 804 19.27 17.73 -35.40
C ASP A 804 18.38 18.19 -36.56
N ALA A 805 17.58 17.28 -37.11
CA ALA A 805 16.84 17.58 -38.35
C ALA A 805 15.64 18.51 -38.17
N VAL A 806 15.15 18.67 -36.95
CA VAL A 806 14.02 19.54 -36.74
C VAL A 806 14.46 20.84 -36.03
N TYR A 807 15.76 20.95 -35.77
CA TYR A 807 16.29 22.04 -34.93
C TYR A 807 15.97 23.44 -35.44
N ASP A 808 16.37 23.73 -36.67
CA ASP A 808 16.23 25.06 -37.23
C ASP A 808 14.77 25.48 -37.29
N LYS A 809 13.90 24.53 -37.65
CA LYS A 809 12.48 24.84 -37.76
C LYS A 809 11.84 25.04 -36.38
N PHE A 810 12.19 24.19 -35.41
CA PHE A 810 11.67 24.34 -34.04
C PHE A 810 12.11 25.67 -33.43
N ILE A 811 13.38 26.00 -33.56
CA ILE A 811 13.91 27.20 -32.93
C ILE A 811 13.32 28.48 -33.51
N GLU A 812 13.13 28.52 -34.83
CA GLU A 812 12.53 29.68 -35.47
C GLU A 812 11.14 29.92 -34.89
N ARG A 813 10.34 28.86 -34.76
CA ARG A 813 8.98 29.05 -34.25
C ARG A 813 8.99 29.37 -32.76
N LEU A 814 9.90 28.75 -32.00
CA LEU A 814 9.95 29.02 -30.55
C LEU A 814 10.36 30.47 -30.28
N VAL A 815 11.39 30.92 -30.98
CA VAL A 815 11.82 32.31 -30.87
C VAL A 815 10.75 33.29 -31.35
N SER A 816 10.08 32.99 -32.45
CA SER A 816 9.02 33.87 -32.96
C SER A 816 7.82 33.95 -32.02
N MET A 817 7.49 32.85 -31.34
CA MET A 817 6.42 32.93 -30.35
C MET A 817 6.88 33.74 -29.14
N ALA A 818 8.09 33.49 -28.68
CA ALA A 818 8.67 34.26 -27.57
C ALA A 818 8.57 35.76 -27.84
N LYS A 819 8.93 36.19 -29.04
CA LYS A 819 8.90 37.59 -29.44
C LYS A 819 7.52 38.24 -29.32
N ALA A 820 6.48 37.41 -29.34
CA ALA A 820 5.10 37.92 -29.30
C ALA A 820 4.63 38.16 -27.88
N THR A 821 5.33 37.57 -26.91
CA THR A 821 4.95 37.70 -25.50
C THR A 821 5.57 38.96 -24.90
N LYS A 822 4.97 39.42 -23.80
CA LYS A 822 5.40 40.66 -23.14
C LYS A 822 5.80 40.36 -21.70
N VAL A 823 6.86 41.01 -21.24
CA VAL A 823 7.32 40.89 -19.86
C VAL A 823 6.87 42.11 -19.05
N GLY A 824 6.21 41.87 -17.92
CA GLY A 824 5.75 42.95 -17.07
C GLY A 824 4.93 42.46 -15.88
N PRO A 825 4.44 43.41 -15.06
CA PRO A 825 3.74 43.11 -13.80
C PRO A 825 2.68 42.02 -13.94
N SER A 826 2.75 41.06 -13.02
CA SER A 826 1.87 39.90 -13.05
C SER A 826 0.41 40.27 -12.78
N GLU A 827 0.17 41.45 -12.22
CA GLU A 827 -1.23 41.85 -11.97
C GLU A 827 -1.93 42.24 -13.27
N ASP A 828 -1.14 42.45 -14.33
CA ASP A 828 -1.68 42.75 -15.65
C ASP A 828 -1.63 41.47 -16.46
N PRO A 829 -2.81 40.90 -16.80
CA PRO A 829 -2.88 39.58 -17.42
C PRO A 829 -2.41 39.57 -18.88
N ALA A 830 -2.11 40.74 -19.43
CA ALA A 830 -1.60 40.79 -20.80
C ALA A 830 -0.13 40.34 -20.83
N ASN A 831 0.50 40.34 -19.66
CA ASN A 831 1.90 39.94 -19.56
C ASN A 831 2.05 38.44 -19.40
N TYR A 832 3.02 37.87 -20.09
CA TYR A 832 3.27 36.42 -20.05
C TYR A 832 3.99 36.04 -18.76
N MET A 833 5.03 36.80 -18.43
CA MET A 833 5.78 36.60 -17.20
C MET A 833 6.21 37.98 -16.73
N GLY A 834 6.72 38.05 -15.50
CA GLY A 834 7.10 39.32 -14.91
C GLY A 834 8.39 39.24 -14.10
N ALA A 835 8.49 40.11 -13.09
CA ALA A 835 9.67 40.20 -12.24
C ALA A 835 9.93 38.92 -11.49
N VAL A 836 11.21 38.64 -11.23
CA VAL A 836 11.58 37.50 -10.41
C VAL A 836 11.45 37.88 -8.95
N ALA A 837 11.78 36.95 -8.06
CA ALA A 837 11.31 37.01 -6.66
C ALA A 837 11.77 38.24 -5.87
N ASP A 838 13.06 38.56 -5.97
CA ASP A 838 13.63 39.69 -5.24
C ASP A 838 14.95 40.12 -5.85
N ASP A 839 15.61 41.07 -5.20
CA ASP A 839 16.86 41.63 -5.70
C ASP A 839 17.92 40.54 -5.86
N LYS A 840 18.06 39.72 -4.83
CA LYS A 840 19.06 38.64 -4.83
C LYS A 840 18.85 37.68 -6.00
N ALA A 841 17.59 37.33 -6.26
CA ALA A 841 17.28 36.41 -7.36
C ALA A 841 17.64 37.04 -8.69
N MET A 842 17.27 38.30 -8.85
CA MET A 842 17.58 39.04 -10.06
C MET A 842 19.09 39.08 -10.34
N LYS A 843 19.88 39.38 -9.31
CA LYS A 843 21.34 39.47 -9.50
C LYS A 843 21.92 38.10 -9.84
N SER A 844 21.49 37.08 -9.12
CA SER A 844 21.96 35.72 -9.38
C SER A 844 21.60 35.26 -10.80
N ILE A 845 20.34 35.46 -11.18
CA ILE A 845 19.88 35.05 -12.50
C ILE A 845 20.63 35.78 -13.61
N LYS A 846 20.86 37.08 -13.42
CA LYS A 846 21.58 37.86 -14.44
C LYS A 846 23.03 37.42 -14.60
N GLU A 847 23.65 37.00 -13.50
CA GLU A 847 25.01 36.49 -13.57
C GLU A 847 25.03 35.21 -14.42
N TYR A 848 24.05 34.34 -14.18
CA TYR A 848 23.90 33.13 -14.99
C TYR A 848 23.62 33.42 -16.45
N ALA A 849 22.77 34.41 -16.73
CA ALA A 849 22.51 34.78 -18.13
C ALA A 849 23.79 35.20 -18.84
N GLU A 850 24.60 36.02 -18.18
CA GLU A 850 25.88 36.45 -18.75
C GLU A 850 26.82 35.26 -18.96
N ILE A 851 26.91 34.40 -17.95
CA ILE A 851 27.67 33.14 -18.08
C ILE A 851 27.16 32.35 -19.29
N GLY A 852 25.85 32.19 -19.41
CA GLY A 852 25.26 31.48 -20.53
C GLY A 852 25.58 32.11 -21.89
N LYS A 853 25.55 33.43 -21.95
CA LYS A 853 25.84 34.11 -23.22
C LYS A 853 27.31 34.04 -23.64
N ARG A 854 28.19 33.72 -22.70
CA ARG A 854 29.59 33.47 -23.07
C ARG A 854 29.75 32.01 -23.48
N GLU A 855 28.94 31.14 -22.91
CA GLU A 855 28.99 29.70 -23.22
C GLU A 855 28.33 29.37 -24.56
N GLY A 856 27.18 29.98 -24.83
CA GLY A 856 26.44 29.72 -26.06
C GLY A 856 26.20 30.98 -26.85
N HIS A 857 25.09 31.01 -27.57
CA HIS A 857 24.75 32.19 -28.35
C HIS A 857 23.31 32.55 -28.10
N VAL A 858 23.07 33.83 -27.84
CA VAL A 858 21.73 34.28 -27.52
C VAL A 858 20.81 34.21 -28.76
N LEU A 859 19.67 33.54 -28.61
CA LEU A 859 18.68 33.45 -29.68
C LEU A 859 17.57 34.49 -29.50
N TYR A 860 17.26 34.80 -28.24
CA TYR A 860 16.24 35.79 -27.91
C TYR A 860 16.50 36.37 -26.52
N GLU A 861 16.33 37.67 -26.40
CA GLU A 861 16.41 38.32 -25.09
C GLU A 861 15.39 39.44 -25.09
N SER A 862 14.31 39.26 -24.33
CA SER A 862 13.18 40.19 -24.42
C SER A 862 13.52 41.58 -23.91
N PRO A 863 12.73 42.57 -24.33
CA PRO A 863 12.73 43.85 -23.63
C PRO A 863 12.14 43.63 -22.23
N VAL A 864 12.34 44.58 -21.32
CA VAL A 864 11.70 44.54 -20.00
C VAL A 864 11.26 45.97 -19.71
N PRO A 865 10.31 46.13 -18.78
CA PRO A 865 9.85 47.51 -18.53
C PRO A 865 10.95 48.37 -17.94
N ALA A 866 10.94 49.67 -18.22
CA ALA A 866 11.88 50.60 -17.60
C ALA A 866 11.39 50.91 -16.19
N GLY A 867 12.27 51.39 -15.32
CA GLY A 867 11.87 51.72 -13.97
C GLY A 867 11.99 50.56 -13.00
N GLU A 868 11.26 50.64 -11.89
CA GLU A 868 11.44 49.68 -10.80
C GLU A 868 10.81 48.32 -11.07
N GLY A 869 11.31 47.29 -10.38
CA GLY A 869 10.85 45.93 -10.56
C GLY A 869 12.04 45.02 -10.83
N TYR A 870 11.98 43.80 -10.31
CA TYR A 870 13.09 42.87 -10.47
C TYR A 870 12.98 42.11 -11.80
N PHE A 871 13.06 42.85 -12.90
CA PHE A 871 12.86 42.25 -14.21
C PHE A 871 14.13 41.59 -14.74
N VAL A 872 13.98 40.35 -15.18
CA VAL A 872 15.00 39.66 -15.95
C VAL A 872 14.36 39.34 -17.30
N PRO A 873 15.08 39.62 -18.42
CA PRO A 873 14.50 39.34 -19.74
C PRO A 873 14.16 37.86 -19.94
N MET A 874 13.09 37.57 -20.68
CA MET A 874 12.86 36.22 -21.18
C MET A 874 14.05 35.91 -22.10
N THR A 875 14.86 34.91 -21.74
CA THR A 875 16.14 34.70 -22.39
C THR A 875 16.27 33.28 -22.92
N ILE A 876 16.60 33.17 -24.21
CA ILE A 876 16.83 31.88 -24.86
C ILE A 876 18.23 31.86 -25.45
N ILE A 877 19.00 30.81 -25.14
CA ILE A 877 20.39 30.71 -25.53
C ILE A 877 20.68 29.36 -26.18
N GLY A 878 21.29 29.37 -27.37
CA GLY A 878 21.57 28.15 -28.10
C GLY A 878 23.05 27.82 -28.11
N GLY A 879 23.45 26.74 -28.77
CA GLY A 879 24.84 26.31 -28.76
C GLY A 879 25.24 25.68 -27.43
N ILE A 880 24.27 25.30 -26.60
CA ILE A 880 24.60 24.77 -25.29
C ILE A 880 24.86 23.26 -25.31
N LYS A 881 25.90 22.82 -24.61
CA LYS A 881 26.28 21.41 -24.57
C LYS A 881 26.36 20.98 -23.11
N PRO A 882 26.39 19.66 -22.84
CA PRO A 882 26.25 19.26 -21.43
C PRO A 882 27.39 19.70 -20.50
N GLU A 883 28.57 20.02 -21.03
CA GLU A 883 29.64 20.50 -20.16
C GLU A 883 29.43 21.93 -19.68
N HIS A 884 28.52 22.67 -20.32
CA HIS A 884 28.33 24.08 -19.97
C HIS A 884 27.68 24.26 -18.61
N ARG A 885 28.03 25.34 -17.91
CA ARG A 885 27.44 25.60 -16.59
C ARG A 885 25.93 25.76 -16.65
N ILE A 886 25.40 26.43 -17.67
CA ILE A 886 23.96 26.62 -17.72
C ILE A 886 23.20 25.39 -18.24
N ALA A 887 23.96 24.36 -18.62
CA ALA A 887 23.38 23.04 -18.89
C ALA A 887 23.38 22.15 -17.63
N GLN A 888 23.93 22.67 -16.53
CA GLN A 888 24.13 21.84 -15.33
C GLN A 888 23.55 22.45 -14.05
N GLU A 889 23.65 23.77 -13.93
CA GLU A 889 23.29 24.45 -12.68
C GLU A 889 21.90 25.05 -12.74
N GLU A 890 21.11 24.82 -11.70
CA GLU A 890 19.74 25.32 -11.66
C GLU A 890 19.74 26.84 -11.51
N ILE A 891 19.18 27.54 -12.49
CA ILE A 891 19.20 28.99 -12.47
C ILE A 891 17.96 29.54 -11.78
N PHE A 892 16.85 28.81 -11.88
CA PHE A 892 15.59 29.21 -11.28
C PHE A 892 15.11 30.56 -11.80
N GLY A 893 15.25 30.77 -13.10
CA GLY A 893 14.82 32.02 -13.72
C GLY A 893 14.53 31.85 -15.20
N PRO A 894 14.17 32.95 -15.88
CA PRO A 894 13.70 32.82 -17.25
C PRO A 894 14.86 32.71 -18.25
N VAL A 895 15.72 31.70 -18.06
CA VAL A 895 16.84 31.43 -18.96
C VAL A 895 16.77 29.99 -19.46
N LEU A 896 16.49 29.84 -20.75
CA LEU A 896 16.32 28.53 -21.35
C LEU A 896 17.52 28.18 -22.23
N ALA A 897 18.14 27.04 -21.96
CA ALA A 897 19.26 26.55 -22.77
C ALA A 897 18.74 25.66 -23.89
N VAL A 898 19.18 25.93 -25.12
CA VAL A 898 18.79 25.09 -26.26
C VAL A 898 19.97 24.23 -26.69
N MET A 899 19.79 22.91 -26.71
CA MET A 899 20.85 21.97 -27.00
C MET A 899 20.53 21.15 -28.25
N ARG A 900 21.49 21.02 -29.16
CA ARG A 900 21.25 20.38 -30.45
C ARG A 900 21.77 18.94 -30.46
N ALA A 901 20.87 17.98 -30.43
CA ALA A 901 21.29 16.58 -30.37
C ALA A 901 21.40 15.93 -31.75
N LYS A 902 22.44 15.11 -31.94
CA LYS A 902 22.75 14.56 -33.25
C LYS A 902 21.84 13.40 -33.62
N ASP A 903 21.35 12.68 -32.60
CA ASP A 903 20.38 11.61 -32.80
C ASP A 903 19.62 11.37 -31.49
N PHE A 904 18.68 10.43 -31.50
CA PHE A 904 17.85 10.24 -30.31
C PHE A 904 18.62 9.64 -29.14
N ASP A 905 19.58 8.78 -29.43
CA ASP A 905 20.40 8.21 -28.35
C ASP A 905 21.17 9.31 -27.61
N GLN A 906 21.70 10.27 -28.36
CA GLN A 906 22.41 11.39 -27.73
C GLN A 906 21.44 12.30 -26.97
N ALA A 907 20.23 12.47 -27.50
CA ALA A 907 19.22 13.26 -26.79
C ALA A 907 18.96 12.68 -25.40
N ILE A 908 18.81 11.36 -25.31
CA ILE A 908 18.56 10.71 -24.01
C ILE A 908 19.77 10.84 -23.09
N GLU A 909 20.95 10.58 -23.65
CA GLU A 909 22.21 10.73 -22.92
C GLU A 909 22.35 12.14 -22.33
N TRP A 910 22.09 13.15 -23.16
CA TRP A 910 22.19 14.54 -22.73
C TRP A 910 21.13 14.87 -21.68
N ALA A 911 19.92 14.35 -21.86
CA ALA A 911 18.85 14.59 -20.88
C ALA A 911 19.28 14.06 -19.51
N ASN A 912 19.98 12.94 -19.53
CA ASN A 912 20.47 12.31 -18.31
C ASN A 912 21.82 12.82 -17.80
N SER A 913 22.34 13.91 -18.38
CA SER A 913 23.73 14.31 -18.09
C SER A 913 23.94 15.23 -16.87
N THR A 914 22.88 15.50 -16.11
CA THR A 914 23.00 16.40 -14.96
C THR A 914 22.94 15.59 -13.67
N GLN A 915 23.16 16.24 -12.54
CA GLN A 915 23.07 15.52 -11.27
C GLN A 915 21.64 15.49 -10.74
N PHE A 916 20.72 16.09 -11.48
CA PHE A 916 19.31 16.15 -11.09
C PHE A 916 18.44 15.15 -11.85
N ALA A 917 17.26 14.86 -11.31
CA ALA A 917 16.31 13.94 -11.93
C ALA A 917 14.89 14.23 -11.47
N LEU A 918 14.48 15.48 -11.59
CA LEU A 918 13.17 15.85 -11.06
C LEU A 918 12.05 15.67 -12.09
N THR A 919 12.02 16.50 -13.14
CA THR A 919 11.03 16.31 -14.19
C THR A 919 11.69 16.26 -15.54
N GLY A 920 10.91 15.88 -16.54
CA GLY A 920 11.42 15.83 -17.90
C GLY A 920 10.23 15.72 -18.83
N GLY A 921 10.44 16.07 -20.10
CA GLY A 921 9.38 15.99 -21.08
C GLY A 921 9.92 15.45 -22.39
N ILE A 922 9.03 14.87 -23.19
CA ILE A 922 9.42 14.50 -24.54
C ILE A 922 8.27 14.69 -25.50
N PHE A 923 8.54 15.41 -26.58
CA PHE A 923 7.57 15.49 -27.68
C PHE A 923 8.03 14.54 -28.77
N SER A 924 7.24 13.48 -28.96
CA SER A 924 7.55 12.47 -29.94
C SER A 924 6.30 11.69 -30.26
N ARG A 925 6.22 11.21 -31.50
CA ARG A 925 5.13 10.35 -31.91
C ARG A 925 5.68 9.04 -32.44
N SER A 926 6.84 8.66 -31.91
CA SER A 926 7.48 7.38 -32.25
C SER A 926 7.32 6.43 -31.06
N PRO A 927 6.61 5.30 -31.27
CA PRO A 927 6.39 4.34 -30.20
C PRO A 927 7.69 3.82 -29.62
N GLU A 928 8.66 3.56 -30.49
CA GLU A 928 9.96 3.09 -30.05
C GLU A 928 10.69 4.14 -29.21
N HIS A 929 10.66 5.40 -29.64
CA HIS A 929 11.37 6.43 -28.89
C HIS A 929 10.68 6.73 -27.56
N LEU A 930 9.35 6.68 -27.58
CA LEU A 930 8.57 6.89 -26.36
C LEU A 930 8.84 5.76 -25.36
N ALA A 931 9.01 4.54 -25.86
CA ALA A 931 9.30 3.40 -25.00
C ALA A 931 10.70 3.54 -24.39
N LYS A 932 11.66 3.96 -25.21
CA LYS A 932 13.00 4.19 -24.72
C LYS A 932 13.05 5.30 -23.66
N ALA A 933 12.30 6.38 -23.88
CA ALA A 933 12.25 7.46 -22.89
C ALA A 933 11.63 7.00 -21.57
N ARG A 934 10.54 6.24 -21.65
CA ARG A 934 9.87 5.76 -20.44
C ARG A 934 10.83 4.94 -19.60
N ARG A 935 11.67 4.15 -20.28
CA ARG A 935 12.63 3.31 -19.58
C ARG A 935 13.86 4.09 -19.11
N GLU A 936 14.44 4.91 -19.98
CA GLU A 936 15.76 5.49 -19.75
C GLU A 936 15.83 6.95 -19.29
N PHE A 937 14.79 7.73 -19.57
CA PHE A 937 14.78 9.13 -19.16
C PHE A 937 14.29 9.12 -17.71
N ARG A 938 15.21 8.79 -16.79
CA ARG A 938 14.81 8.43 -15.43
C ARG A 938 14.65 9.62 -14.49
N VAL A 939 13.59 10.40 -14.71
CA VAL A 939 13.26 11.49 -13.82
C VAL A 939 12.07 11.08 -12.95
N GLY A 940 11.83 11.78 -11.85
CA GLY A 940 10.70 11.46 -10.97
C GLY A 940 9.34 11.62 -11.63
N ASN A 941 9.25 12.57 -12.56
CA ASN A 941 8.00 12.81 -13.29
C ASN A 941 8.33 13.06 -14.74
N LEU A 942 8.07 12.07 -15.59
CA LEU A 942 8.33 12.23 -17.03
C LEU A 942 7.01 12.56 -17.73
N TYR A 943 6.99 13.61 -18.54
CA TYR A 943 5.78 13.96 -19.28
C TYR A 943 5.94 13.70 -20.78
N ILE A 944 4.91 13.10 -21.38
CA ILE A 944 4.94 12.78 -22.81
C ILE A 944 3.93 13.64 -23.56
N ASN A 945 4.43 14.42 -24.52
CA ASN A 945 3.57 15.29 -25.36
C ASN A 945 2.75 16.37 -24.64
N ARG A 946 3.34 16.94 -23.59
CA ARG A 946 2.75 18.09 -22.91
C ARG A 946 3.85 18.76 -22.10
N ASN A 947 3.52 19.90 -21.50
CA ASN A 947 4.50 20.60 -20.67
C ASN A 947 4.94 19.74 -19.49
N ASN A 948 6.12 20.01 -18.94
CA ASN A 948 6.59 19.18 -17.82
C ASN A 948 6.37 19.84 -16.47
N THR A 949 5.48 20.84 -16.43
CA THR A 949 5.16 21.54 -15.18
C THR A 949 3.71 21.28 -14.79
N GLY A 950 3.30 21.77 -13.62
CA GLY A 950 1.90 21.69 -13.24
C GLY A 950 1.39 20.34 -12.74
N ALA A 951 2.25 19.63 -12.01
CA ALA A 951 1.83 18.35 -11.42
C ALA A 951 0.60 18.55 -10.52
N LEU A 952 -0.34 17.61 -10.57
CA LEU A 952 -1.54 17.71 -9.74
C LEU A 952 -1.55 16.58 -8.72
N VAL A 953 -2.12 16.86 -7.56
CA VAL A 953 -2.25 15.87 -6.50
C VAL A 953 -2.97 14.62 -7.03
N GLU A 954 -2.47 13.45 -6.60
CA GLU A 954 -2.96 12.13 -7.01
C GLU A 954 -2.63 11.76 -8.46
N ARG A 955 -2.86 12.66 -9.39
CA ARG A 955 -2.56 12.37 -10.80
C ARG A 955 -1.06 12.36 -11.05
N GLN A 956 -0.37 13.36 -10.53
CA GLN A 956 1.08 13.39 -10.67
C GLN A 956 1.81 13.58 -9.33
N PRO A 957 1.81 12.53 -8.48
CA PRO A 957 2.64 12.60 -7.26
C PRO A 957 4.06 13.01 -7.65
N PHE A 958 4.60 13.99 -6.92
CA PHE A 958 5.72 14.77 -7.42
C PHE A 958 6.97 14.62 -6.58
N GLY A 959 8.10 14.36 -7.25
CA GLY A 959 9.37 14.29 -6.56
C GLY A 959 10.28 13.26 -7.21
N GLY A 960 11.57 13.34 -6.91
CA GLY A 960 12.55 12.45 -7.53
C GLY A 960 13.70 12.12 -6.59
N ALA A 961 14.72 11.48 -7.15
CA ALA A 961 15.90 11.11 -6.41
C ALA A 961 17.09 11.87 -6.98
N ARG A 962 18.24 11.20 -7.08
CA ARG A 962 19.52 11.84 -7.39
C ARG A 962 19.68 13.10 -6.51
N MET A 963 20.12 14.21 -7.08
CA MET A 963 20.24 15.43 -6.26
C MET A 963 18.94 16.25 -6.21
N SER A 964 17.85 15.67 -6.72
CA SER A 964 16.57 16.36 -6.72
C SER A 964 15.72 16.06 -5.50
N GLY A 965 16.12 15.05 -4.74
CA GLY A 965 15.39 14.74 -3.52
C GLY A 965 15.74 13.40 -2.90
N VAL A 966 14.91 12.96 -1.97
CA VAL A 966 15.15 11.69 -1.29
C VAL A 966 14.09 10.67 -1.65
N GLY A 967 13.41 10.88 -2.77
CA GLY A 967 12.46 9.89 -3.26
C GLY A 967 11.09 9.95 -2.60
N THR A 968 10.79 11.04 -1.92
CA THR A 968 9.45 11.23 -1.37
C THR A 968 8.60 11.96 -2.41
N LYS A 969 7.36 11.52 -2.61
CA LYS A 969 6.47 12.13 -3.61
C LYS A 969 5.22 12.75 -2.98
N ALA A 970 5.24 14.08 -2.83
CA ALA A 970 4.10 14.82 -2.33
C ALA A 970 2.90 14.57 -3.24
N GLY A 971 1.71 14.50 -2.64
CA GLY A 971 0.50 14.31 -3.40
C GLY A 971 0.31 12.90 -3.92
N GLY A 972 1.01 11.93 -3.33
CA GLY A 972 0.85 10.54 -3.69
C GLY A 972 0.60 9.60 -2.51
N PRO A 973 0.31 8.33 -2.81
CA PRO A 973 -0.13 7.37 -1.79
C PRO A 973 0.98 6.80 -0.91
N ASP A 974 2.24 7.20 -1.12
CA ASP A 974 3.32 6.74 -0.26
C ASP A 974 3.78 7.83 0.70
N TYR A 975 3.24 9.03 0.54
CA TYR A 975 3.83 10.20 1.16
C TYR A 975 3.63 10.26 2.67
N LEU A 976 2.41 10.03 3.15
CA LEU A 976 2.12 10.15 4.60
C LEU A 976 2.94 9.18 5.45
N LEU A 977 3.31 8.02 4.90
CA LEU A 977 4.08 7.05 5.68
C LEU A 977 5.42 7.62 6.13
N HIS A 978 5.94 8.58 5.37
CA HIS A 978 7.23 9.19 5.68
C HIS A 978 7.21 10.02 6.95
N PHE A 979 6.01 10.43 7.39
CA PHE A 979 5.88 11.26 8.58
C PHE A 979 5.57 10.41 9.81
N MET A 980 5.60 9.09 9.66
CA MET A 980 5.21 8.19 10.75
C MET A 980 6.16 7.00 10.87
N ASP A 981 5.99 6.21 11.91
CA ASP A 981 6.69 4.93 12.03
C ASP A 981 5.68 3.84 12.34
N PRO A 982 5.89 2.64 11.77
CA PRO A 982 4.95 1.53 11.98
C PRO A 982 5.17 0.87 13.32
N ARG A 983 4.10 0.32 13.87
CA ARG A 983 4.16 -0.47 15.09
C ARG A 983 3.36 -1.73 14.83
N VAL A 984 3.73 -2.81 15.49
CA VAL A 984 2.95 -4.04 15.46
C VAL A 984 2.62 -4.46 16.88
N VAL A 985 1.36 -4.75 17.15
CA VAL A 985 1.01 -5.42 18.41
C VAL A 985 0.59 -6.84 18.11
N THR A 986 1.23 -7.78 18.81
CA THR A 986 0.98 -9.20 18.62
C THR A 986 0.41 -9.80 19.90
N GLU A 987 -0.81 -10.35 19.82
CA GLU A 987 -1.44 -10.95 21.01
C GLU A 987 -1.66 -12.46 20.88
N ASN A 988 -1.16 -13.22 21.84
CA ASN A 988 -1.54 -14.63 21.97
C ASN A 988 -2.94 -14.66 22.57
N THR A 989 -3.92 -15.14 21.79
CA THR A 989 -5.32 -15.07 22.23
C THR A 989 -5.79 -16.36 22.87
N MET A 990 -4.89 -17.35 22.95
CA MET A 990 -5.26 -18.61 23.59
C MET A 990 -5.06 -18.57 25.11
N ARG A 991 -6.14 -18.83 25.85
CA ARG A 991 -6.09 -18.97 27.31
C ARG A 991 -6.65 -20.34 27.65
N ARG A 992 -5.91 -21.10 28.45
CA ARG A 992 -6.40 -22.36 28.99
C ARG A 992 -6.89 -23.29 27.87
N GLY A 993 -6.21 -23.23 26.73
CA GLY A 993 -6.47 -24.13 25.62
C GLY A 993 -7.58 -23.74 24.67
N PHE A 994 -8.05 -22.51 24.76
CA PHE A 994 -9.06 -22.02 23.81
C PHE A 994 -8.76 -20.61 23.35
N ALA A 995 -9.07 -20.36 22.09
CA ALA A 995 -8.89 -19.04 21.51
C ALA A 995 -10.11 -18.75 20.65
N PRO A 996 -10.53 -17.49 20.60
CA PRO A 996 -11.62 -17.11 19.69
C PRO A 996 -11.21 -17.37 18.24
N ILE A 997 -12.14 -17.86 17.42
CA ILE A 997 -11.87 -18.00 15.98
C ILE A 997 -12.16 -16.66 15.34
N GLU A 998 -11.18 -16.12 14.61
CA GLU A 998 -11.35 -14.84 13.94
C GLU A 998 -11.65 -15.06 12.47
N GLU A 999 -12.35 -14.11 11.85
CA GLU A 999 -12.84 -14.26 10.48
C GLU A 999 -11.77 -14.75 9.50
N ASP A 1000 -10.65 -14.05 9.44
CA ASP A 1000 -9.61 -14.36 8.44
C ASP A 1000 -8.55 -15.36 8.92
N ASP A 1001 -8.85 -16.10 9.98
CA ASP A 1001 -7.94 -17.14 10.44
C ASP A 1001 -7.79 -18.23 9.37
N ASP A 1002 -6.58 -18.75 9.18
CA ASP A 1002 -6.42 -20.04 8.54
C ASP A 1002 -6.95 -21.09 9.52
N TRP A 1003 -8.02 -21.78 9.14
CA TRP A 1003 -8.66 -22.74 10.04
C TRP A 1003 -9.08 -24.02 9.29
N VAL A 1004 -10.01 -24.79 9.86
CA VAL A 1004 -10.46 -26.05 9.27
C VAL A 1004 -11.88 -25.97 8.69
N ASN B 4 -21.18 -52.45 10.65
CA ASN B 4 -21.97 -53.62 10.33
C ASN B 4 -23.42 -53.52 10.84
N SER B 5 -24.34 -53.30 9.90
CA SER B 5 -25.76 -53.05 10.17
C SER B 5 -26.43 -53.80 11.35
N GLU B 6 -26.05 -55.06 11.55
CA GLU B 6 -26.63 -55.86 12.64
C GLU B 6 -26.12 -55.36 14.01
N LEU B 7 -24.80 -55.28 14.14
CA LEU B 7 -24.18 -54.76 15.36
C LEU B 7 -24.64 -53.33 15.61
N ASN B 8 -24.65 -52.52 14.55
CA ASN B 8 -25.04 -51.13 14.66
C ASN B 8 -26.46 -50.96 15.22
N THR B 9 -27.36 -51.85 14.83
CA THR B 9 -28.74 -51.79 15.29
C THR B 9 -28.85 -52.13 16.77
N LYS B 10 -28.01 -53.07 17.23
CA LYS B 10 -27.95 -53.39 18.65
C LYS B 10 -27.39 -52.22 19.45
N ILE B 11 -26.42 -51.52 18.86
CA ILE B 11 -25.81 -50.36 19.51
C ILE B 11 -26.85 -49.24 19.68
N VAL B 12 -27.56 -48.91 18.61
CA VAL B 12 -28.60 -47.87 18.64
C VAL B 12 -29.68 -48.17 19.67
N ASN B 13 -30.19 -49.40 19.68
CA ASN B 13 -31.20 -49.81 20.65
C ASN B 13 -30.66 -49.75 22.08
N ARG B 14 -29.42 -50.18 22.26
CA ARG B 14 -28.74 -50.07 23.54
C ARG B 14 -28.67 -48.61 23.96
N GLY B 15 -28.35 -47.73 23.01
CA GLY B 15 -28.32 -46.30 23.28
C GLY B 15 -29.69 -45.74 23.62
N LYS B 16 -30.72 -46.23 22.95
CA LYS B 16 -32.09 -45.78 23.18
C LYS B 16 -32.57 -46.16 24.58
N GLU B 17 -32.25 -47.38 25.00
CA GLU B 17 -32.57 -47.84 26.35
C GLU B 17 -31.93 -46.91 27.35
N PHE B 18 -30.67 -46.56 27.08
CA PHE B 18 -29.89 -45.70 27.96
C PHE B 18 -30.53 -44.33 28.13
N PHE B 19 -30.87 -43.68 27.01
CA PHE B 19 -31.59 -42.40 27.04
C PHE B 19 -32.92 -42.54 27.77
N GLY B 20 -33.58 -43.69 27.60
CA GLY B 20 -34.83 -43.97 28.29
C GLY B 20 -34.64 -44.02 29.79
N SER B 21 -33.55 -44.65 30.21
CA SER B 21 -33.26 -44.83 31.64
C SER B 21 -32.93 -43.51 32.36
N ILE B 22 -32.57 -42.49 31.58
CA ILE B 22 -32.12 -41.20 32.12
C ILE B 22 -33.28 -40.30 32.60
N SER B 23 -34.46 -40.51 32.01
CA SER B 23 -35.71 -39.87 32.45
C SER B 23 -35.75 -38.35 32.23
N GLY B 24 -35.00 -37.88 31.24
CA GLY B 24 -34.99 -36.46 30.92
C GLY B 24 -34.10 -35.63 31.85
N GLU B 25 -33.45 -36.27 32.81
CA GLU B 25 -32.56 -35.57 33.74
C GLU B 25 -31.43 -34.86 33.00
N LYS B 26 -31.10 -33.66 33.45
CA LYS B 26 -29.97 -32.93 32.90
C LYS B 26 -28.82 -32.86 33.90
N PRO B 27 -27.57 -32.89 33.41
CA PRO B 27 -26.42 -32.63 34.28
C PRO B 27 -26.53 -31.21 34.82
N SER B 28 -25.92 -30.93 35.97
CA SER B 28 -26.02 -29.61 36.60
C SER B 28 -25.66 -28.44 35.67
N LEU B 29 -24.67 -28.64 34.79
CA LEU B 29 -24.25 -27.58 33.88
C LEU B 29 -25.35 -27.17 32.90
N PHE B 30 -26.32 -28.05 32.69
CA PHE B 30 -27.44 -27.78 31.79
C PHE B 30 -28.74 -27.60 32.55
N ASN B 31 -28.65 -27.50 33.87
CA ASN B 31 -29.80 -27.22 34.71
C ASN B 31 -30.05 -25.71 34.72
N LYS B 32 -31.08 -25.28 33.99
CA LYS B 32 -31.38 -23.86 33.84
C LYS B 32 -32.03 -23.25 35.09
N GLY B 33 -32.19 -24.07 36.13
CA GLY B 33 -32.70 -23.58 37.40
C GLY B 33 -31.54 -23.25 38.33
N ALA B 34 -30.35 -23.70 37.94
CA ALA B 34 -29.13 -23.41 38.70
C ALA B 34 -28.36 -22.25 38.08
N TRP B 35 -27.54 -21.58 38.90
CA TRP B 35 -26.76 -20.45 38.44
C TRP B 35 -25.79 -20.84 37.34
N MET B 36 -25.07 -21.94 37.53
CA MET B 36 -24.10 -22.41 36.55
C MET B 36 -24.78 -22.78 35.23
N GLY B 37 -25.97 -23.34 35.34
CA GLY B 37 -26.76 -23.67 34.16
C GLY B 37 -27.13 -22.41 33.40
N LYS B 38 -27.48 -21.37 34.14
CA LYS B 38 -27.81 -20.09 33.52
C LYS B 38 -26.57 -19.47 32.88
N ALA B 39 -25.44 -19.53 33.56
CA ALA B 39 -24.20 -18.99 33.03
C ALA B 39 -23.78 -19.72 31.76
N MET B 40 -23.92 -21.04 31.76
CA MET B 40 -23.53 -21.80 30.57
C MET B 40 -24.56 -21.60 29.46
N ASP B 41 -25.82 -21.48 29.84
CA ASP B 41 -26.89 -21.22 28.88
C ASP B 41 -26.59 -19.94 28.09
N TRP B 42 -26.26 -18.87 28.81
CA TRP B 42 -25.96 -17.61 28.12
C TRP B 42 -24.63 -17.70 27.35
N SER B 43 -23.66 -18.40 27.91
CA SER B 43 -22.40 -18.63 27.19
C SER B 43 -22.62 -19.33 25.86
N MET B 44 -23.59 -20.24 25.83
CA MET B 44 -23.80 -21.05 24.64
C MET B 44 -24.58 -20.26 23.58
N GLN B 45 -25.38 -19.30 24.04
CA GLN B 45 -26.17 -18.43 23.16
C GLN B 45 -25.38 -17.24 22.62
N ASN B 46 -24.35 -16.83 23.36
CA ASN B 46 -23.66 -15.59 23.07
C ASN B 46 -22.15 -15.76 23.21
N GLU B 47 -21.46 -15.85 22.07
CA GLU B 47 -20.02 -16.16 22.03
C GLU B 47 -19.15 -15.11 22.72
N GLN B 48 -19.56 -13.84 22.67
CA GLN B 48 -18.80 -12.80 23.36
C GLN B 48 -18.86 -13.00 24.89
N PHE B 49 -20.03 -13.36 25.40
CA PHE B 49 -20.16 -13.60 26.83
C PHE B 49 -19.34 -14.82 27.24
N LYS B 50 -19.47 -15.89 26.46
CA LYS B 50 -18.67 -17.09 26.68
C LYS B 50 -17.19 -16.77 26.86
N ILE B 51 -16.66 -15.95 25.96
CA ILE B 51 -15.25 -15.60 26.01
C ILE B 51 -14.95 -14.81 27.28
N GLN B 52 -15.79 -13.82 27.57
CA GLN B 52 -15.64 -13.03 28.79
C GLN B 52 -15.73 -13.92 30.05
N MET B 53 -16.79 -14.71 30.15
CA MET B 53 -17.01 -15.59 31.30
C MET B 53 -15.85 -16.59 31.49
N PHE B 54 -15.47 -17.28 30.41
CA PHE B 54 -14.43 -18.30 30.54
C PHE B 54 -13.05 -17.70 30.85
N ARG B 55 -12.72 -16.56 30.26
CA ARG B 55 -11.45 -15.91 30.58
C ARG B 55 -11.49 -15.38 32.01
N PHE B 56 -12.67 -14.99 32.45
CA PHE B 56 -12.81 -14.50 33.82
C PHE B 56 -12.54 -15.63 34.82
N VAL B 57 -13.09 -16.81 34.54
CA VAL B 57 -12.84 -17.94 35.45
C VAL B 57 -11.34 -18.28 35.46
N ASP B 58 -10.70 -18.17 34.30
CA ASP B 58 -9.26 -18.43 34.18
C ASP B 58 -8.43 -17.48 35.06
N VAL B 59 -8.75 -16.19 35.04
CA VAL B 59 -7.98 -15.21 35.82
C VAL B 59 -8.41 -15.18 37.28
N PHE B 60 -9.62 -15.68 37.56
CA PHE B 60 -10.24 -15.61 38.89
C PHE B 60 -9.30 -15.92 40.08
N PRO B 61 -8.56 -17.03 40.03
CA PRO B 61 -7.76 -17.32 41.22
C PRO B 61 -6.60 -16.34 41.48
N SER B 62 -6.29 -15.45 40.54
CA SER B 62 -5.24 -14.47 40.81
CA SER B 62 -5.24 -14.45 40.76
C SER B 62 -5.83 -13.14 41.29
N LEU B 63 -7.15 -13.09 41.45
CA LEU B 63 -7.80 -11.87 41.92
C LEU B 63 -7.89 -11.89 43.45
N THR B 64 -6.74 -11.70 44.10
CA THR B 64 -6.61 -11.98 45.53
C THR B 64 -6.83 -10.78 46.45
N THR B 65 -7.06 -9.61 45.88
CA THR B 65 -7.45 -8.45 46.66
C THR B 65 -8.83 -7.95 46.21
N SER B 66 -9.49 -7.19 47.07
CA SER B 66 -10.81 -6.64 46.78
C SER B 66 -10.78 -5.73 45.54
N LYS B 67 -9.70 -4.98 45.37
CA LYS B 67 -9.56 -4.07 44.24
C LYS B 67 -9.36 -4.82 42.91
N LEU B 68 -8.54 -5.85 42.91
CA LEU B 68 -8.31 -6.63 41.68
C LEU B 68 -9.60 -7.28 41.24
N LEU B 69 -10.33 -7.83 42.21
CA LEU B 69 -11.57 -8.53 41.95
C LEU B 69 -12.64 -7.57 41.40
N THR B 70 -12.87 -6.47 42.11
CA THR B 70 -13.84 -5.47 41.70
C THR B 70 -13.55 -4.94 40.30
N GLU B 71 -12.28 -4.63 40.01
CA GLU B 71 -11.91 -4.06 38.73
C GLU B 71 -12.08 -5.04 37.58
N HIS B 72 -11.67 -6.28 37.79
CA HIS B 72 -11.77 -7.29 36.74
C HIS B 72 -13.22 -7.62 36.42
N ILE B 73 -14.08 -7.62 37.44
CA ILE B 73 -15.50 -7.86 37.22
C ILE B 73 -16.08 -6.79 36.29
N ARG B 74 -15.80 -5.53 36.60
CA ARG B 74 -16.21 -4.41 35.75
C ARG B 74 -15.60 -4.54 34.35
N GLU B 75 -14.31 -4.88 34.27
CA GLU B 75 -13.65 -4.97 32.97
C GLU B 75 -14.13 -6.13 32.10
N TYR B 76 -14.52 -7.23 32.72
CA TYR B 76 -14.94 -8.40 31.95
C TYR B 76 -16.42 -8.39 31.62
N PHE B 77 -17.24 -7.91 32.57
CA PHE B 77 -18.70 -8.01 32.46
C PHE B 77 -19.43 -6.68 32.37
N GLY B 78 -18.70 -5.58 32.51
CA GLY B 78 -19.32 -4.26 32.46
C GLY B 78 -19.94 -3.84 33.78
N ASN B 79 -20.63 -2.71 33.79
CA ASN B 79 -21.32 -2.25 34.99
C ASN B 79 -22.56 -3.10 35.26
N GLU B 80 -23.07 -3.04 36.49
CA GLU B 80 -24.18 -3.90 36.92
C GLU B 80 -25.40 -3.85 36.01
N GLN B 81 -25.77 -2.64 35.58
CA GLN B 81 -26.97 -2.45 34.78
C GLN B 81 -26.91 -3.16 33.42
N ASP B 82 -25.70 -3.55 33.00
CA ASP B 82 -25.50 -4.14 31.67
C ASP B 82 -25.10 -5.62 31.70
N MET B 83 -25.10 -6.21 32.89
CA MET B 83 -24.84 -7.64 33.03
C MET B 83 -26.14 -8.42 32.82
N PRO B 84 -26.03 -9.73 32.53
CA PRO B 84 -27.24 -10.56 32.49
C PRO B 84 -27.89 -10.65 33.88
N ALA B 85 -29.18 -10.97 33.93
CA ALA B 85 -29.92 -10.97 35.18
C ALA B 85 -29.40 -11.98 36.21
N PHE B 86 -29.06 -13.18 35.74
CA PHE B 86 -28.56 -14.23 36.63
C PHE B 86 -27.32 -13.76 37.40
N MET B 87 -26.61 -12.81 36.80
CA MET B 87 -25.51 -12.15 37.49
C MET B 87 -26.10 -11.12 38.44
N ALA B 103 -18.22 -5.47 48.45
CA ALA B 103 -19.14 -5.48 47.32
C ALA B 103 -19.96 -6.76 47.27
N VAL B 104 -21.29 -6.61 47.21
CA VAL B 104 -22.19 -7.76 47.15
C VAL B 104 -21.95 -8.58 45.89
N LEU B 105 -21.69 -7.88 44.79
CA LEU B 105 -21.43 -8.53 43.51
C LEU B 105 -20.20 -9.43 43.58
N ASN B 106 -19.12 -8.93 44.18
CA ASN B 106 -17.92 -9.74 44.44
C ASN B 106 -18.29 -11.05 45.16
N LYS B 107 -19.14 -10.94 46.17
CA LYS B 107 -19.54 -12.10 46.97
C LYS B 107 -20.32 -13.14 46.16
N VAL B 108 -21.34 -12.70 45.44
CA VAL B 108 -22.19 -13.60 44.66
C VAL B 108 -21.42 -14.30 43.54
N LEU B 109 -20.56 -13.54 42.85
CA LEU B 109 -19.71 -14.11 41.81
C LEU B 109 -18.71 -15.11 42.40
N THR B 110 -18.02 -14.71 43.47
CA THR B 110 -17.02 -15.58 44.09
C THR B 110 -17.63 -16.89 44.57
N SER B 111 -18.79 -16.80 45.22
CA SER B 111 -19.42 -17.99 45.78
C SER B 111 -19.87 -18.93 44.66
N ASN B 112 -20.46 -18.38 43.60
CA ASN B 112 -20.95 -19.22 42.51
C ASN B 112 -19.83 -19.90 41.72
N ILE B 113 -18.74 -19.18 41.49
CA ILE B 113 -17.61 -19.74 40.76
C ILE B 113 -16.91 -20.82 41.58
N GLU B 114 -16.71 -20.56 42.87
CA GLU B 114 -16.12 -21.55 43.75
C GLU B 114 -16.99 -22.78 43.81
N GLU B 115 -18.31 -22.58 43.86
CA GLU B 115 -19.26 -23.70 43.83
C GLU B 115 -19.11 -24.52 42.54
N MET B 116 -18.95 -23.87 41.40
CA MET B 116 -18.81 -24.62 40.14
C MET B 116 -17.55 -25.46 40.17
N ALA B 117 -16.47 -24.90 40.70
CA ALA B 117 -15.18 -25.59 40.71
C ALA B 117 -15.21 -26.81 41.64
N ARG B 118 -15.89 -26.68 42.78
CA ARG B 118 -15.99 -27.79 43.73
C ARG B 118 -16.80 -28.96 43.16
N GLN B 119 -17.69 -28.65 42.22
CA GLN B 119 -18.48 -29.65 41.50
C GLN B 119 -17.59 -30.72 40.83
N PHE B 120 -16.37 -30.32 40.44
CA PHE B 120 -15.47 -31.19 39.67
C PHE B 120 -14.28 -31.73 40.48
N ILE B 121 -14.24 -31.43 41.77
CA ILE B 121 -13.08 -31.74 42.60
C ILE B 121 -13.51 -32.50 43.85
N VAL B 122 -12.81 -33.57 44.21
CA VAL B 122 -13.20 -34.40 45.37
C VAL B 122 -12.73 -33.85 46.72
N GLY B 123 -11.93 -32.79 46.68
CA GLY B 123 -11.47 -32.16 47.90
C GLY B 123 -10.26 -31.27 47.70
N GLU B 124 -9.86 -30.55 48.75
CA GLU B 124 -8.70 -29.69 48.66
C GLU B 124 -7.48 -30.29 49.37
N THR B 125 -7.73 -31.17 50.32
CA THR B 125 -6.65 -31.89 51.02
C THR B 125 -6.79 -33.41 50.85
N THR B 126 -5.69 -34.12 51.10
CA THR B 126 -5.67 -35.58 51.01
C THR B 126 -6.73 -36.24 51.89
N LYS B 127 -6.81 -35.81 53.15
CA LYS B 127 -7.78 -36.36 54.09
C LYS B 127 -9.22 -36.16 53.61
N GLU B 128 -9.49 -34.98 53.05
CA GLU B 128 -10.81 -34.69 52.51
C GLU B 128 -11.10 -35.55 51.28
N ALA B 129 -10.13 -35.61 50.38
CA ALA B 129 -10.24 -36.45 49.19
C ALA B 129 -10.55 -37.89 49.60
N VAL B 130 -9.80 -38.43 50.54
CA VAL B 130 -10.04 -39.81 51.00
C VAL B 130 -11.45 -40.02 51.57
N LYS B 131 -11.90 -39.08 52.41
CA LYS B 131 -13.24 -39.18 52.97
C LYS B 131 -14.30 -39.20 51.87
N ASN B 132 -14.11 -38.36 50.87
CA ASN B 132 -15.07 -38.23 49.79
C ASN B 132 -15.10 -39.41 48.82
N LEU B 133 -13.93 -40.00 48.57
CA LEU B 133 -13.80 -41.21 47.77
C LEU B 133 -14.51 -42.39 48.43
N GLU B 134 -14.41 -42.47 49.75
CA GLU B 134 -15.07 -43.52 50.50
C GLU B 134 -16.59 -43.37 50.48
N LYS B 135 -17.06 -42.13 50.47
CA LYS B 135 -18.48 -41.88 50.25
C LYS B 135 -18.88 -42.39 48.88
N LEU B 136 -18.03 -42.13 47.89
CA LEU B 136 -18.31 -42.54 46.51
C LEU B 136 -18.44 -44.05 46.40
N ARG B 137 -17.55 -44.76 47.11
CA ARG B 137 -17.62 -46.23 47.17
C ARG B 137 -18.96 -46.70 47.72
N LYS B 138 -19.42 -46.09 48.81
CA LYS B 138 -20.69 -46.48 49.41
C LYS B 138 -21.85 -46.30 48.42
N ASP B 139 -21.68 -45.40 47.45
CA ASP B 139 -22.68 -45.19 46.41
C ASP B 139 -22.42 -46.05 45.16
N GLY B 140 -21.39 -46.88 45.20
CA GLY B 140 -21.15 -47.86 44.15
C GLY B 140 -20.10 -47.48 43.13
N PHE B 141 -19.45 -46.34 43.33
CA PHE B 141 -18.47 -45.86 42.36
C PHE B 141 -17.03 -46.13 42.79
N ALA B 142 -16.21 -46.58 41.83
CA ALA B 142 -14.78 -46.73 42.06
C ALA B 142 -14.13 -45.41 41.68
N ALA B 143 -12.85 -45.25 41.97
CA ALA B 143 -12.16 -44.01 41.62
C ALA B 143 -10.78 -44.20 41.01
N VAL B 144 -10.36 -43.20 40.24
CA VAL B 144 -8.95 -43.02 39.94
C VAL B 144 -8.63 -41.60 40.35
N VAL B 145 -7.63 -41.44 41.21
CA VAL B 145 -7.36 -40.14 41.81
C VAL B 145 -6.25 -39.39 41.09
N ASP B 146 -6.46 -38.09 40.90
CA ASP B 146 -5.48 -37.25 40.21
C ASP B 146 -5.15 -36.06 41.11
N VAL B 147 -3.89 -35.62 41.10
CA VAL B 147 -3.46 -34.52 41.95
C VAL B 147 -3.44 -33.24 41.13
N LEU B 148 -4.29 -32.29 41.48
CA LEU B 148 -4.30 -30.99 40.79
C LEU B 148 -2.98 -30.27 41.05
N GLY B 149 -2.47 -29.58 40.04
CA GLY B 149 -1.27 -28.79 40.25
C GLY B 149 -1.06 -27.79 39.14
N GLU B 150 -0.48 -26.66 39.48
CA GLU B 150 -0.01 -25.72 38.48
C GLU B 150 1.06 -26.40 37.65
N ALA B 151 1.37 -25.81 36.50
CA ALA B 151 2.42 -26.34 35.65
C ALA B 151 3.69 -26.50 36.49
N THR B 152 4.41 -27.61 36.30
CA THR B 152 5.68 -27.84 37.01
C THR B 152 6.79 -27.06 36.32
N LEU B 153 7.36 -26.07 37.02
CA LEU B 153 8.39 -25.21 36.43
C LEU B 153 9.76 -25.38 37.07
N SER B 154 9.90 -26.30 38.02
CA SER B 154 11.18 -26.48 38.71
C SER B 154 11.29 -27.88 39.28
N GLU B 155 12.48 -28.25 39.73
CA GLU B 155 12.66 -29.57 40.33
C GLU B 155 11.94 -29.64 41.67
N GLU B 156 11.94 -28.53 42.41
CA GLU B 156 11.20 -28.49 43.67
C GLU B 156 9.70 -28.70 43.43
N GLU B 157 9.17 -28.13 42.35
CA GLU B 157 7.74 -28.31 42.06
C GLU B 157 7.45 -29.76 41.63
N ALA B 158 8.36 -30.34 40.85
CA ALA B 158 8.24 -31.74 40.44
C ALA B 158 8.28 -32.64 41.67
N GLU B 159 9.11 -32.27 42.64
CA GLU B 159 9.20 -33.06 43.87
C GLU B 159 7.95 -32.94 44.74
N VAL B 160 7.38 -31.73 44.82
CA VAL B 160 6.14 -31.52 45.56
C VAL B 160 4.98 -32.34 44.96
N TYR B 161 4.94 -32.38 43.63
CA TYR B 161 3.91 -33.14 42.93
C TYR B 161 4.10 -34.63 43.19
N THR B 162 5.34 -35.10 43.06
CA THR B 162 5.67 -36.50 43.31
C THR B 162 5.30 -36.89 44.74
N ASN B 163 5.71 -36.05 45.68
CA ASN B 163 5.48 -36.33 47.09
C ASN B 163 4.00 -36.31 47.48
N THR B 164 3.19 -35.57 46.73
CA THR B 164 1.74 -35.55 47.00
C THR B 164 1.12 -36.91 46.67
N TYR B 165 1.54 -37.49 45.54
CA TYR B 165 1.08 -38.85 45.21
C TYR B 165 1.52 -39.85 46.27
N LEU B 166 2.76 -39.73 46.75
CA LEU B 166 3.27 -40.64 47.78
C LEU B 166 2.46 -40.46 49.06
N GLU B 167 2.15 -39.20 49.39
CA GLU B 167 1.32 -38.91 50.56
C GLU B 167 -0.06 -39.53 50.38
N LEU B 168 -0.62 -39.39 49.18
CA LEU B 168 -1.95 -39.92 48.89
C LEU B 168 -1.95 -41.43 49.02
N LEU B 169 -0.92 -42.06 48.47
CA LEU B 169 -0.82 -43.52 48.54
C LEU B 169 -0.66 -44.03 49.98
N GLU B 170 0.10 -43.34 50.80
CA GLU B 170 0.25 -43.77 52.18
C GLU B 170 -1.10 -43.69 52.93
N ALA B 171 -1.89 -42.66 52.64
CA ALA B 171 -3.21 -42.53 53.26
C ALA B 171 -4.16 -43.62 52.77
N LEU B 172 -4.14 -43.90 51.47
CA LEU B 172 -5.01 -44.93 50.90
C LEU B 172 -4.61 -46.34 51.38
N LYS B 173 -3.31 -46.55 51.53
CA LYS B 173 -2.79 -47.80 52.07
C LYS B 173 -3.43 -48.15 53.42
N LYS B 174 -3.58 -47.16 54.29
CA LYS B 174 -4.18 -47.39 55.61
C LYS B 174 -5.70 -47.61 55.55
N GLU B 175 -6.34 -47.15 54.48
CA GLU B 175 -7.80 -47.16 54.39
C GLU B 175 -8.36 -48.38 53.67
N GLN B 176 -7.64 -48.84 52.66
CA GLN B 176 -8.20 -49.81 51.72
C GLN B 176 -8.56 -51.18 52.32
N GLY B 177 -7.86 -51.56 53.39
CA GLY B 177 -8.17 -52.81 54.07
C GLY B 177 -9.56 -52.81 54.67
N SER B 178 -10.06 -51.61 55.00
CA SER B 178 -11.38 -51.48 55.62
C SER B 178 -12.47 -51.39 54.56
N TRP B 179 -12.08 -51.51 53.29
CA TRP B 179 -13.00 -51.35 52.18
C TRP B 179 -13.45 -52.70 51.63
N LYS B 180 -14.75 -52.97 51.68
CA LYS B 180 -15.30 -54.13 50.99
C LYS B 180 -15.23 -53.88 49.48
N GLY B 181 -14.83 -54.90 48.71
CA GLY B 181 -14.77 -54.76 47.27
C GLY B 181 -16.13 -54.46 46.68
N LEU B 182 -16.17 -53.59 45.69
CA LEU B 182 -17.42 -53.29 45.00
C LEU B 182 -17.98 -54.56 44.38
N PRO B 183 -19.32 -54.72 44.44
CA PRO B 183 -19.99 -55.94 43.98
C PRO B 183 -19.77 -56.22 42.48
N GLY B 184 -19.38 -57.45 42.19
CA GLY B 184 -19.18 -57.90 40.81
C GLY B 184 -19.91 -59.21 40.59
N LYS B 185 -19.75 -59.79 39.41
CA LYS B 185 -20.45 -61.04 39.08
C LYS B 185 -19.63 -62.26 39.45
N GLY B 186 -18.34 -62.05 39.74
CA GLY B 186 -17.44 -63.14 40.09
C GLY B 186 -16.07 -62.63 40.48
N GLY B 187 -15.10 -63.52 40.59
CA GLY B 187 -13.75 -63.12 40.96
C GLY B 187 -13.46 -63.12 42.46
N ASP B 188 -12.65 -62.16 42.89
CA ASP B 188 -12.12 -62.07 44.25
C ASP B 188 -12.89 -61.00 45.05
N PRO B 189 -13.53 -61.41 46.16
CA PRO B 189 -14.41 -60.50 46.90
C PRO B 189 -13.66 -59.35 47.58
N GLY B 190 -12.34 -59.43 47.66
CA GLY B 190 -11.56 -58.35 48.21
C GLY B 190 -11.19 -57.30 47.18
N LEU B 191 -11.53 -57.57 45.92
CA LEU B 191 -11.22 -56.65 44.83
C LEU B 191 -12.50 -56.06 44.24
N ASP B 192 -12.40 -54.88 43.62
CA ASP B 192 -13.58 -54.22 43.07
C ASP B 192 -14.14 -54.99 41.87
N TRP B 193 -15.43 -55.28 41.93
CA TRP B 193 -16.11 -56.09 40.91
C TRP B 193 -15.51 -57.49 40.83
N GLY B 194 -14.70 -57.84 41.83
CA GLY B 194 -14.07 -59.14 41.88
C GLY B 194 -12.68 -59.22 41.28
N HIS B 195 -12.18 -58.11 40.69
CA HIS B 195 -10.92 -58.16 39.96
C HIS B 195 -10.07 -56.89 39.98
N ALA B 196 -10.69 -55.72 40.13
CA ALA B 196 -9.94 -54.46 40.02
C ALA B 196 -9.33 -54.00 41.35
N PRO B 197 -8.05 -53.56 41.30
CA PRO B 197 -7.41 -53.02 42.50
C PRO B 197 -8.20 -51.82 43.03
N LYS B 198 -8.33 -51.71 44.36
CA LYS B 198 -9.16 -50.65 44.95
C LYS B 198 -8.54 -49.27 44.86
N VAL B 199 -7.22 -49.23 44.78
CA VAL B 199 -6.51 -47.96 44.68
C VAL B 199 -5.99 -47.76 43.26
N ASN B 200 -6.38 -46.65 42.65
CA ASN B 200 -6.09 -46.38 41.25
C ASN B 200 -5.75 -44.90 41.15
N ILE B 201 -4.58 -44.57 40.65
CA ILE B 201 -4.18 -43.17 40.51
C ILE B 201 -3.71 -42.87 39.09
N ALA B 202 -3.81 -41.59 38.73
CA ALA B 202 -3.40 -41.15 37.40
C ALA B 202 -2.41 -40.03 37.60
N VAL B 203 -1.30 -40.08 36.86
CA VAL B 203 -0.23 -39.08 36.99
C VAL B 203 -0.01 -38.39 35.65
N LYS B 204 0.17 -37.07 35.65
CA LYS B 204 0.54 -36.35 34.43
C LYS B 204 2.07 -36.32 34.30
N PRO B 205 2.63 -37.04 33.29
CA PRO B 205 4.08 -37.23 33.16
C PRO B 205 4.91 -35.94 33.10
N THR B 206 4.47 -34.92 32.34
CA THR B 206 5.26 -33.69 32.22
C THR B 206 5.26 -32.88 33.50
N ALA B 207 4.35 -33.20 34.41
CA ALA B 207 4.42 -32.55 35.72
C ALA B 207 5.61 -33.09 36.54
N LEU B 208 6.27 -34.13 36.03
CA LEU B 208 7.40 -34.74 36.70
C LEU B 208 8.75 -34.20 36.19
N PHE B 209 8.71 -33.33 35.19
CA PHE B 209 9.93 -32.76 34.63
C PHE B 209 9.63 -31.45 33.92
N CYS B 210 10.14 -30.36 34.49
CA CYS B 210 9.79 -29.02 34.01
C CYS B 210 10.39 -28.67 32.64
N LEU B 211 11.38 -29.42 32.19
CA LEU B 211 11.97 -29.15 30.88
C LEU B 211 11.65 -30.23 29.86
N ALA B 212 10.57 -30.99 30.09
CA ALA B 212 10.16 -32.04 29.16
C ALA B 212 10.02 -31.47 27.74
N ASN B 213 10.80 -32.02 26.81
CA ASN B 213 10.92 -31.47 25.45
C ASN B 213 11.55 -32.53 24.55
N PRO B 214 10.88 -32.87 23.44
CA PRO B 214 11.43 -33.91 22.55
C PRO B 214 12.74 -33.48 21.89
N GLN B 215 13.05 -32.19 21.95
CA GLN B 215 14.36 -31.74 21.48
C GLN B 215 15.46 -32.41 22.32
N ASP B 216 15.20 -32.63 23.60
CA ASP B 216 16.07 -33.45 24.43
C ASP B 216 15.29 -34.71 24.76
N PHE B 217 15.13 -35.59 23.78
CA PHE B 217 14.23 -36.74 23.92
C PHE B 217 14.64 -37.69 25.06
N GLU B 218 15.89 -38.14 25.04
CA GLU B 218 16.34 -39.12 26.03
C GLU B 218 16.37 -38.54 27.45
N GLY B 219 16.82 -37.30 27.57
CA GLY B 219 16.87 -36.66 28.88
C GLY B 219 15.49 -36.49 29.49
N SER B 220 14.50 -36.27 28.63
CA SER B 220 13.12 -36.06 29.06
C SER B 220 12.51 -37.39 29.50
N VAL B 221 12.73 -38.44 28.71
CA VAL B 221 12.24 -39.76 29.08
C VAL B 221 12.81 -40.17 30.44
N VAL B 222 14.12 -40.03 30.61
CA VAL B 222 14.79 -40.45 31.85
C VAL B 222 14.29 -39.70 33.10
N ALA B 223 14.19 -38.38 32.99
CA ALA B 223 13.81 -37.57 34.13
C ALA B 223 12.39 -37.87 34.59
N ILE B 224 11.49 -38.02 33.64
CA ILE B 224 10.12 -38.40 33.94
C ILE B 224 10.06 -39.83 34.46
N LEU B 225 10.71 -40.75 33.75
CA LEU B 225 10.76 -42.16 34.18
C LEU B 225 11.21 -42.31 35.62
N ASP B 226 12.26 -41.58 36.01
CA ASP B 226 12.82 -41.72 37.36
C ASP B 226 11.82 -41.36 38.48
N ARG B 227 11.04 -40.29 38.28
CA ARG B 227 10.01 -39.95 39.27
C ARG B 227 8.80 -40.87 39.16
N MET B 228 8.42 -41.24 37.93
CA MET B 228 7.30 -42.15 37.73
C MET B 228 7.61 -43.48 38.43
N ARG B 229 8.87 -43.92 38.35
CA ARG B 229 9.29 -45.18 38.99
C ARG B 229 9.09 -45.13 40.50
N ARG B 230 9.42 -44.00 41.12
CA ARG B 230 9.24 -43.84 42.56
C ARG B 230 7.78 -43.94 42.96
N ILE B 231 6.92 -43.28 42.21
CA ILE B 231 5.49 -43.39 42.47
C ILE B 231 5.02 -44.83 42.25
N PHE B 232 5.47 -45.43 41.16
CA PHE B 232 5.04 -46.78 40.78
C PHE B 232 5.39 -47.83 41.84
N LYS B 233 6.61 -47.75 42.40
CA LYS B 233 7.00 -48.69 43.45
C LYS B 233 6.04 -48.63 44.64
N LYS B 234 5.59 -47.43 44.97
CA LYS B 234 4.64 -47.27 46.07
C LYS B 234 3.26 -47.81 45.69
N VAL B 235 2.86 -47.61 44.43
CA VAL B 235 1.63 -48.20 43.92
C VAL B 235 1.68 -49.71 44.01
N MET B 236 2.79 -50.30 43.56
CA MET B 236 2.94 -51.75 43.56
C MET B 236 2.93 -52.30 44.99
N GLU B 237 3.50 -51.53 45.91
CA GLU B 237 3.57 -51.91 47.33
C GLU B 237 2.18 -52.11 47.95
N LEU B 238 1.16 -51.44 47.43
CA LEU B 238 -0.19 -51.68 47.93
C LEU B 238 -1.10 -52.36 46.90
N ASN B 239 -0.48 -52.98 45.89
CA ASN B 239 -1.21 -53.69 44.84
C ASN B 239 -2.21 -52.81 44.10
N GLY B 240 -1.82 -51.56 43.85
CA GLY B 240 -2.70 -50.60 43.22
C GLY B 240 -2.48 -50.49 41.73
N PHE B 241 -3.24 -49.60 41.10
CA PHE B 241 -3.14 -49.35 39.67
C PHE B 241 -2.57 -47.95 39.42
N LEU B 242 -1.61 -47.85 38.50
CA LEU B 242 -1.09 -46.55 38.07
C LEU B 242 -1.43 -46.35 36.60
N CYS B 243 -2.05 -45.22 36.30
CA CYS B 243 -2.31 -44.86 34.91
C CYS B 243 -1.42 -43.70 34.51
N ILE B 244 -0.63 -43.88 33.45
CA ILE B 244 0.12 -42.78 32.89
C ILE B 244 -0.77 -42.00 31.89
N ASP B 245 -1.17 -40.79 32.27
CA ASP B 245 -2.04 -39.96 31.44
C ASP B 245 -1.31 -39.44 30.21
N MET B 246 -2.08 -39.01 29.20
CA MET B 246 -1.48 -38.52 27.95
C MET B 246 -1.74 -37.02 27.82
N GLU B 247 -0.70 -36.26 27.53
CA GLU B 247 -0.87 -34.82 27.43
C GLU B 247 -0.77 -34.39 25.97
N SER B 248 -0.16 -33.25 25.68
CA SER B 248 -0.23 -32.70 24.32
C SER B 248 0.67 -33.49 23.36
N TYR B 249 0.44 -33.29 22.06
CA TYR B 249 1.11 -34.08 21.03
C TYR B 249 2.64 -33.97 21.14
N ARG B 250 3.10 -32.80 21.57
CA ARG B 250 4.53 -32.53 21.76
C ARG B 250 5.24 -33.59 22.61
N HIS B 251 4.53 -34.18 23.56
CA HIS B 251 5.15 -35.11 24.49
C HIS B 251 4.65 -36.53 24.32
N LYS B 252 3.80 -36.76 23.31
CA LYS B 252 3.20 -38.08 23.13
C LYS B 252 4.24 -39.20 22.99
N GLU B 253 5.26 -39.00 22.14
CA GLU B 253 6.29 -40.05 21.96
C GLU B 253 7.12 -40.25 23.23
N ILE B 254 7.43 -39.15 23.92
CA ILE B 254 8.16 -39.25 25.19
C ILE B 254 7.37 -40.11 26.18
N ILE B 255 6.08 -39.81 26.30
CA ILE B 255 5.24 -40.49 27.27
C ILE B 255 5.06 -41.97 26.94
N LEU B 256 4.91 -42.28 25.65
CA LEU B 256 4.84 -43.68 25.24
C LEU B 256 6.12 -44.45 25.61
N GLU B 257 7.28 -43.80 25.45
CA GLU B 257 8.55 -44.44 25.76
C GLU B 257 8.70 -44.63 27.27
N VAL B 258 8.24 -43.64 28.04
CA VAL B 258 8.23 -43.76 29.49
C VAL B 258 7.43 -45.00 29.91
N PHE B 259 6.21 -45.13 29.40
CA PHE B 259 5.36 -46.29 29.69
C PHE B 259 6.06 -47.61 29.35
N ARG B 260 6.56 -47.71 28.13
CA ARG B 260 7.22 -48.93 27.67
C ARG B 260 8.38 -49.35 28.59
N ARG B 261 9.21 -48.39 28.99
CA ARG B 261 10.37 -48.70 29.82
C ARG B 261 9.94 -49.14 31.22
N LEU B 262 9.00 -48.41 31.81
CA LEU B 262 8.49 -48.77 33.15
C LEU B 262 7.83 -50.14 33.13
N LYS B 263 7.06 -50.41 32.09
CA LYS B 263 6.41 -51.72 31.96
C LYS B 263 7.46 -52.84 31.91
N LEU B 264 8.53 -52.62 31.14
CA LEU B 264 9.57 -53.64 31.03
C LEU B 264 10.39 -53.83 32.31
N GLU B 265 10.48 -52.79 33.14
CA GLU B 265 11.18 -52.92 34.42
C GLU B 265 10.38 -53.80 35.37
N TYR B 266 9.06 -53.82 35.19
CA TYR B 266 8.17 -54.64 36.01
C TYR B 266 7.20 -55.42 35.12
N ARG B 267 7.74 -56.35 34.37
CA ARG B 267 7.02 -57.00 33.35
C ARG B 267 5.93 -57.93 33.86
N ASP B 268 6.01 -58.25 35.13
CA ASP B 268 5.04 -59.16 35.75
C ASP B 268 3.91 -58.41 36.47
N TYR B 269 4.05 -57.10 36.63
CA TYR B 269 3.02 -56.32 37.32
C TYR B 269 1.97 -55.79 36.34
N PRO B 270 0.73 -56.29 36.47
CA PRO B 270 -0.30 -56.06 35.46
C PRO B 270 -1.00 -54.70 35.56
N HIS B 271 -0.96 -54.05 36.71
CA HIS B 271 -1.79 -52.87 36.93
C HIS B 271 -1.09 -51.57 36.56
N LEU B 272 -0.67 -51.47 35.30
CA LEU B 272 -0.06 -50.26 34.78
C LEU B 272 -0.73 -49.88 33.48
N GLY B 273 -1.24 -48.65 33.40
CA GLY B 273 -1.99 -48.24 32.22
C GLY B 273 -1.41 -47.04 31.49
N ILE B 274 -1.81 -46.88 30.24
CA ILE B 274 -1.40 -45.73 29.44
C ILE B 274 -2.67 -45.16 28.80
N VAL B 275 -2.72 -43.84 28.63
CA VAL B 275 -3.81 -43.22 27.89
C VAL B 275 -3.45 -43.10 26.42
N LEU B 276 -4.37 -43.46 25.53
CA LEU B 276 -4.19 -43.18 24.09
C LEU B 276 -5.37 -42.34 23.63
N GLN B 277 -5.12 -41.42 22.70
CA GLN B 277 -6.14 -40.46 22.26
C GLN B 277 -6.64 -40.72 20.83
N ALA B 278 -7.92 -41.06 20.72
CA ALA B 278 -8.54 -41.39 19.44
C ALA B 278 -8.63 -40.20 18.49
N TYR B 279 -8.46 -38.98 18.98
CA TYR B 279 -8.49 -37.85 18.05
C TYR B 279 -7.19 -37.67 17.25
N LEU B 280 -6.15 -38.45 17.59
CA LEU B 280 -4.88 -38.35 16.85
C LEU B 280 -4.89 -39.23 15.61
N LYS B 281 -4.45 -38.67 14.49
CA LYS B 281 -4.32 -39.47 13.28
C LYS B 281 -3.31 -40.60 13.53
N ASP B 282 -2.31 -40.30 14.36
CA ASP B 282 -1.30 -41.29 14.72
C ASP B 282 -1.86 -42.51 15.47
N ASN B 283 -3.05 -42.39 16.05
CA ASN B 283 -3.45 -43.40 17.05
C ASN B 283 -3.72 -44.80 16.53
N ASP B 284 -4.21 -44.94 15.30
CA ASP B 284 -4.39 -46.27 14.74
C ASP B 284 -3.04 -46.99 14.72
N LYS B 285 -2.02 -46.29 14.22
CA LYS B 285 -0.68 -46.86 14.18
C LYS B 285 -0.09 -47.04 15.58
N ASP B 286 -0.28 -46.04 16.46
CA ASP B 286 0.29 -46.12 17.81
C ASP B 286 -0.30 -47.29 18.58
N LEU B 287 -1.62 -47.48 18.47
CA LEU B 287 -2.30 -48.60 19.13
C LEU B 287 -1.81 -49.95 18.63
N ASP B 288 -1.69 -50.08 17.31
CA ASP B 288 -1.27 -51.33 16.70
C ASP B 288 0.17 -51.65 17.09
N ASP B 289 1.03 -50.63 17.06
CA ASP B 289 2.43 -50.77 17.48
C ASP B 289 2.56 -51.21 18.92
N LEU B 290 1.78 -50.58 19.81
CA LEU B 290 1.81 -50.91 21.23
C LEU B 290 1.40 -52.35 21.50
N LEU B 291 0.31 -52.79 20.87
CA LEU B 291 -0.12 -54.18 20.98
C LEU B 291 0.91 -55.18 20.45
N ALA B 292 1.54 -54.84 19.32
CA ALA B 292 2.55 -55.71 18.73
C ALA B 292 3.75 -55.77 19.68
N TRP B 293 4.09 -54.60 20.22
CA TRP B 293 5.17 -54.48 21.20
C TRP B 293 4.90 -55.36 22.42
N ALA B 294 3.67 -55.35 22.91
CA ALA B 294 3.30 -56.13 24.08
C ALA B 294 3.41 -57.63 23.78
N LYS B 295 2.93 -58.03 22.61
CA LYS B 295 3.01 -59.43 22.18
C LYS B 295 4.46 -59.86 22.05
N GLU B 296 5.27 -59.01 21.43
CA GLU B 296 6.69 -59.29 21.22
C GLU B 296 7.39 -59.52 22.55
N HIS B 297 7.06 -58.70 23.53
CA HIS B 297 7.72 -58.75 24.83
C HIS B 297 7.00 -59.65 25.83
N LYS B 298 5.92 -60.28 25.41
CA LYS B 298 5.15 -61.17 26.27
C LYS B 298 4.74 -60.49 27.57
N VAL B 299 4.30 -59.25 27.46
CA VAL B 299 3.75 -58.52 28.60
C VAL B 299 2.29 -58.17 28.29
N GLN B 300 1.53 -57.83 29.32
CA GLN B 300 0.18 -57.32 29.14
C GLN B 300 0.17 -55.82 29.42
N ILE B 301 -0.83 -55.12 28.88
CA ILE B 301 -0.95 -53.69 29.10
C ILE B 301 -2.38 -53.31 29.44
N SER B 302 -2.59 -52.05 29.80
CA SER B 302 -3.94 -51.51 30.01
C SER B 302 -4.01 -50.19 29.28
N VAL B 303 -5.01 -50.02 28.43
CA VAL B 303 -5.18 -48.75 27.75
C VAL B 303 -6.48 -48.07 28.18
N ARG B 304 -6.38 -46.83 28.62
CA ARG B 304 -7.56 -46.01 28.77
C ARG B 304 -7.69 -45.21 27.49
N LEU B 305 -8.71 -45.52 26.69
CA LEU B 305 -8.88 -44.79 25.45
C LEU B 305 -9.76 -43.59 25.71
N VAL B 306 -9.26 -42.42 25.33
CA VAL B 306 -10.03 -41.20 25.40
C VAL B 306 -10.08 -40.64 23.99
N LYS B 307 -10.95 -39.67 23.75
CA LYS B 307 -10.89 -38.98 22.48
C LYS B 307 -9.72 -37.98 22.44
N GLY B 308 -9.57 -37.18 23.49
CA GLY B 308 -8.45 -36.25 23.60
C GLY B 308 -8.82 -34.86 24.11
N ALA B 309 -7.96 -34.28 24.94
CA ALA B 309 -8.31 -33.10 25.72
C ALA B 309 -7.83 -31.77 25.15
N TYR B 310 -7.02 -31.80 24.09
CA TYR B 310 -6.32 -30.61 23.65
C TYR B 310 -6.63 -30.24 22.19
N TRP B 311 -7.85 -30.51 21.73
CA TRP B 311 -8.17 -30.37 20.30
C TRP B 311 -7.86 -28.98 19.74
N ASP B 312 -8.38 -27.94 20.39
CA ASP B 312 -8.18 -26.58 19.91
C ASP B 312 -6.70 -26.21 19.95
N TYR B 313 -6.03 -26.59 21.03
CA TYR B 313 -4.59 -26.33 21.16
C TYR B 313 -3.78 -26.97 20.02
N GLU B 314 -4.04 -28.23 19.72
CA GLU B 314 -3.21 -28.90 18.72
C GLU B 314 -3.40 -28.30 17.34
N THR B 315 -4.63 -27.95 17.02
CA THR B 315 -4.97 -27.35 15.74
C THR B 315 -4.28 -26.01 15.59
N VAL B 316 -4.37 -25.18 16.62
CA VAL B 316 -3.73 -23.85 16.61
C VAL B 316 -2.22 -23.96 16.53
N LYS B 317 -1.63 -24.83 17.34
CA LYS B 317 -0.16 -24.96 17.39
C LYS B 317 0.43 -25.44 16.05
N ALA B 318 -0.25 -26.39 15.43
CA ALA B 318 0.18 -26.92 14.15
C ALA B 318 0.10 -25.84 13.08
N LYS B 319 -1.03 -25.13 13.02
CA LYS B 319 -1.19 -24.03 12.08
C LYS B 319 -0.12 -22.95 12.28
N GLN B 320 0.19 -22.65 13.53
CA GLN B 320 1.17 -21.61 13.84
C GLN B 320 2.60 -21.97 13.39
N ASN B 321 2.86 -23.25 13.19
CA ASN B 321 4.21 -23.70 12.86
C ASN B 321 4.26 -24.39 11.53
N ASP B 322 3.13 -24.34 10.82
CA ASP B 322 2.99 -24.93 9.51
C ASP B 322 3.32 -26.41 9.54
N TRP B 323 2.85 -27.06 10.60
CA TRP B 323 2.89 -28.52 10.72
C TRP B 323 1.58 -29.11 10.27
N GLU B 324 1.60 -30.36 9.86
CA GLU B 324 0.37 -31.10 9.65
C GLU B 324 -0.37 -31.18 10.98
N VAL B 325 -1.63 -30.78 10.97
CA VAL B 325 -2.51 -30.90 12.14
C VAL B 325 -2.57 -32.36 12.58
N PRO B 326 -2.21 -32.66 13.84
CA PRO B 326 -2.12 -34.07 14.22
C PRO B 326 -3.45 -34.69 14.62
N VAL B 327 -4.48 -33.86 14.79
CA VAL B 327 -5.81 -34.37 15.15
C VAL B 327 -6.75 -34.41 13.95
N TRP B 328 -7.72 -35.31 13.98
CA TRP B 328 -8.86 -35.24 13.06
C TRP B 328 -9.53 -33.90 13.28
N THR B 329 -10.17 -33.35 12.24
CA THR B 329 -10.77 -32.03 12.35
C THR B 329 -12.28 -31.99 12.09
N ILE B 330 -12.84 -33.16 11.80
CA ILE B 330 -14.29 -33.34 11.82
C ILE B 330 -14.58 -34.21 13.04
N LYS B 331 -15.50 -33.77 13.91
CA LYS B 331 -15.67 -34.40 15.22
C LYS B 331 -16.00 -35.91 15.12
N ALA B 332 -16.86 -36.26 14.17
CA ALA B 332 -17.26 -37.65 13.96
C ALA B 332 -16.09 -38.59 13.61
N GLU B 333 -15.02 -38.03 13.04
CA GLU B 333 -13.82 -38.81 12.77
C GLU B 333 -13.20 -39.33 14.06
N SER B 334 -13.24 -38.50 15.10
CA SER B 334 -12.76 -38.93 16.41
C SER B 334 -13.67 -40.00 17.02
N ASP B 335 -14.99 -39.83 16.86
CA ASP B 335 -15.93 -40.85 17.32
C ASP B 335 -15.72 -42.17 16.56
N ALA B 336 -15.58 -42.07 15.24
CA ALA B 336 -15.38 -43.26 14.43
C ALA B 336 -14.06 -43.93 14.81
N ALA B 337 -13.02 -43.11 14.95
CA ALA B 337 -11.73 -43.63 15.38
C ALA B 337 -11.83 -44.32 16.74
N TYR B 338 -12.62 -43.75 17.64
CA TYR B 338 -12.79 -44.36 18.96
C TYR B 338 -13.39 -45.76 18.88
N GLU B 339 -14.50 -45.88 18.16
CA GLU B 339 -15.21 -47.17 18.07
C GLU B 339 -14.31 -48.21 17.39
N ARG B 340 -13.58 -47.77 16.38
CA ARG B 340 -12.65 -48.62 15.65
C ARG B 340 -11.54 -49.14 16.58
N GLN B 341 -10.92 -48.23 17.32
CA GLN B 341 -9.81 -48.58 18.21
C GLN B 341 -10.27 -49.33 19.46
N ALA B 342 -11.43 -48.98 19.98
CA ALA B 342 -12.03 -49.77 21.06
C ALA B 342 -12.25 -51.23 20.62
N ARG B 343 -12.76 -51.42 19.41
CA ARG B 343 -12.98 -52.79 18.92
C ARG B 343 -11.65 -53.56 18.87
N LYS B 344 -10.61 -52.88 18.39
CA LYS B 344 -9.27 -53.48 18.29
C LYS B 344 -8.77 -53.91 19.66
N ILE B 345 -8.94 -53.04 20.65
CA ILE B 345 -8.51 -53.35 22.01
C ILE B 345 -9.26 -54.54 22.57
N LEU B 346 -10.59 -54.53 22.39
CA LEU B 346 -11.45 -55.59 22.90
C LEU B 346 -11.11 -56.93 22.27
N GLU B 347 -10.86 -56.92 20.96
CA GLU B 347 -10.47 -58.12 20.25
C GLU B 347 -9.16 -58.66 20.83
N ASN B 348 -8.34 -57.76 21.33
CA ASN B 348 -7.05 -58.12 21.94
C ASN B 348 -7.09 -58.11 23.46
N HIS B 349 -8.22 -58.48 24.05
CA HIS B 349 -8.41 -58.44 25.50
C HIS B 349 -7.49 -59.39 26.25
N GLN B 350 -6.96 -60.40 25.57
CA GLN B 350 -6.00 -61.32 26.18
C GLN B 350 -4.79 -60.55 26.72
N ILE B 351 -4.29 -59.60 25.93
CA ILE B 351 -3.14 -58.82 26.33
C ILE B 351 -3.49 -57.40 26.79
N CYS B 352 -4.64 -56.90 26.37
CA CYS B 352 -4.95 -55.49 26.63
C CYS B 352 -6.24 -55.29 27.42
N HIS B 353 -6.10 -54.84 28.66
CA HIS B 353 -7.22 -54.43 29.50
C HIS B 353 -7.71 -53.04 29.02
N PHE B 354 -9.02 -52.82 29.05
CA PHE B 354 -9.62 -51.62 28.45
C PHE B 354 -10.37 -50.76 29.45
N ALA B 355 -10.07 -49.46 29.45
CA ALA B 355 -10.91 -48.50 30.16
C ALA B 355 -11.57 -47.60 29.12
N CYS B 356 -12.88 -47.72 29.01
CA CYS B 356 -13.64 -46.82 28.16
C CYS B 356 -13.80 -45.50 28.90
N ALA B 357 -13.21 -44.44 28.37
CA ALA B 357 -13.28 -43.13 29.00
C ALA B 357 -14.04 -42.14 28.12
N SER B 358 -15.35 -42.08 28.30
CA SER B 358 -16.19 -41.24 27.45
C SER B 358 -17.52 -40.93 28.12
N HIS B 359 -18.08 -39.76 27.84
CA HIS B 359 -19.41 -39.40 28.35
C HIS B 359 -20.46 -39.50 27.25
N ASN B 360 -20.03 -39.96 26.08
CA ASN B 360 -20.90 -40.08 24.91
C ASN B 360 -21.67 -41.42 24.94
N ILE B 361 -23.00 -41.34 24.94
CA ILE B 361 -23.84 -42.54 25.07
C ILE B 361 -23.69 -43.47 23.85
N ARG B 362 -23.51 -42.88 22.66
CA ARG B 362 -23.27 -43.69 21.48
C ARG B 362 -21.95 -44.46 21.64
N THR B 363 -20.91 -43.74 22.03
CA THR B 363 -19.61 -44.36 22.27
C THR B 363 -19.70 -45.49 23.30
N ILE B 364 -20.28 -45.17 24.45
CA ILE B 364 -20.44 -46.13 25.55
C ILE B 364 -21.24 -47.34 25.10
N SER B 365 -22.33 -47.10 24.40
CA SER B 365 -23.18 -48.15 23.88
C SER B 365 -22.43 -49.03 22.90
N ALA B 366 -21.62 -48.41 22.06
CA ALA B 366 -20.82 -49.13 21.08
C ALA B 366 -19.89 -50.12 21.80
N VAL B 367 -19.12 -49.63 22.76
CA VAL B 367 -18.22 -50.46 23.54
C VAL B 367 -18.97 -51.62 24.19
N MET B 368 -20.10 -51.33 24.86
CA MET B 368 -20.89 -52.38 25.52
C MET B 368 -21.30 -53.49 24.57
N GLU B 369 -21.79 -53.12 23.39
CA GLU B 369 -22.28 -54.11 22.44
C GLU B 369 -21.15 -54.88 21.78
N MET B 370 -20.06 -54.19 21.48
CA MET B 370 -18.90 -54.87 20.91
C MET B 370 -18.30 -55.88 21.90
N ALA B 371 -18.23 -55.50 23.17
CA ALA B 371 -17.71 -56.39 24.20
C ALA B 371 -18.61 -57.62 24.41
N ARG B 372 -19.92 -57.41 24.37
CA ARG B 372 -20.86 -58.53 24.49
C ARG B 372 -20.70 -59.46 23.30
N GLU B 373 -20.58 -58.89 22.10
CA GLU B 373 -20.43 -59.66 20.86
C GLU B 373 -19.12 -60.45 20.79
N LEU B 374 -18.04 -59.87 21.28
CA LEU B 374 -16.75 -60.55 21.33
C LEU B 374 -16.63 -61.41 22.57
N ASN B 375 -17.74 -61.50 23.31
CA ASN B 375 -17.78 -62.15 24.62
C ASN B 375 -16.53 -61.90 25.50
N VAL B 376 -16.14 -60.63 25.61
CA VAL B 376 -15.00 -60.24 26.43
C VAL B 376 -15.33 -60.40 27.90
N PRO B 377 -14.41 -61.02 28.68
CA PRO B 377 -14.65 -61.13 30.13
C PRO B 377 -14.76 -59.74 30.75
N GLU B 378 -15.64 -59.58 31.73
CA GLU B 378 -15.91 -58.25 32.28
C GLU B 378 -14.73 -57.70 33.06
N ASP B 379 -13.83 -58.60 33.47
CA ASP B 379 -12.60 -58.20 34.15
C ASP B 379 -11.59 -57.58 33.17
N ARG B 380 -11.95 -57.53 31.89
CA ARG B 380 -11.04 -56.97 30.88
C ARG B 380 -11.50 -55.59 30.38
N TYR B 381 -12.61 -55.08 30.91
CA TYR B 381 -13.05 -53.73 30.54
C TYR B 381 -13.94 -53.07 31.60
N GLU B 382 -13.69 -51.78 31.82
CA GLU B 382 -14.49 -50.99 32.76
C GLU B 382 -14.78 -49.64 32.12
N PHE B 383 -15.66 -48.86 32.74
CA PHE B 383 -16.03 -47.57 32.19
C PHE B 383 -15.62 -46.44 33.16
N GLN B 384 -15.23 -45.31 32.60
CA GLN B 384 -14.73 -44.21 33.41
C GLN B 384 -15.33 -42.90 32.94
N VAL B 385 -15.61 -42.00 33.88
CA VAL B 385 -16.08 -40.67 33.54
C VAL B 385 -15.38 -39.65 34.44
N LEU B 386 -15.43 -38.38 34.07
CA LEU B 386 -14.87 -37.35 34.94
C LEU B 386 -15.84 -37.05 36.07
N TYR B 387 -15.32 -37.02 37.29
CA TYR B 387 -16.11 -36.64 38.46
C TYR B 387 -16.85 -35.31 38.23
N GLY B 388 -18.12 -35.28 38.65
CA GLY B 388 -18.91 -34.06 38.67
C GLY B 388 -19.50 -33.64 37.33
N MET B 389 -19.58 -34.60 36.43
CA MET B 389 -19.84 -34.32 35.02
C MET B 389 -20.77 -35.39 34.48
N ALA B 390 -21.67 -35.00 33.58
CA ALA B 390 -22.60 -35.95 32.96
C ALA B 390 -23.23 -36.90 33.97
N GLU B 391 -23.71 -36.34 35.07
CA GLU B 391 -24.26 -37.14 36.17
C GLU B 391 -25.26 -38.22 35.75
N PRO B 392 -26.23 -37.89 34.87
CA PRO B 392 -27.14 -38.99 34.49
C PRO B 392 -26.47 -40.06 33.62
N VAL B 393 -25.38 -39.74 32.93
CA VAL B 393 -24.66 -40.77 32.17
C VAL B 393 -23.95 -41.71 33.12
N ARG B 394 -23.26 -41.12 34.09
CA ARG B 394 -22.60 -41.85 35.18
C ARG B 394 -23.55 -42.83 35.87
N LYS B 395 -24.75 -42.36 36.23
CA LYS B 395 -25.74 -43.21 36.89
C LYS B 395 -26.26 -44.30 35.96
N GLY B 396 -26.43 -43.96 34.69
CA GLY B 396 -26.86 -44.92 33.69
C GLY B 396 -25.83 -46.02 33.48
N ILE B 397 -24.55 -45.64 33.50
CA ILE B 397 -23.50 -46.65 33.37
C ILE B 397 -23.55 -47.58 34.56
N LEU B 398 -23.63 -47.03 35.77
CA LEU B 398 -23.77 -47.85 36.97
C LEU B 398 -24.88 -48.89 36.82
N LYS B 399 -26.06 -48.44 36.40
CA LYS B 399 -27.24 -49.32 36.29
C LYS B 399 -27.07 -50.44 35.26
N VAL B 400 -26.54 -50.09 34.08
CA VAL B 400 -26.45 -51.06 32.97
C VAL B 400 -25.17 -51.91 32.98
N ALA B 401 -24.03 -51.28 33.26
CA ALA B 401 -22.74 -51.98 33.23
C ALA B 401 -22.23 -52.41 34.62
N GLY B 402 -22.57 -51.63 35.64
CA GLY B 402 -22.15 -51.92 37.00
C GLY B 402 -20.73 -51.46 37.32
N ARG B 403 -19.84 -51.48 36.33
CA ARG B 403 -18.42 -51.19 36.58
C ARG B 403 -18.03 -49.79 36.08
N ILE B 404 -18.13 -48.81 36.99
CA ILE B 404 -17.93 -47.41 36.62
C ILE B 404 -16.95 -46.76 37.61
N ARG B 405 -15.95 -46.05 37.08
CA ARG B 405 -14.90 -45.47 37.90
C ARG B 405 -14.85 -43.97 37.65
N LEU B 406 -14.77 -43.17 38.72
CA LEU B 406 -14.75 -41.71 38.56
C LEU B 406 -13.34 -41.18 38.59
N TYR B 407 -12.97 -40.39 37.59
CA TYR B 407 -11.68 -39.69 37.61
C TYR B 407 -11.82 -38.53 38.56
N ALA B 408 -11.08 -38.58 39.67
CA ALA B 408 -11.29 -37.66 40.78
C ALA B 408 -10.06 -36.83 41.12
N PRO B 409 -10.04 -35.58 40.66
CA PRO B 409 -8.94 -34.66 40.96
C PRO B 409 -9.15 -34.03 42.35
N TYR B 410 -8.04 -33.75 43.04
CA TYR B 410 -8.15 -33.05 44.32
C TYR B 410 -6.95 -32.15 44.48
N GLY B 411 -7.08 -31.14 45.33
CA GLY B 411 -5.97 -30.25 45.56
C GLY B 411 -6.35 -28.79 45.57
N ASN B 412 -5.39 -27.96 45.22
CA ASN B 412 -5.52 -26.52 45.40
C ASN B 412 -6.49 -25.87 44.41
N MET B 413 -7.23 -24.87 44.88
CA MET B 413 -8.23 -24.21 44.05
C MET B 413 -7.64 -23.45 42.88
N VAL B 414 -6.38 -23.01 42.98
CA VAL B 414 -5.75 -22.34 41.86
C VAL B 414 -5.70 -23.21 40.57
N PRO B 415 -5.04 -24.38 40.63
CA PRO B 415 -5.16 -25.23 39.43
C PRO B 415 -6.58 -25.78 39.27
N GLY B 416 -7.35 -25.83 40.35
CA GLY B 416 -8.74 -26.23 40.29
C GLY B 416 -9.57 -25.37 39.35
N MET B 417 -9.26 -24.07 39.28
CA MET B 417 -10.00 -23.16 38.39
C MET B 417 -9.64 -23.40 36.93
N GLY B 418 -8.39 -23.73 36.68
CA GLY B 418 -7.95 -24.05 35.33
C GLY B 418 -8.67 -25.30 34.82
N TYR B 419 -8.74 -26.31 35.68
CA TYR B 419 -9.45 -27.55 35.38
C TYR B 419 -10.93 -27.24 35.13
N LEU B 420 -11.53 -26.39 35.98
CA LEU B 420 -12.93 -25.99 35.77
C LEU B 420 -13.13 -25.41 34.36
N VAL B 421 -12.26 -24.48 33.95
CA VAL B 421 -12.38 -23.87 32.62
C VAL B 421 -12.39 -24.92 31.51
N ARG B 422 -11.53 -25.93 31.64
CA ARG B 422 -11.48 -26.99 30.64
C ARG B 422 -12.77 -27.81 30.63
N ARG B 423 -13.37 -28.01 31.80
CA ARG B 423 -14.64 -28.73 31.88
C ARG B 423 -15.78 -27.93 31.26
N LEU B 424 -15.76 -26.62 31.46
CA LEU B 424 -16.77 -25.73 30.89
C LEU B 424 -16.66 -25.70 29.37
N LEU B 425 -15.43 -25.58 28.88
CA LEU B 425 -15.16 -25.64 27.44
C LEU B 425 -15.64 -26.95 26.85
N GLU B 426 -15.31 -28.06 27.52
CA GLU B 426 -15.72 -29.38 27.07
C GLU B 426 -17.23 -29.54 26.97
N ASN B 427 -17.93 -29.10 28.01
CA ASN B 427 -19.39 -29.26 28.05
C ASN B 427 -20.15 -28.35 27.08
N THR B 428 -19.56 -27.20 26.76
CA THR B 428 -20.30 -26.18 26.00
C THR B 428 -19.86 -26.08 24.54
N ALA B 429 -18.94 -26.94 24.13
CA ALA B 429 -18.49 -26.96 22.73
C ALA B 429 -19.64 -27.28 21.77
N ASN B 430 -19.60 -26.69 20.58
CA ASN B 430 -20.64 -26.88 19.57
C ASN B 430 -20.81 -28.35 19.23
N GLU B 431 -19.69 -29.06 19.21
CA GLU B 431 -19.67 -30.45 18.79
C GLU B 431 -19.86 -31.40 19.97
N SER B 432 -19.99 -30.83 21.18
CA SER B 432 -20.10 -31.67 22.38
C SER B 432 -21.34 -32.55 22.37
N PHE B 433 -21.14 -33.85 22.56
CA PHE B 433 -22.26 -34.77 22.71
C PHE B 433 -23.19 -34.32 23.85
N LEU B 434 -22.61 -33.83 24.94
CA LEU B 434 -23.40 -33.45 26.10
C LEU B 434 -24.25 -32.20 25.80
N ARG B 435 -23.64 -31.21 25.16
CA ARG B 435 -24.39 -30.05 24.72
C ARG B 435 -25.52 -30.45 23.78
N GLN B 436 -25.21 -31.23 22.75
CA GLN B 436 -26.23 -31.67 21.81
C GLN B 436 -27.37 -32.47 22.46
N SER B 437 -27.05 -33.30 23.44
CA SER B 437 -28.07 -34.08 24.15
C SER B 437 -28.90 -33.27 25.15
N PHE B 438 -28.26 -32.36 25.86
CA PHE B 438 -28.89 -31.78 27.05
C PHE B 438 -29.21 -30.28 26.95
N ALA B 439 -28.59 -29.60 25.99
CA ALA B 439 -28.89 -28.20 25.75
C ALA B 439 -29.72 -28.01 24.48
N GLU B 440 -29.39 -28.76 23.44
CA GLU B 440 -29.90 -28.48 22.11
C GLU B 440 -31.08 -29.36 21.69
N ASP B 441 -31.47 -30.30 22.55
CA ASP B 441 -32.55 -31.24 22.23
C ASP B 441 -32.36 -31.90 20.86
N ALA B 442 -31.13 -32.35 20.58
CA ALA B 442 -30.84 -33.05 19.33
C ALA B 442 -31.69 -34.32 19.23
N GLN B 443 -32.07 -34.69 18.02
CA GLN B 443 -32.81 -35.94 17.82
C GLN B 443 -31.95 -37.14 18.22
N ILE B 444 -32.57 -38.12 18.87
CA ILE B 444 -31.87 -39.30 19.38
C ILE B 444 -31.22 -40.11 18.26
N GLU B 445 -31.94 -40.28 17.16
CA GLU B 445 -31.45 -41.03 16.01
C GLU B 445 -30.16 -40.43 15.44
N ARG B 446 -30.10 -39.11 15.39
CA ARG B 446 -28.88 -38.46 14.91
C ARG B 446 -27.76 -38.66 15.92
N LEU B 447 -28.08 -38.52 17.20
CA LEU B 447 -27.11 -38.68 18.29
C LEU B 447 -26.51 -40.09 18.31
N LEU B 448 -27.32 -41.09 17.98
CA LEU B 448 -26.91 -42.48 18.08
C LEU B 448 -26.45 -43.11 16.76
N GLU B 449 -26.38 -42.33 15.68
CA GLU B 449 -26.04 -42.92 14.40
C GLU B 449 -24.56 -43.31 14.36
N ASP B 450 -24.26 -44.36 13.62
CA ASP B 450 -22.88 -44.79 13.37
C ASP B 450 -22.06 -43.58 12.90
N PRO B 451 -21.02 -43.22 13.68
CA PRO B 451 -20.27 -42.02 13.30
C PRO B 451 -19.54 -42.18 11.97
N ALA B 452 -19.30 -43.41 11.55
CA ALA B 452 -18.72 -43.65 10.22
C ALA B 452 -19.67 -43.10 9.15
N VAL B 453 -20.96 -43.32 9.35
CA VAL B 453 -21.97 -42.71 8.49
C VAL B 453 -21.86 -41.20 8.58
N THR B 454 -21.72 -40.70 9.80
CA THR B 454 -21.58 -39.25 10.02
C THR B 454 -20.36 -38.70 9.28
N VAL B 455 -19.25 -39.43 9.33
CA VAL B 455 -18.01 -39.03 8.66
C VAL B 455 -18.20 -38.88 7.15
N GLU B 456 -18.80 -39.87 6.51
CA GLU B 456 -19.08 -39.80 5.07
C GLU B 456 -19.89 -38.57 4.70
N ARG B 457 -20.99 -38.36 5.43
CA ARG B 457 -21.89 -37.24 5.15
C ARG B 457 -21.22 -35.89 5.30
N GLU B 458 -20.38 -35.75 6.32
CA GLU B 458 -19.68 -34.49 6.53
C GLU B 458 -18.41 -34.37 5.68
N ARG B 459 -17.79 -35.51 5.36
CA ARG B 459 -16.66 -35.49 4.42
C ARG B 459 -17.14 -35.08 3.03
N ALA B 460 -18.36 -35.46 2.68
CA ALA B 460 -18.91 -35.15 1.37
C ALA B 460 -19.32 -33.68 1.28
N ALA B 461 -19.97 -33.19 2.33
CA ALA B 461 -20.35 -31.78 2.40
C ALA B 461 -19.12 -30.86 2.42
N ARG B 462 -18.09 -31.27 3.17
CA ARG B 462 -16.85 -30.51 3.23
C ARG B 462 -16.20 -30.38 1.85
N ALA B 463 -16.38 -31.41 1.03
CA ALA B 463 -16.00 -31.33 -0.38
C ALA B 463 -16.90 -30.33 -1.11
N ALA B 464 -16.76 -29.05 -0.73
CA ALA B 464 -17.54 -27.97 -1.31
C ALA B 464 -16.90 -26.63 -0.94
N LYS B 471 -5.53 -18.11 -1.14
CA LYS B 471 -5.31 -18.07 -2.59
C LYS B 471 -4.10 -17.18 -2.96
N GLY B 472 -3.38 -17.57 -4.00
CA GLY B 472 -2.18 -16.85 -4.41
C GLY B 472 -2.35 -16.10 -5.73
N LEU B 473 -1.26 -15.47 -6.19
CA LEU B 473 -1.30 -14.65 -7.40
C LEU B 473 -0.21 -15.02 -8.40
N GLY B 474 -0.48 -14.79 -9.69
CA GLY B 474 0.49 -15.01 -10.74
C GLY B 474 1.00 -16.42 -10.88
N GLY B 475 0.17 -17.39 -10.48
CA GLY B 475 0.55 -18.79 -10.56
C GLY B 475 1.33 -19.27 -9.36
N LEU B 476 1.65 -18.35 -8.45
CA LEU B 476 2.35 -18.70 -7.21
C LEU B 476 1.37 -18.92 -6.07
N PRO B 477 1.59 -19.98 -5.29
CA PRO B 477 0.80 -20.18 -4.07
C PRO B 477 0.97 -19.00 -3.11
N PRO B 478 0.02 -18.78 -2.17
CA PRO B 478 0.20 -17.66 -1.25
C PRO B 478 1.40 -17.90 -0.34
N PHE B 479 1.90 -16.85 0.29
CA PHE B 479 3.01 -17.00 1.22
C PHE B 479 2.58 -17.81 2.44
N ASN B 480 3.43 -18.72 2.86
CA ASN B 480 3.28 -19.39 4.15
C ASN B 480 4.67 -19.54 4.73
N ASN B 481 4.81 -19.35 6.04
CA ASN B 481 6.12 -19.52 6.67
C ASN B 481 6.57 -20.96 6.54
N GLU B 482 7.87 -21.16 6.32
CA GLU B 482 8.44 -22.50 6.20
C GLU B 482 8.19 -23.27 7.50
N ALA B 483 7.87 -24.55 7.40
CA ALA B 483 7.65 -25.38 8.59
C ALA B 483 8.84 -25.41 9.54
N MET B 484 8.56 -25.23 10.84
CA MET B 484 9.60 -25.27 11.87
C MET B 484 10.06 -26.70 12.05
N VAL B 485 11.29 -26.89 12.54
CA VAL B 485 11.77 -28.24 12.83
C VAL B 485 10.83 -28.88 13.84
N ASP B 486 10.56 -30.16 13.70
CA ASP B 486 9.53 -30.82 14.51
C ASP B 486 10.11 -32.05 15.22
N PHE B 487 10.59 -31.87 16.45
CA PHE B 487 11.31 -32.95 17.13
C PHE B 487 10.42 -34.05 17.70
N THR B 488 9.12 -33.98 17.43
CA THR B 488 8.24 -35.12 17.71
C THR B 488 8.59 -36.24 16.73
N ARG B 489 9.20 -35.85 15.60
CA ARG B 489 9.64 -36.80 14.56
C ARG B 489 11.03 -37.37 14.83
N ALA B 490 11.15 -38.69 14.80
CA ALA B 490 12.44 -39.35 15.01
C ALA B 490 13.46 -38.94 13.93
N ASP B 491 12.98 -38.71 12.72
CA ASP B 491 13.89 -38.37 11.64
C ASP B 491 14.49 -36.97 11.82
N HIS B 492 13.70 -36.03 12.34
CA HIS B 492 14.23 -34.71 12.65
C HIS B 492 15.21 -34.76 13.82
N ARG B 493 14.90 -35.57 14.83
CA ARG B 493 15.83 -35.75 15.95
C ARG B 493 17.15 -36.36 15.49
N ALA B 494 17.09 -37.32 14.57
CA ALA B 494 18.32 -37.98 14.11
C ALA B 494 19.12 -37.11 13.14
N ALA B 495 18.46 -36.16 12.48
CA ALA B 495 19.10 -35.37 11.42
C ALA B 495 20.23 -34.46 11.91
N PHE B 496 20.07 -33.89 13.10
CA PHE B 496 21.06 -32.94 13.60
C PHE B 496 22.46 -33.53 13.88
N PRO B 497 22.55 -34.61 14.70
CA PRO B 497 23.87 -35.23 14.91
C PRO B 497 24.52 -35.69 13.60
N LYS B 498 23.72 -36.18 12.66
CA LYS B 498 24.23 -36.61 11.36
C LYS B 498 24.76 -35.45 10.54
N HIS B 499 24.03 -34.34 10.51
CA HIS B 499 24.46 -33.21 9.69
C HIS B 499 25.62 -32.44 10.34
N ILE B 500 25.67 -32.45 11.67
CA ILE B 500 26.80 -31.86 12.37
C ILE B 500 28.08 -32.67 12.07
N ALA B 501 27.98 -33.98 12.05
CA ALA B 501 29.14 -34.82 11.73
C ALA B 501 29.60 -34.56 10.31
N GLN B 502 28.65 -34.35 9.41
CA GLN B 502 28.97 -34.07 8.01
C GLN B 502 29.70 -32.74 7.91
N VAL B 503 29.23 -31.73 8.63
CA VAL B 503 29.91 -30.44 8.66
C VAL B 503 31.36 -30.60 9.10
N ARG B 504 31.58 -31.40 10.14
CA ARG B 504 32.93 -31.62 10.65
C ARG B 504 33.91 -32.23 9.65
N THR B 505 33.39 -32.87 8.59
CA THR B 505 34.25 -33.36 7.53
C THR B 505 34.61 -32.25 6.54
N GLN B 506 33.98 -31.08 6.69
CA GLN B 506 34.18 -29.98 5.73
C GLN B 506 34.96 -28.82 6.34
N LEU B 507 35.58 -29.04 7.50
CA LEU B 507 36.24 -27.96 8.23
C LEU B 507 37.65 -27.69 7.68
N GLY B 508 38.14 -26.47 7.91
CA GLY B 508 39.51 -26.14 7.57
C GLY B 508 39.67 -25.56 6.18
N LYS B 509 38.59 -25.18 5.53
CA LYS B 509 38.69 -24.56 4.22
C LYS B 509 39.04 -23.08 4.32
N THR B 510 39.59 -22.54 3.24
CA THR B 510 39.81 -21.11 3.09
C THR B 510 38.72 -20.51 2.22
N TYR B 511 38.04 -19.50 2.74
CA TYR B 511 36.92 -18.87 2.06
C TYR B 511 37.36 -17.55 1.44
N PRO B 512 37.29 -17.45 0.10
CA PRO B 512 37.78 -16.25 -0.59
C PRO B 512 36.70 -15.20 -0.69
N LEU B 513 37.02 -14.03 -1.22
CA LEU B 513 35.99 -13.05 -1.52
C LEU B 513 35.28 -13.57 -2.77
N PHE B 514 34.09 -13.06 -3.03
CA PHE B 514 33.39 -13.43 -4.25
C PHE B 514 32.94 -12.16 -4.94
N ILE B 515 33.60 -11.82 -6.05
CA ILE B 515 33.37 -10.54 -6.72
C ILE B 515 33.18 -10.73 -8.22
N ASN B 516 32.06 -10.23 -8.73
CA ASN B 516 31.75 -10.33 -10.14
C ASN B 516 31.79 -11.76 -10.65
N GLY B 517 31.27 -12.69 -9.84
CA GLY B 517 31.19 -14.09 -10.25
C GLY B 517 32.49 -14.86 -10.08
N LYS B 518 33.53 -14.20 -9.57
CA LYS B 518 34.82 -14.87 -9.42
C LYS B 518 35.32 -14.90 -7.98
N GLU B 519 36.11 -15.91 -7.65
CA GLU B 519 36.76 -15.96 -6.35
C GLU B 519 38.04 -15.11 -6.37
N VAL B 520 38.14 -14.19 -5.41
CA VAL B 520 39.32 -13.34 -5.23
C VAL B 520 39.91 -13.64 -3.86
N ARG B 521 41.16 -14.07 -3.84
CA ARG B 521 41.84 -14.43 -2.60
C ARG B 521 42.64 -13.23 -2.10
N THR B 522 42.64 -13.00 -0.79
CA THR B 522 43.60 -12.05 -0.23
C THR B 522 44.55 -12.80 0.70
N ASN B 523 45.58 -12.12 1.19
CA ASN B 523 46.54 -12.75 2.07
C ASN B 523 46.36 -12.41 3.55
N ASP B 524 45.25 -11.74 3.85
CA ASP B 524 44.87 -11.47 5.24
C ASP B 524 43.77 -12.45 5.60
N LEU B 525 44.12 -13.46 6.39
CA LEU B 525 43.20 -14.53 6.79
C LEU B 525 42.82 -14.38 8.26
N ILE B 526 41.53 -14.54 8.58
CA ILE B 526 41.12 -14.61 9.99
C ILE B 526 40.40 -15.93 10.24
N PRO B 527 40.85 -16.70 11.24
CA PRO B 527 40.14 -17.95 11.53
C PRO B 527 38.76 -17.69 12.10
N THR B 528 37.81 -18.58 11.78
CA THR B 528 36.51 -18.61 12.44
C THR B 528 36.43 -19.90 13.27
N VAL B 529 36.10 -19.80 14.55
CA VAL B 529 36.15 -20.97 15.43
C VAL B 529 34.81 -21.23 16.13
N ASN B 530 34.73 -22.40 16.77
CA ASN B 530 33.53 -22.82 17.49
C ASN B 530 33.51 -22.15 18.85
N PRO B 531 32.48 -21.33 19.13
CA PRO B 531 32.50 -20.62 20.43
C PRO B 531 32.36 -21.55 21.62
N ASN B 532 31.73 -22.70 21.42
CA ASN B 532 31.66 -23.71 22.48
C ASN B 532 32.91 -24.57 22.58
N LYS B 533 33.79 -24.46 21.59
CA LYS B 533 35.05 -25.23 21.59
C LYS B 533 36.09 -24.54 20.69
N PRO B 534 36.69 -23.44 21.19
CA PRO B 534 37.47 -22.55 20.32
C PRO B 534 38.70 -23.19 19.68
N SER B 535 39.18 -24.29 20.24
CA SER B 535 40.27 -25.02 19.61
C SER B 535 39.82 -25.68 18.30
N GLU B 536 38.50 -25.79 18.11
CA GLU B 536 37.97 -26.30 16.86
C GLU B 536 37.83 -25.16 15.85
N VAL B 537 38.72 -25.16 14.84
CA VAL B 537 38.74 -24.12 13.80
C VAL B 537 37.89 -24.56 12.61
N LEU B 538 36.91 -23.76 12.22
CA LEU B 538 36.02 -24.15 11.13
C LEU B 538 36.56 -23.78 9.76
N GLY B 539 37.40 -22.76 9.73
CA GLY B 539 38.03 -22.34 8.48
C GLY B 539 38.76 -21.02 8.58
N GLN B 540 39.28 -20.56 7.45
CA GLN B 540 40.04 -19.32 7.37
C GLN B 540 39.34 -18.41 6.38
N ILE B 541 39.13 -17.14 6.74
CA ILE B 541 38.38 -16.22 5.89
C ILE B 541 39.27 -15.11 5.32
N CYS B 542 39.25 -14.93 3.99
CA CYS B 542 40.00 -13.84 3.37
C CYS B 542 39.39 -12.48 3.72
N GLN B 543 40.22 -11.48 3.98
CA GLN B 543 39.71 -10.14 4.30
C GLN B 543 39.90 -9.20 3.12
N ALA B 544 38.84 -8.48 2.76
CA ALA B 544 38.94 -7.49 1.69
C ALA B 544 39.56 -6.18 2.21
N GLY B 545 40.54 -5.67 1.49
CA GLY B 545 41.02 -4.32 1.73
C GLY B 545 40.16 -3.33 0.97
N THR B 546 40.49 -2.04 1.05
CA THR B 546 39.73 -1.05 0.31
C THR B 546 39.79 -1.31 -1.20
N THR B 547 40.91 -1.87 -1.67
CA THR B 547 41.04 -2.19 -3.09
C THR B 547 39.96 -3.15 -3.56
N GLU B 548 39.79 -4.26 -2.85
CA GLU B 548 38.82 -5.27 -3.22
C GLU B 548 37.38 -4.81 -3.02
N VAL B 549 37.12 -4.04 -1.96
CA VAL B 549 35.79 -3.47 -1.75
C VAL B 549 35.47 -2.55 -2.93
N GLY B 550 36.46 -1.78 -3.37
CA GLY B 550 36.27 -0.87 -4.48
C GLY B 550 35.98 -1.65 -5.75
N ASP B 551 36.68 -2.77 -5.90
CA ASP B 551 36.43 -3.66 -7.04
C ASP B 551 35.02 -4.22 -6.98
N ALA B 552 34.57 -4.59 -5.79
CA ALA B 552 33.24 -5.16 -5.64
C ALA B 552 32.19 -4.11 -5.98
N ILE B 553 32.39 -2.89 -5.51
CA ILE B 553 31.48 -1.78 -5.83
C ILE B 553 31.46 -1.50 -7.33
N ALA B 554 32.63 -1.54 -7.96
CA ALA B 554 32.72 -1.30 -9.39
C ALA B 554 31.98 -2.40 -10.18
N ALA B 555 32.04 -3.62 -9.67
CA ALA B 555 31.38 -4.75 -10.32
C ALA B 555 29.87 -4.63 -10.17
N ALA B 556 29.45 -4.24 -8.98
CA ALA B 556 28.03 -4.06 -8.71
C ALA B 556 27.51 -2.95 -9.60
N LYS B 557 28.27 -1.86 -9.67
CA LYS B 557 27.85 -0.72 -10.47
C LYS B 557 27.74 -1.09 -11.96
N ALA B 558 28.68 -1.90 -12.46
CA ALA B 558 28.65 -2.33 -13.87
C ALA B 558 27.49 -3.28 -14.16
N ALA B 559 27.13 -4.08 -13.17
CA ALA B 559 26.05 -5.05 -13.33
C ALA B 559 24.66 -4.40 -13.19
N PHE B 560 24.62 -3.24 -12.52
CA PHE B 560 23.36 -2.58 -12.20
C PHE B 560 22.42 -2.25 -13.40
N PRO B 561 22.94 -1.65 -14.49
CA PRO B 561 22.02 -1.30 -15.57
C PRO B 561 21.22 -2.49 -16.13
N ALA B 562 21.90 -3.58 -16.45
CA ALA B 562 21.21 -4.78 -16.95
C ALA B 562 20.30 -5.40 -15.88
N TRP B 563 20.72 -5.35 -14.62
CA TRP B 563 19.90 -5.93 -13.55
C TRP B 563 18.67 -5.06 -13.28
N ARG B 564 18.87 -3.75 -13.23
CA ARG B 564 17.74 -2.82 -13.12
C ARG B 564 16.71 -3.02 -14.25
N ASP B 565 17.21 -3.28 -15.45
CA ASP B 565 16.32 -3.47 -16.61
C ASP B 565 15.72 -4.88 -16.69
N THR B 566 16.07 -5.74 -15.73
CA THR B 566 15.53 -7.10 -15.71
C THR B 566 14.10 -7.06 -15.14
N ASP B 567 13.17 -7.75 -15.79
CA ASP B 567 11.78 -7.78 -15.33
C ASP B 567 11.67 -8.19 -13.85
N PRO B 568 10.86 -7.46 -13.07
CA PRO B 568 10.74 -7.76 -11.63
C PRO B 568 10.33 -9.21 -11.38
N ARG B 569 9.47 -9.77 -12.22
CA ARG B 569 9.08 -11.17 -12.05
C ARG B 569 10.27 -12.12 -12.24
N THR B 570 11.17 -11.77 -13.15
CA THR B 570 12.36 -12.58 -13.37
C THR B 570 13.30 -12.44 -12.19
N ARG B 571 13.42 -11.22 -11.65
CA ARG B 571 14.24 -11.03 -10.46
C ARG B 571 13.69 -11.87 -9.30
N ALA B 572 12.38 -11.86 -9.14
CA ALA B 572 11.74 -12.66 -8.07
C ALA B 572 12.01 -14.15 -8.25
N GLU B 573 12.07 -14.61 -9.49
CA GLU B 573 12.34 -16.02 -9.78
C GLU B 573 13.69 -16.47 -9.21
N TYR B 574 14.69 -15.59 -9.25
CA TYR B 574 15.99 -15.95 -8.65
C TYR B 574 15.89 -16.14 -7.14
N LEU B 575 15.07 -15.35 -6.46
CA LEU B 575 14.87 -15.55 -5.03
C LEU B 575 14.14 -16.87 -4.76
N LEU B 576 13.16 -17.19 -5.58
CA LEU B 576 12.42 -18.45 -5.44
C LEU B 576 13.34 -19.67 -5.61
N LYS B 577 14.28 -19.60 -6.55
CA LYS B 577 15.23 -20.68 -6.75
C LYS B 577 16.17 -20.77 -5.57
N ALA B 578 16.62 -19.62 -5.06
CA ALA B 578 17.47 -19.61 -3.88
C ALA B 578 16.76 -20.24 -2.69
N ALA B 579 15.47 -19.97 -2.57
CA ALA B 579 14.68 -20.55 -1.48
C ALA B 579 14.63 -22.07 -1.62
N GLN B 580 14.43 -22.55 -2.85
CA GLN B 580 14.38 -23.99 -3.05
C GLN B 580 15.73 -24.63 -2.75
N ALA B 581 16.81 -23.97 -3.17
CA ALA B 581 18.14 -24.50 -2.90
C ALA B 581 18.37 -24.59 -1.39
N ALA B 582 17.96 -23.57 -0.65
CA ALA B 582 18.10 -23.56 0.81
C ALA B 582 17.25 -24.65 1.49
N ARG B 583 16.01 -24.78 1.03
CA ARG B 583 15.07 -25.78 1.55
C ARG B 583 15.66 -27.19 1.47
N LYS B 584 16.32 -27.50 0.36
CA LYS B 584 16.96 -28.80 0.16
C LYS B 584 18.19 -29.00 1.04
N ARG B 585 18.73 -27.92 1.59
CA ARG B 585 19.92 -28.02 2.43
C ARG B 585 19.61 -27.59 3.87
N LEU B 586 18.35 -27.69 4.26
CA LEU B 586 17.91 -27.08 5.52
C LEU B 586 18.70 -27.54 6.76
N PHE B 587 18.85 -28.84 6.94
CA PHE B 587 19.59 -29.34 8.10
C PHE B 587 21.09 -29.09 8.01
N GLU B 588 21.65 -29.24 6.81
CA GLU B 588 23.04 -28.92 6.61
C GLU B 588 23.34 -27.45 6.99
N LEU B 589 22.57 -26.53 6.43
CA LEU B 589 22.79 -25.11 6.72
C LEU B 589 22.63 -24.83 8.22
N SER B 590 21.73 -25.56 8.86
CA SER B 590 21.48 -25.36 10.29
C SER B 590 22.68 -25.83 11.10
N ALA B 591 23.22 -26.99 10.72
CA ALA B 591 24.36 -27.58 11.43
C ALA B 591 25.57 -26.65 11.43
N TRP B 592 25.81 -25.96 10.32
CA TRP B 592 26.92 -25.01 10.27
C TRP B 592 26.76 -23.94 11.34
N GLN B 593 25.52 -23.50 11.57
CA GLN B 593 25.26 -22.45 12.55
C GLN B 593 25.42 -22.91 13.99
N VAL B 594 25.08 -24.17 14.25
CA VAL B 594 25.31 -24.77 15.58
C VAL B 594 26.77 -24.67 15.96
N LEU B 595 27.64 -25.03 15.02
CA LEU B 595 29.09 -25.04 15.28
C LEU B 595 29.78 -23.68 15.15
N GLU B 596 29.39 -22.87 14.16
CA GLU B 596 30.12 -21.63 13.91
C GLU B 596 29.79 -20.52 14.90
N ILE B 597 28.55 -20.47 15.37
CA ILE B 597 28.13 -19.38 16.22
C ILE B 597 27.35 -19.86 17.46
N GLY B 598 27.33 -21.16 17.70
CA GLY B 598 26.74 -21.70 18.92
C GLY B 598 25.22 -21.58 19.01
N LYS B 599 24.54 -21.70 17.87
CA LYS B 599 23.09 -21.81 17.87
C LYS B 599 22.68 -23.18 18.40
N GLN B 600 21.64 -23.21 19.24
CA GLN B 600 21.00 -24.46 19.60
C GLN B 600 20.27 -25.01 18.37
N TRP B 601 19.97 -26.30 18.36
CA TRP B 601 19.37 -26.95 17.19
C TRP B 601 18.17 -26.18 16.65
N ASP B 602 17.24 -25.84 17.54
CA ASP B 602 16.01 -25.17 17.15
C ASP B 602 16.29 -23.75 16.67
N GLN B 603 17.24 -23.09 17.32
CA GLN B 603 17.62 -21.73 16.95
C GLN B 603 18.24 -21.70 15.56
N ALA B 604 19.11 -22.67 15.28
CA ALA B 604 19.73 -22.77 13.95
C ALA B 604 18.69 -23.02 12.85
N TYR B 605 17.81 -23.99 13.06
CA TYR B 605 16.82 -24.31 12.06
C TYR B 605 15.92 -23.11 11.80
N ALA B 606 15.53 -22.41 12.87
CA ALA B 606 14.66 -21.24 12.72
C ALA B 606 15.35 -20.12 11.97
N ASP B 607 16.67 -20.01 12.13
CA ASP B 607 17.44 -19.02 11.38
C ASP B 607 17.35 -19.34 9.89
N VAL B 608 17.48 -20.61 9.53
CA VAL B 608 17.43 -20.99 8.11
C VAL B 608 16.01 -20.86 7.55
N THR B 609 14.99 -21.23 8.31
CA THR B 609 13.62 -21.10 7.80
C THR B 609 13.27 -19.62 7.60
N GLU B 610 13.78 -18.77 8.47
CA GLU B 610 13.52 -17.33 8.33
C GLU B 610 14.18 -16.82 7.04
N ALA B 611 15.37 -17.30 6.73
CA ALA B 611 16.03 -16.90 5.49
C ALA B 611 15.14 -17.29 4.32
N ILE B 612 14.61 -18.51 4.38
CA ILE B 612 13.72 -18.99 3.34
C ILE B 612 12.47 -18.12 3.25
N ASP B 613 11.88 -17.77 4.39
CA ASP B 613 10.70 -16.92 4.43
C ASP B 613 10.94 -15.57 3.74
N PHE B 614 12.07 -14.93 4.04
CA PHE B 614 12.42 -13.66 3.40
C PHE B 614 12.44 -13.80 1.88
N LEU B 615 13.07 -14.86 1.40
CA LEU B 615 13.17 -15.11 -0.03
C LEU B 615 11.78 -15.28 -0.64
N GLU B 616 10.94 -16.10 -0.01
CA GLU B 616 9.60 -16.36 -0.54
C GLU B 616 8.73 -15.12 -0.46
N TYR B 617 8.88 -14.37 0.63
CA TYR B 617 8.01 -13.21 0.89
C TYR B 617 8.40 -12.02 0.01
N TYR B 618 9.69 -11.71 -0.04
CA TYR B 618 10.17 -10.59 -0.86
C TYR B 618 10.00 -10.85 -2.36
N ALA B 619 10.13 -12.10 -2.79
CA ALA B 619 9.82 -12.45 -4.17
C ALA B 619 8.38 -12.06 -4.49
N ARG B 620 7.46 -12.46 -3.63
CA ARG B 620 6.05 -12.14 -3.83
C ARG B 620 5.79 -10.64 -3.74
N GLU B 621 6.44 -9.98 -2.80
CA GLU B 621 6.26 -8.54 -2.63
C GLU B 621 6.74 -7.77 -3.89
N MET B 622 7.85 -8.21 -4.48
CA MET B 622 8.35 -7.54 -5.70
C MET B 622 7.40 -7.77 -6.88
N ILE B 623 6.85 -8.99 -6.97
CA ILE B 623 5.86 -9.25 -8.00
C ILE B 623 4.67 -8.31 -7.83
N ARG B 624 4.24 -8.13 -6.58
CA ARG B 624 3.11 -7.24 -6.29
C ARG B 624 3.43 -5.79 -6.67
N LEU B 625 4.65 -5.35 -6.35
CA LEU B 625 5.02 -3.95 -6.49
C LEU B 625 5.57 -3.63 -7.88
N GLY B 626 5.90 -4.68 -8.63
CA GLY B 626 6.55 -4.56 -9.93
C GLY B 626 5.67 -4.08 -11.08
N GLN B 627 4.35 -4.21 -10.93
CA GLN B 627 3.45 -3.75 -11.97
C GLN B 627 3.17 -2.25 -11.80
N PRO B 628 3.49 -1.45 -12.83
CA PRO B 628 3.14 -0.02 -12.80
C PRO B 628 1.64 0.13 -12.63
N GLN B 629 1.21 1.05 -11.77
CA GLN B 629 -0.21 1.25 -11.51
C GLN B 629 -0.69 2.58 -12.08
N ARG B 630 -1.84 2.58 -12.73
CA ARG B 630 -2.43 3.86 -13.17
C ARG B 630 -2.85 4.65 -11.93
N VAL B 631 -2.49 5.93 -11.90
CA VAL B 631 -2.97 6.83 -10.84
C VAL B 631 -3.75 7.98 -11.46
N GLY B 632 -4.79 8.44 -10.77
CA GLY B 632 -5.69 9.42 -11.34
C GLY B 632 -6.66 8.79 -12.31
N HIS B 633 -7.69 9.54 -12.68
CA HIS B 633 -8.80 8.99 -13.45
C HIS B 633 -9.23 9.93 -14.58
N ALA B 634 -8.42 10.95 -14.83
CA ALA B 634 -8.77 11.92 -15.86
C ALA B 634 -8.55 11.32 -17.25
N PRO B 635 -9.51 11.55 -18.16
CA PRO B 635 -9.38 11.03 -19.52
C PRO B 635 -8.34 11.81 -20.33
N GLY B 636 -7.93 11.28 -21.48
CA GLY B 636 -6.92 11.95 -22.29
C GLY B 636 -5.54 11.94 -21.67
N GLU B 637 -5.42 11.22 -20.56
CA GLU B 637 -4.20 11.23 -19.76
C GLU B 637 -4.00 9.85 -19.15
N LEU B 638 -2.76 9.38 -19.18
CA LEU B 638 -2.38 8.18 -18.42
C LEU B 638 -1.22 8.52 -17.52
N ASN B 639 -1.40 8.37 -16.21
CA ASN B 639 -0.28 8.47 -15.29
C ASN B 639 0.03 7.09 -14.74
N HIS B 640 1.27 6.63 -14.90
CA HIS B 640 1.65 5.36 -14.28
C HIS B 640 2.72 5.58 -13.23
N TYR B 641 2.45 5.02 -12.05
CA TYR B 641 3.31 5.14 -10.88
C TYR B 641 3.99 3.79 -10.70
N PHE B 642 5.31 3.80 -10.59
CA PHE B 642 6.07 2.57 -10.44
C PHE B 642 7.36 2.86 -9.72
N TYR B 643 8.17 1.83 -9.46
CA TYR B 643 9.33 2.00 -8.61
C TYR B 643 10.61 1.59 -9.35
N GLU B 644 11.73 2.23 -9.01
CA GLU B 644 13.01 1.83 -9.58
C GLU B 644 14.06 1.70 -8.49
N PRO B 645 15.06 0.84 -8.72
CA PRO B 645 16.14 0.67 -7.75
C PRO B 645 17.04 1.91 -7.67
N LYS B 646 17.95 1.91 -6.71
CA LYS B 646 18.79 3.07 -6.44
C LYS B 646 20.20 2.92 -7.04
N GLY B 647 20.76 1.72 -6.96
CA GLY B 647 22.10 1.47 -7.44
C GLY B 647 22.79 0.39 -6.65
N VAL B 648 23.95 0.72 -6.07
CA VAL B 648 24.71 -0.26 -5.31
C VAL B 648 24.35 -0.14 -3.84
N ALA B 649 23.99 -1.28 -3.25
CA ALA B 649 23.63 -1.33 -1.84
C ALA B 649 24.75 -1.99 -1.03
N ALA B 650 25.20 -1.32 0.02
CA ALA B 650 26.10 -1.97 0.96
C ALA B 650 25.22 -2.69 1.97
N VAL B 651 25.51 -3.97 2.21
CA VAL B 651 24.76 -4.75 3.20
C VAL B 651 25.72 -5.19 4.29
N ILE B 652 25.54 -4.64 5.49
CA ILE B 652 26.45 -4.92 6.60
C ILE B 652 25.67 -5.72 7.64
N ALA B 653 26.02 -6.99 7.77
CA ALA B 653 25.16 -7.96 8.46
C ALA B 653 25.71 -8.40 9.80
N PRO B 654 24.81 -8.76 10.73
CA PRO B 654 25.21 -9.17 12.08
C PRO B 654 25.55 -10.66 12.15
N TRP B 655 26.21 -11.08 13.23
CA TRP B 655 26.52 -12.50 13.45
C TRP B 655 25.39 -13.29 14.11
N ASN B 656 24.46 -12.60 14.74
CA ASN B 656 23.52 -13.32 15.62
C ASN B 656 22.35 -14.01 14.89
N PHE B 657 21.93 -13.45 13.75
CA PHE B 657 21.06 -14.16 12.83
C PHE B 657 21.76 -14.19 11.47
N PRO B 658 22.81 -15.03 11.35
CA PRO B 658 23.83 -14.94 10.30
C PRO B 658 23.34 -15.33 8.92
N LEU B 659 22.31 -16.16 8.81
CA LEU B 659 21.72 -16.43 7.49
C LEU B 659 20.44 -15.62 7.29
N ALA B 660 19.60 -15.58 8.32
CA ALA B 660 18.27 -14.96 8.18
C ALA B 660 18.35 -13.48 7.82
N ILE B 661 19.02 -12.70 8.66
CA ILE B 661 19.05 -11.25 8.43
C ILE B 661 19.95 -10.88 7.25
N SER B 662 21.05 -11.61 7.07
CA SER B 662 21.88 -11.43 5.88
C SER B 662 21.06 -11.65 4.61
N MET B 663 20.35 -12.78 4.56
CA MET B 663 19.58 -13.11 3.36
C MET B 663 18.43 -12.12 3.19
N GLY B 664 17.84 -11.71 4.30
CA GLY B 664 16.74 -10.75 4.28
C GLY B 664 17.14 -9.44 3.64
N MET B 665 18.17 -8.81 4.20
CA MET B 665 18.63 -7.53 3.66
C MET B 665 19.20 -7.66 2.25
N ALA B 666 19.97 -8.72 2.00
CA ALA B 666 20.58 -8.86 0.67
C ALA B 666 19.54 -9.13 -0.41
N SER B 667 18.61 -10.06 -0.14
CA SER B 667 17.61 -10.44 -1.14
C SER B 667 16.63 -9.32 -1.40
N ALA B 668 16.33 -8.53 -0.36
CA ALA B 668 15.45 -7.39 -0.55
C ALA B 668 16.10 -6.37 -1.49
N ALA B 669 17.38 -6.07 -1.24
CA ALA B 669 18.12 -5.17 -2.12
C ALA B 669 18.21 -5.70 -3.56
N ILE B 670 18.50 -6.99 -3.69
CA ILE B 670 18.64 -7.64 -4.99
C ILE B 670 17.33 -7.70 -5.78
N VAL B 671 16.25 -8.10 -5.12
CA VAL B 671 15.00 -8.30 -5.85
C VAL B 671 14.42 -6.98 -6.34
N THR B 672 14.75 -5.89 -5.65
CA THR B 672 14.22 -4.58 -6.03
C THR B 672 15.06 -3.94 -7.14
N GLY B 673 16.12 -4.62 -7.55
CA GLY B 673 16.88 -4.19 -8.72
C GLY B 673 18.21 -3.54 -8.38
N ASN B 674 18.58 -3.56 -7.10
CA ASN B 674 19.88 -3.06 -6.69
C ASN B 674 20.94 -4.16 -6.80
N CYS B 675 22.21 -3.78 -6.80
CA CYS B 675 23.28 -4.76 -6.75
C CYS B 675 23.99 -4.59 -5.42
N VAL B 676 24.52 -5.68 -4.89
CA VAL B 676 24.87 -5.72 -3.46
C VAL B 676 26.35 -5.97 -3.22
N VAL B 677 26.93 -5.18 -2.32
CA VAL B 677 28.25 -5.52 -1.77
C VAL B 677 28.01 -5.88 -0.30
N PHE B 678 28.31 -7.13 0.04
CA PHE B 678 27.87 -7.72 1.30
C PHE B 678 29.04 -8.00 2.23
N LYS B 679 28.97 -7.44 3.45
CA LYS B 679 29.98 -7.67 4.45
C LYS B 679 29.35 -8.47 5.60
N PRO B 680 29.60 -9.78 5.66
CA PRO B 680 29.08 -10.53 6.81
C PRO B 680 29.93 -10.21 8.02
N SER B 681 29.45 -10.52 9.21
CA SER B 681 30.27 -10.39 10.40
CA SER B 681 30.26 -10.40 10.41
C SER B 681 31.38 -11.41 10.32
N GLY B 682 32.56 -11.05 10.83
CA GLY B 682 33.72 -11.92 10.76
C GLY B 682 33.48 -13.34 11.27
N ILE B 683 32.85 -13.44 12.43
CA ILE B 683 32.74 -14.73 13.10
C ILE B 683 31.66 -15.63 12.51
N THR B 684 30.87 -15.10 11.58
CA THR B 684 29.89 -15.91 10.86
C THR B 684 30.10 -15.77 9.34
N SER B 685 31.35 -15.63 8.95
CA SER B 685 31.68 -15.49 7.53
C SER B 685 31.38 -16.75 6.72
N ILE B 686 31.48 -17.92 7.34
CA ILE B 686 31.10 -19.13 6.60
C ILE B 686 29.60 -19.14 6.29
N ILE B 687 28.77 -18.76 7.26
CA ILE B 687 27.34 -18.64 6.98
C ILE B 687 27.10 -17.64 5.84
N GLY B 688 27.89 -16.56 5.84
CA GLY B 688 27.78 -15.57 4.77
C GLY B 688 28.09 -16.16 3.41
N TRP B 689 29.04 -17.09 3.38
CA TRP B 689 29.37 -17.81 2.17
C TRP B 689 28.19 -18.63 1.66
N HIS B 690 27.29 -19.02 2.56
CA HIS B 690 26.09 -19.74 2.12
C HIS B 690 25.26 -18.89 1.15
N LEU B 691 25.32 -17.58 1.29
CA LEU B 691 24.63 -16.71 0.34
C LEU B 691 25.27 -16.79 -1.04
N VAL B 692 26.59 -16.92 -1.06
CA VAL B 692 27.30 -17.12 -2.32
C VAL B 692 26.83 -18.41 -2.97
N GLU B 693 26.78 -19.48 -2.18
CA GLU B 693 26.39 -20.79 -2.70
C GLU B 693 24.95 -20.78 -3.18
N LEU B 694 24.06 -20.19 -2.39
CA LEU B 694 22.65 -20.16 -2.73
C LEU B 694 22.37 -19.31 -3.98
N PHE B 695 22.96 -18.12 -4.06
CA PHE B 695 22.70 -17.25 -5.21
C PHE B 695 23.37 -17.79 -6.48
N ARG B 696 24.49 -18.50 -6.31
CA ARG B 696 25.15 -19.17 -7.44
C ARG B 696 24.29 -20.30 -7.97
N GLU B 697 23.82 -21.16 -7.05
CA GLU B 697 22.93 -22.24 -7.44
C GLU B 697 21.69 -21.71 -8.17
N ALA B 698 21.21 -20.54 -7.77
CA ALA B 698 20.04 -19.95 -8.40
C ALA B 698 20.35 -19.35 -9.76
N GLY B 699 21.63 -19.22 -10.08
CA GLY B 699 22.06 -18.65 -11.35
C GLY B 699 22.02 -17.13 -11.43
N LEU B 700 22.18 -16.46 -10.30
CA LEU B 700 22.15 -14.99 -10.28
C LEU B 700 23.28 -14.39 -11.15
N PRO B 701 22.95 -13.39 -11.99
CA PRO B 701 23.97 -12.81 -12.87
C PRO B 701 25.15 -12.25 -12.07
N GLU B 702 26.35 -12.30 -12.64
CA GLU B 702 27.57 -11.87 -11.92
C GLU B 702 27.56 -10.39 -11.57
N GLY B 703 28.11 -10.05 -10.40
CA GLY B 703 28.18 -8.66 -9.97
C GLY B 703 26.95 -8.18 -9.21
N VAL B 704 25.83 -8.89 -9.34
CA VAL B 704 24.61 -8.52 -8.61
C VAL B 704 24.78 -8.77 -7.11
N PHE B 705 25.49 -9.84 -6.76
CA PHE B 705 25.82 -10.11 -5.36
C PHE B 705 27.32 -10.29 -5.23
N ASN B 706 27.95 -9.49 -4.36
CA ASN B 706 29.37 -9.62 -4.10
C ASN B 706 29.62 -9.77 -2.61
N PHE B 707 30.50 -10.70 -2.29
CA PHE B 707 30.79 -11.14 -0.92
C PHE B 707 32.17 -10.62 -0.52
N THR B 708 32.22 -9.65 0.39
CA THR B 708 33.50 -9.04 0.78
C THR B 708 33.60 -8.87 2.29
N PRO B 709 33.78 -9.99 3.00
CA PRO B 709 34.14 -9.87 4.43
C PRO B 709 35.43 -9.06 4.53
N GLY B 710 35.58 -8.28 5.60
CA GLY B 710 36.80 -7.51 5.79
C GLY B 710 36.84 -6.89 7.18
N ARG B 711 37.98 -6.33 7.56
CA ARG B 711 38.10 -5.68 8.87
C ARG B 711 37.44 -4.31 8.82
N GLY B 712 36.52 -4.06 9.75
CA GLY B 712 35.86 -2.77 9.81
C GLY B 712 36.86 -1.64 9.92
N SER B 713 37.92 -1.89 10.69
CA SER B 713 38.96 -0.89 10.89
C SER B 713 39.74 -0.58 9.61
N VAL B 714 39.63 -1.44 8.61
CA VAL B 714 40.32 -1.19 7.34
C VAL B 714 39.37 -0.62 6.28
N MET B 715 38.21 -1.25 6.14
CA MET B 715 37.34 -0.94 5.01
C MET B 715 35.91 -0.53 5.37
N GLY B 716 35.63 -0.40 6.67
CA GLY B 716 34.31 -0.06 7.13
C GLY B 716 33.80 1.29 6.67
N ASP B 717 34.53 2.35 7.02
CA ASP B 717 34.15 3.69 6.59
C ASP B 717 34.25 3.79 5.07
N TYR B 718 35.23 3.10 4.49
CA TYR B 718 35.45 3.17 3.05
C TYR B 718 34.20 2.69 2.31
N LEU B 719 33.64 1.59 2.77
CA LEU B 719 32.44 1.06 2.12
C LEU B 719 31.27 2.04 2.28
N VAL B 720 31.06 2.53 3.50
CA VAL B 720 29.99 3.49 3.78
C VAL B 720 30.16 4.84 3.06
N ASP B 721 31.39 5.35 3.03
CA ASP B 721 31.68 6.67 2.46
C ASP B 721 31.69 6.71 0.93
N HIS B 722 31.84 5.57 0.29
CA HIS B 722 32.08 5.50 -1.15
C HIS B 722 30.98 6.19 -1.97
N PRO B 723 31.38 7.03 -2.94
CA PRO B 723 30.42 7.80 -3.74
C PRO B 723 29.45 6.96 -4.59
N ASP B 724 29.81 5.73 -4.93
CA ASP B 724 28.91 4.90 -5.77
C ASP B 724 27.92 4.05 -4.94
N ILE B 725 27.96 4.19 -3.63
CA ILE B 725 26.96 3.53 -2.79
C ILE B 725 25.73 4.42 -2.74
N SER B 726 24.55 3.84 -2.96
CA SER B 726 23.32 4.61 -2.90
C SER B 726 22.46 4.20 -1.73
N LEU B 727 22.77 3.05 -1.13
CA LEU B 727 21.90 2.49 -0.09
C LEU B 727 22.74 1.68 0.87
N ILE B 728 22.46 1.80 2.16
CA ILE B 728 23.14 1.02 3.17
C ILE B 728 22.10 0.32 4.05
N ALA B 729 22.14 -1.01 4.06
CA ALA B 729 21.29 -1.80 4.95
C ALA B 729 22.18 -2.31 6.06
N PHE B 730 21.85 -1.96 7.30
CA PHE B 730 22.68 -2.31 8.42
C PHE B 730 21.84 -2.87 9.54
N THR B 731 22.30 -3.96 10.15
CA THR B 731 21.71 -4.44 11.40
C THR B 731 22.84 -4.73 12.38
N GLY B 732 22.74 -4.21 13.59
CA GLY B 732 23.82 -4.34 14.57
C GLY B 732 23.68 -3.31 15.68
N SER B 733 24.80 -2.87 16.25
CA SER B 733 24.76 -1.98 17.42
C SER B 733 24.36 -0.54 17.09
N MET B 734 23.76 0.13 18.07
CA MET B 734 23.39 1.54 17.92
C MET B 734 24.59 2.42 17.60
N GLU B 735 25.70 2.21 18.32
CA GLU B 735 26.91 3.03 18.11
C GLU B 735 27.36 2.99 16.64
N THR B 736 27.45 1.79 16.08
CA THR B 736 27.87 1.64 14.68
C THR B 736 26.80 2.18 13.75
N GLY B 737 25.54 1.86 14.02
CA GLY B 737 24.45 2.37 13.19
C GLY B 737 24.40 3.88 13.12
N LEU B 738 24.59 4.54 14.26
CA LEU B 738 24.54 6.00 14.32
C LEU B 738 25.71 6.61 13.58
N ARG B 739 26.88 5.99 13.71
CA ARG B 739 28.06 6.44 12.97
C ARG B 739 27.81 6.36 11.47
N ILE B 740 27.26 5.25 11.03
CA ILE B 740 26.97 5.04 9.60
C ILE B 740 25.99 6.09 9.10
N ILE B 741 24.96 6.35 9.88
CA ILE B 741 23.95 7.33 9.52
C ILE B 741 24.60 8.70 9.33
N GLU B 742 25.43 9.09 10.28
CA GLU B 742 26.13 10.38 10.19
C GLU B 742 27.06 10.48 8.98
N ARG B 743 27.91 9.47 8.79
CA ARG B 743 28.82 9.47 7.64
C ARG B 743 28.11 9.38 6.28
N ALA B 744 27.06 8.57 6.21
CA ALA B 744 26.32 8.39 4.96
C ALA B 744 25.59 9.64 4.48
N ALA B 745 25.31 10.58 5.37
CA ALA B 745 24.53 11.77 4.98
C ALA B 745 25.33 12.76 4.15
N LYS B 746 26.65 12.67 4.20
CA LYS B 746 27.49 13.50 3.33
C LYS B 746 27.38 13.08 1.87
N VAL B 747 27.28 14.05 0.98
CA VAL B 747 27.32 13.78 -0.46
C VAL B 747 28.71 14.14 -0.99
N HIS B 748 29.45 13.12 -1.44
CA HIS B 748 30.81 13.31 -1.95
C HIS B 748 30.79 13.58 -3.46
N PRO B 749 31.90 14.14 -3.99
CA PRO B 749 31.99 14.35 -5.44
C PRO B 749 31.72 13.08 -6.25
N GLY B 750 30.83 13.18 -7.23
CA GLY B 750 30.51 12.04 -8.08
C GLY B 750 29.44 11.14 -7.48
N GLN B 751 28.98 11.46 -6.28
CA GLN B 751 27.92 10.67 -5.66
C GLN B 751 26.55 11.00 -6.27
N ALA B 752 25.92 10.00 -6.88
CA ALA B 752 24.65 10.21 -7.58
C ALA B 752 23.44 10.48 -6.69
N ASN B 753 23.37 9.82 -5.53
CA ASN B 753 22.16 9.89 -4.69
C ASN B 753 22.45 10.34 -3.27
N VAL B 754 21.44 10.89 -2.60
CA VAL B 754 21.48 11.00 -1.15
C VAL B 754 21.35 9.56 -0.65
N LYS B 755 22.26 9.12 0.20
CA LYS B 755 22.27 7.71 0.62
C LYS B 755 21.06 7.34 1.48
N LYS B 756 20.44 6.22 1.14
CA LYS B 756 19.27 5.74 1.89
C LYS B 756 19.73 4.77 2.98
N ILE B 757 19.27 5.01 4.20
CA ILE B 757 19.64 4.16 5.34
C ILE B 757 18.52 3.18 5.69
N ILE B 758 18.84 1.89 5.74
CA ILE B 758 17.89 0.92 6.30
C ILE B 758 18.63 0.27 7.45
N SER B 759 18.09 0.44 8.66
CA SER B 759 18.89 0.17 9.85
C SER B 759 18.04 -0.36 10.99
N GLU B 760 18.54 -1.43 11.59
CA GLU B 760 17.94 -1.96 12.81
C GLU B 760 19.06 -2.05 13.83
N MET B 761 18.88 -1.39 14.96
CA MET B 761 19.94 -1.24 15.93
C MET B 761 19.50 -1.92 17.22
N GLY B 762 19.97 -1.47 18.36
CA GLY B 762 19.69 -2.22 19.57
C GLY B 762 18.28 -2.23 20.14
N GLY B 763 18.15 -2.93 21.25
CA GLY B 763 16.96 -2.83 22.07
C GLY B 763 17.37 -3.06 23.50
N LYS B 764 16.61 -2.48 24.44
CA LYS B 764 16.73 -2.84 25.85
C LYS B 764 15.32 -3.21 26.26
N ASN B 765 14.90 -4.41 25.86
CA ASN B 765 13.50 -4.78 25.85
C ASN B 765 12.98 -5.28 27.19
N ALA B 766 11.80 -4.78 27.58
CA ALA B 766 11.20 -5.16 28.85
C ALA B 766 9.97 -6.04 28.62
N ILE B 767 9.77 -6.98 29.53
CA ILE B 767 8.48 -7.65 29.64
C ILE B 767 7.87 -7.26 30.98
N ILE B 768 6.62 -6.78 30.95
CA ILE B 768 5.89 -6.43 32.18
C ILE B 768 5.11 -7.65 32.69
N ILE B 769 5.27 -7.95 33.98
CA ILE B 769 4.50 -9.02 34.61
C ILE B 769 3.46 -8.39 35.55
N ASP B 770 2.20 -8.36 35.12
CA ASP B 770 1.14 -7.69 35.87
C ASP B 770 0.67 -8.59 37.02
N ASP B 771 -0.08 -8.02 37.96
CA ASP B 771 -0.56 -8.77 39.14
C ASP B 771 -1.35 -10.00 38.78
N ASP B 772 -2.13 -9.92 37.71
CA ASP B 772 -3.00 -11.03 37.34
C ASP B 772 -2.39 -11.94 36.27
N ALA B 773 -1.07 -11.83 36.06
CA ALA B 773 -0.42 -12.64 35.03
C ALA B 773 -0.56 -14.11 35.35
N ASP B 774 -0.71 -14.93 34.32
CA ASP B 774 -0.65 -16.38 34.46
C ASP B 774 0.83 -16.73 34.55
N LEU B 775 1.32 -17.01 35.76
CA LEU B 775 2.75 -17.27 35.96
C LEU B 775 3.20 -18.58 35.32
N ASP B 776 2.28 -19.52 35.16
CA ASP B 776 2.59 -20.76 34.45
C ASP B 776 3.03 -20.46 33.02
N GLU B 777 2.51 -19.38 32.46
CA GLU B 777 2.91 -18.95 31.11
C GLU B 777 4.05 -17.95 31.15
N ALA B 778 3.96 -16.99 32.06
CA ALA B 778 4.93 -15.89 32.12
C ALA B 778 6.35 -16.40 32.37
N VAL B 779 6.49 -17.29 33.34
CA VAL B 779 7.82 -17.74 33.75
C VAL B 779 8.64 -18.38 32.63
N PRO B 780 8.12 -19.43 31.96
CA PRO B 780 8.96 -19.96 30.89
C PRO B 780 9.13 -19.04 29.69
N HIS B 781 8.15 -18.17 29.41
CA HIS B 781 8.30 -17.23 28.29
C HIS B 781 9.34 -16.15 28.59
N VAL B 782 9.38 -15.70 29.83
CA VAL B 782 10.42 -14.74 30.23
C VAL B 782 11.79 -15.40 30.18
N LEU B 783 11.90 -16.61 30.70
CA LEU B 783 13.18 -17.32 30.67
C LEU B 783 13.68 -17.51 29.24
N TYR B 784 12.79 -17.90 28.34
CA TYR B 784 13.22 -18.11 26.95
C TYR B 784 13.54 -16.78 26.28
N SER B 785 12.78 -15.75 26.60
CA SER B 785 13.00 -14.43 25.99
C SER B 785 14.34 -13.86 26.42
N ALA B 786 14.72 -14.13 27.66
CA ALA B 786 15.98 -13.63 28.20
C ALA B 786 17.20 -14.46 27.81
N PHE B 787 17.06 -15.78 27.78
CA PHE B 787 18.22 -16.65 27.68
C PHE B 787 18.30 -17.56 26.45
N GLY B 788 17.25 -17.55 25.63
CA GLY B 788 17.31 -18.27 24.34
C GLY B 788 18.46 -17.74 23.51
N PHE B 789 19.23 -18.64 22.89
CA PHE B 789 20.47 -18.24 22.21
C PHE B 789 21.34 -17.33 23.08
N GLN B 790 21.40 -17.60 24.39
CA GLN B 790 22.30 -16.85 25.30
C GLN B 790 21.96 -15.38 25.37
N GLY B 791 20.73 -15.02 25.04
CA GLY B 791 20.31 -13.62 25.10
C GLY B 791 20.85 -12.74 23.97
N GLN B 792 21.41 -13.37 22.93
CA GLN B 792 22.06 -12.62 21.86
C GLN B 792 21.08 -12.24 20.73
N LYS B 793 20.02 -11.54 21.08
CA LYS B 793 19.03 -11.14 20.09
C LYS B 793 18.67 -9.70 20.36
N CYS B 794 18.47 -8.92 19.30
CA CYS B 794 18.08 -7.52 19.44
CA CYS B 794 18.11 -7.52 19.49
C CYS B 794 16.73 -7.44 20.14
N SER B 795 15.96 -8.52 20.01
CA SER B 795 14.62 -8.59 20.58
C SER B 795 14.57 -9.17 21.99
N ALA B 796 15.71 -9.65 22.49
CA ALA B 796 15.75 -10.38 23.77
C ALA B 796 15.22 -9.56 24.96
N CYS B 797 14.53 -10.22 25.87
CA CYS B 797 14.12 -9.56 27.10
C CYS B 797 15.32 -9.38 28.03
N SER B 798 15.66 -8.13 28.34
CA SER B 798 16.79 -7.89 29.23
C SER B 798 16.35 -7.23 30.53
N ARG B 799 15.07 -6.86 30.57
CA ARG B 799 14.47 -6.26 31.74
C ARG B 799 13.13 -6.97 31.97
N VAL B 800 12.93 -7.54 33.15
CA VAL B 800 11.60 -8.01 33.47
C VAL B 800 11.05 -7.12 34.58
N ILE B 801 9.94 -6.46 34.30
CA ILE B 801 9.39 -5.47 35.22
C ILE B 801 8.17 -6.08 35.89
N VAL B 802 8.26 -6.29 37.19
CA VAL B 802 7.30 -7.14 37.89
C VAL B 802 6.52 -6.36 38.93
N LEU B 803 5.20 -6.51 38.91
CA LEU B 803 4.33 -5.79 39.83
C LEU B 803 4.58 -6.23 41.27
N ASP B 804 4.57 -5.25 42.17
CA ASP B 804 4.85 -5.42 43.60
C ASP B 804 4.23 -6.69 44.20
N ALA B 805 2.92 -6.86 44.03
CA ALA B 805 2.19 -7.90 44.75
C ALA B 805 2.46 -9.32 44.26
N VAL B 806 3.09 -9.45 43.10
CA VAL B 806 3.35 -10.78 42.55
C VAL B 806 4.86 -11.03 42.44
N TYR B 807 5.65 -10.07 42.91
CA TYR B 807 7.10 -10.13 42.71
C TYR B 807 7.77 -11.34 43.34
N ASP B 808 7.56 -11.53 44.64
CA ASP B 808 8.23 -12.62 45.35
C ASP B 808 7.92 -13.98 44.75
N LYS B 809 6.65 -14.19 44.39
CA LYS B 809 6.20 -15.46 43.83
C LYS B 809 6.75 -15.67 42.41
N PHE B 810 6.73 -14.63 41.60
CA PHE B 810 7.27 -14.74 40.24
C PHE B 810 8.76 -15.06 40.28
N ILE B 811 9.51 -14.31 41.07
CA ILE B 811 10.96 -14.49 41.14
C ILE B 811 11.34 -15.87 41.64
N GLU B 812 10.65 -16.35 42.67
CA GLU B 812 10.92 -17.68 43.19
C GLU B 812 10.76 -18.72 42.07
N ARG B 813 9.71 -18.59 41.27
CA ARG B 813 9.48 -19.56 40.21
C ARG B 813 10.45 -19.37 39.05
N LEU B 814 10.74 -18.12 38.70
CA LEU B 814 11.72 -17.84 37.63
C LEU B 814 13.10 -18.37 37.97
N VAL B 815 13.56 -18.08 39.19
CA VAL B 815 14.88 -18.55 39.61
C VAL B 815 14.92 -20.08 39.72
N SER B 816 13.87 -20.68 40.28
CA SER B 816 13.83 -22.13 40.40
C SER B 816 13.82 -22.82 39.03
N MET B 817 13.11 -22.26 38.06
CA MET B 817 13.18 -22.84 36.72
C MET B 817 14.56 -22.68 36.09
N ALA B 818 15.14 -21.49 36.23
CA ALA B 818 16.49 -21.24 35.72
C ALA B 818 17.48 -22.25 36.29
N LYS B 819 17.30 -22.62 37.56
CA LYS B 819 18.21 -23.55 38.24
C LYS B 819 18.19 -24.94 37.63
N ALA B 820 17.07 -25.30 37.00
CA ALA B 820 16.93 -26.63 36.37
C ALA B 820 17.58 -26.70 35.00
N THR B 821 17.86 -25.55 34.40
CA THR B 821 18.44 -25.51 33.05
C THR B 821 19.95 -25.70 33.13
N LYS B 822 20.55 -26.22 32.06
CA LYS B 822 21.99 -26.44 32.01
C LYS B 822 22.64 -25.59 30.92
N VAL B 823 23.82 -25.05 31.23
CA VAL B 823 24.61 -24.30 30.26
C VAL B 823 25.70 -25.20 29.68
N GLY B 824 25.81 -25.24 28.36
CA GLY B 824 26.78 -26.11 27.71
C GLY B 824 26.73 -26.02 26.19
N PRO B 825 27.64 -26.74 25.51
CA PRO B 825 27.73 -26.71 24.04
C PRO B 825 26.37 -26.87 23.35
N SER B 826 26.14 -26.06 22.31
CA SER B 826 24.86 -26.03 21.63
C SER B 826 24.61 -27.28 20.79
N GLU B 827 25.66 -28.04 20.50
CA GLU B 827 25.47 -29.25 19.69
C GLU B 827 24.80 -30.35 20.53
N ASP B 828 24.89 -30.21 21.85
CA ASP B 828 24.20 -31.13 22.79
C ASP B 828 22.83 -30.56 23.12
N PRO B 829 21.77 -31.24 22.66
CA PRO B 829 20.41 -30.72 22.79
C PRO B 829 19.91 -30.63 24.24
N ALA B 830 20.64 -31.22 25.18
CA ALA B 830 20.25 -31.17 26.60
C ALA B 830 20.52 -29.81 27.26
N ASN B 831 21.37 -29.01 26.63
CA ASN B 831 21.68 -27.69 27.17
C ASN B 831 20.67 -26.64 26.71
N TYR B 832 20.31 -25.75 27.63
CA TYR B 832 19.33 -24.71 27.35
C TYR B 832 20.00 -23.58 26.54
N MET B 833 21.19 -23.19 26.98
CA MET B 833 21.98 -22.19 26.29
C MET B 833 23.46 -22.56 26.43
N GLY B 834 24.33 -21.89 25.65
CA GLY B 834 25.74 -22.22 25.65
C GLY B 834 26.64 -20.99 25.59
N ALA B 835 27.82 -21.15 25.00
CA ALA B 835 28.77 -20.04 24.94
C ALA B 835 28.25 -18.87 24.10
N VAL B 836 28.73 -17.67 24.41
CA VAL B 836 28.39 -16.48 23.63
C VAL B 836 29.35 -16.40 22.45
N ALA B 837 29.15 -15.41 21.57
CA ALA B 837 29.70 -15.41 20.22
C ALA B 837 31.23 -15.55 20.12
N ASP B 838 31.95 -14.84 20.98
CA ASP B 838 33.41 -14.85 20.92
C ASP B 838 34.05 -14.30 22.19
N ASP B 839 35.37 -14.25 22.21
CA ASP B 839 36.09 -13.84 23.43
C ASP B 839 35.73 -12.42 23.86
N LYS B 840 35.63 -11.50 22.91
CA LYS B 840 35.28 -10.11 23.23
C LYS B 840 33.87 -10.00 23.81
N ALA B 841 32.92 -10.70 23.23
CA ALA B 841 31.56 -10.75 23.76
C ALA B 841 31.56 -11.26 25.20
N MET B 842 32.35 -12.32 25.45
CA MET B 842 32.37 -12.93 26.78
C MET B 842 32.90 -11.97 27.82
N LYS B 843 33.96 -11.24 27.48
CA LYS B 843 34.54 -10.27 28.38
C LYS B 843 33.62 -9.08 28.63
N SER B 844 33.03 -8.56 27.55
CA SER B 844 32.06 -7.45 27.63
C SER B 844 30.87 -7.84 28.52
N ILE B 845 30.29 -9.00 28.26
CA ILE B 845 29.14 -9.44 29.05
C ILE B 845 29.51 -9.65 30.52
N LYS B 846 30.62 -10.34 30.79
CA LYS B 846 31.04 -10.55 32.19
C LYS B 846 31.24 -9.23 32.93
N GLU B 847 31.80 -8.23 32.25
CA GLU B 847 31.98 -6.91 32.85
C GLU B 847 30.62 -6.32 33.22
N TYR B 848 29.66 -6.42 32.30
CA TYR B 848 28.30 -5.96 32.56
C TYR B 848 27.65 -6.71 33.73
N ALA B 849 27.88 -8.02 33.82
CA ALA B 849 27.36 -8.78 34.96
C ALA B 849 27.96 -8.30 36.28
N GLU B 850 29.25 -7.96 36.28
CA GLU B 850 29.87 -7.44 37.50
C GLU B 850 29.28 -6.06 37.83
N ILE B 851 29.12 -5.21 36.82
CA ILE B 851 28.46 -3.92 37.03
C ILE B 851 27.08 -4.10 37.64
N GLY B 852 26.28 -4.98 37.05
CA GLY B 852 24.93 -5.24 37.56
C GLY B 852 24.90 -5.79 38.97
N LYS B 853 25.88 -6.60 39.31
CA LYS B 853 25.88 -7.19 40.65
C LYS B 853 26.22 -6.15 41.71
N ARG B 854 26.84 -5.06 41.30
CA ARG B 854 27.09 -3.95 42.23
C ARG B 854 25.93 -2.94 42.24
N GLU B 855 25.09 -2.95 41.21
CA GLU B 855 23.92 -2.07 41.16
C GLU B 855 22.73 -2.71 41.86
N GLY B 856 22.50 -3.99 41.61
CA GLY B 856 21.40 -4.70 42.23
C GLY B 856 21.90 -5.85 43.07
N HIS B 857 21.12 -6.92 43.16
CA HIS B 857 21.54 -8.08 43.94
C HIS B 857 21.34 -9.35 43.13
N VAL B 858 22.40 -10.18 43.10
CA VAL B 858 22.37 -11.38 42.28
C VAL B 858 21.31 -12.35 42.79
N LEU B 859 20.43 -12.81 41.90
CA LEU B 859 19.39 -13.77 42.28
C LEU B 859 19.78 -15.17 41.82
N TYR B 860 20.46 -15.25 40.69
CA TYR B 860 20.90 -16.53 40.17
C TYR B 860 22.11 -16.33 39.28
N GLU B 861 23.10 -17.21 39.42
CA GLU B 861 24.25 -17.21 38.52
C GLU B 861 24.60 -18.67 38.31
N SER B 862 24.38 -19.18 37.10
CA SER B 862 24.48 -20.60 36.83
C SER B 862 25.91 -21.11 36.90
N PRO B 863 26.07 -22.42 37.13
CA PRO B 863 27.39 -23.00 36.86
C PRO B 863 27.64 -22.97 35.35
N VAL B 864 28.90 -23.09 34.92
CA VAL B 864 29.25 -23.22 33.49
C VAL B 864 30.20 -24.41 33.37
N PRO B 865 30.41 -24.94 32.14
CA PRO B 865 31.32 -26.09 32.08
C PRO B 865 32.75 -25.67 32.35
N ALA B 866 33.57 -26.57 32.91
CA ALA B 866 34.98 -26.28 33.07
C ALA B 866 35.64 -26.36 31.70
N GLY B 867 36.84 -25.78 31.58
CA GLY B 867 37.59 -25.90 30.33
C GLY B 867 37.27 -24.84 29.29
N GLU B 868 37.60 -25.11 28.03
CA GLU B 868 37.48 -24.10 26.99
C GLU B 868 36.04 -23.83 26.57
N GLY B 869 35.79 -22.63 26.03
CA GLY B 869 34.45 -22.21 25.66
C GLY B 869 34.19 -20.80 26.18
N TYR B 870 33.52 -19.97 25.39
CA TYR B 870 33.24 -18.60 25.83
C TYR B 870 31.97 -18.57 26.66
N PHE B 871 32.00 -19.27 27.78
CA PHE B 871 30.81 -19.39 28.62
C PHE B 871 30.59 -18.19 29.55
N VAL B 872 29.37 -17.69 29.55
CA VAL B 872 28.92 -16.70 30.52
C VAL B 872 27.75 -17.33 31.27
N PRO B 873 27.78 -17.25 32.62
CA PRO B 873 26.69 -17.85 33.40
C PRO B 873 25.32 -17.27 33.03
N MET B 874 24.29 -18.10 33.05
CA MET B 874 22.93 -17.58 32.99
C MET B 874 22.74 -16.77 34.28
N THR B 875 22.46 -15.48 34.15
CA THR B 875 22.55 -14.54 35.27
C THR B 875 21.28 -13.71 35.48
N ILE B 876 20.73 -13.75 36.70
CA ILE B 876 19.55 -12.96 37.03
C ILE B 876 19.87 -12.01 38.21
N ILE B 877 19.60 -10.72 38.03
CA ILE B 877 19.95 -9.72 39.03
C ILE B 877 18.71 -8.91 39.37
N GLY B 878 18.36 -8.86 40.66
CA GLY B 878 17.19 -8.11 41.10
C GLY B 878 17.57 -6.80 41.73
N GLY B 879 16.58 -6.02 42.18
CA GLY B 879 16.84 -4.71 42.74
C GLY B 879 17.21 -3.65 41.71
N ILE B 880 16.98 -3.96 40.44
CA ILE B 880 17.35 -3.04 39.38
C ILE B 880 16.30 -1.91 39.21
N LYS B 881 16.80 -0.70 38.99
CA LYS B 881 15.96 0.49 38.84
C LYS B 881 16.36 1.21 37.56
N PRO B 882 15.47 2.06 37.01
CA PRO B 882 15.72 2.62 35.69
C PRO B 882 17.01 3.44 35.56
N GLU B 883 17.52 3.97 36.66
CA GLU B 883 18.74 4.78 36.58
C GLU B 883 20.01 3.94 36.53
N HIS B 884 19.86 2.62 36.66
CA HIS B 884 21.03 1.73 36.66
C HIS B 884 21.53 1.47 35.24
N ARG B 885 22.83 1.27 35.09
CA ARG B 885 23.41 1.01 33.78
C ARG B 885 22.78 -0.22 33.14
N ILE B 886 22.63 -1.31 33.90
CA ILE B 886 22.11 -2.52 33.27
C ILE B 886 20.59 -2.45 33.06
N ALA B 887 19.98 -1.34 33.48
CA ALA B 887 18.59 -1.05 33.10
C ALA B 887 18.52 -0.24 31.80
N GLN B 888 19.68 0.18 31.29
CA GLN B 888 19.71 1.14 30.17
C GLN B 888 20.51 0.68 28.97
N GLU B 889 21.63 -0.01 29.23
CA GLU B 889 22.59 -0.35 28.20
C GLU B 889 22.40 -1.78 27.71
N GLU B 890 22.41 -1.96 26.39
CA GLU B 890 22.18 -3.28 25.80
C GLU B 890 23.40 -4.15 26.05
N ILE B 891 23.20 -5.30 26.69
CA ILE B 891 24.30 -6.19 27.06
C ILE B 891 24.51 -7.28 26.01
N PHE B 892 23.41 -7.72 25.40
CA PHE B 892 23.46 -8.76 24.36
C PHE B 892 24.05 -10.05 24.91
N GLY B 893 23.62 -10.43 26.10
CA GLY B 893 24.10 -11.65 26.72
C GLY B 893 23.11 -12.13 27.78
N PRO B 894 23.42 -13.25 28.42
CA PRO B 894 22.49 -13.87 29.37
C PRO B 894 22.52 -13.19 30.73
N VAL B 895 22.19 -11.89 30.74
CA VAL B 895 22.08 -11.14 31.98
C VAL B 895 20.70 -10.48 32.05
N LEU B 896 19.87 -10.95 32.98
CA LEU B 896 18.49 -10.46 33.09
C LEU B 896 18.34 -9.54 34.30
N ALA B 897 17.85 -8.33 34.07
CA ALA B 897 17.55 -7.40 35.16
C ALA B 897 16.10 -7.53 35.58
N VAL B 898 15.89 -7.69 36.89
CA VAL B 898 14.53 -7.73 37.42
C VAL B 898 14.20 -6.45 38.17
N MET B 899 13.09 -5.81 37.79
CA MET B 899 12.75 -4.50 38.33
C MET B 899 11.39 -4.59 39.01
N ARG B 900 11.29 -4.06 40.24
CA ARG B 900 10.05 -4.18 41.02
C ARG B 900 9.24 -2.89 40.96
N ALA B 901 8.11 -2.93 40.25
CA ALA B 901 7.30 -1.73 40.04
C ALA B 901 6.21 -1.64 41.10
N LYS B 902 5.95 -0.43 41.60
CA LYS B 902 5.03 -0.27 42.71
C LYS B 902 3.58 -0.36 42.25
N ASP B 903 3.34 -0.05 40.98
CA ASP B 903 1.99 -0.12 40.40
C ASP B 903 2.08 -0.15 38.89
N PHE B 904 0.97 -0.34 38.20
CA PHE B 904 1.01 -0.55 36.76
C PHE B 904 1.48 0.70 36.03
N ASP B 905 1.09 1.87 36.52
CA ASP B 905 1.56 3.11 35.93
C ASP B 905 3.08 3.21 35.98
N GLN B 906 3.69 2.83 37.09
CA GLN B 906 5.15 2.88 37.18
C GLN B 906 5.77 1.83 36.26
N ALA B 907 5.09 0.70 36.13
CA ALA B 907 5.61 -0.36 35.25
C ALA B 907 5.75 0.15 33.82
N ILE B 908 4.71 0.83 33.34
CA ILE B 908 4.71 1.40 31.99
C ILE B 908 5.77 2.48 31.86
N GLU B 909 5.81 3.36 32.85
CA GLU B 909 6.81 4.42 32.89
C GLU B 909 8.24 3.82 32.82
N TRP B 910 8.50 2.81 33.63
CA TRP B 910 9.81 2.15 33.62
C TRP B 910 10.10 1.43 32.30
N ALA B 911 9.07 0.84 31.70
CA ALA B 911 9.25 0.17 30.42
C ALA B 911 9.73 1.16 29.37
N ASN B 912 9.17 2.36 29.43
CA ASN B 912 9.50 3.41 28.47
C ASN B 912 10.69 4.27 28.87
N SER B 913 11.46 3.86 29.88
CA SER B 913 12.53 4.73 30.41
C SER B 913 13.89 4.62 29.72
N THR B 914 13.98 3.91 28.60
CA THR B 914 15.26 3.78 27.91
C THR B 914 15.19 4.57 26.61
N GLN B 915 16.30 4.61 25.88
CA GLN B 915 16.32 5.33 24.61
C GLN B 915 15.92 4.43 23.45
N PHE B 916 15.61 3.17 23.76
CA PHE B 916 15.29 2.17 22.73
C PHE B 916 13.79 1.87 22.70
N ALA B 917 13.31 1.28 21.61
CA ALA B 917 11.89 0.96 21.50
C ALA B 917 11.69 -0.15 20.47
N LEU B 918 12.41 -1.25 20.66
CA LEU B 918 12.39 -2.32 19.68
C LEU B 918 11.26 -3.32 19.93
N THR B 919 11.40 -4.16 20.95
CA THR B 919 10.31 -5.04 21.36
C THR B 919 9.92 -4.82 22.81
N GLY B 920 8.79 -5.41 23.20
CA GLY B 920 8.33 -5.36 24.57
C GLY B 920 7.31 -6.46 24.73
N GLY B 921 7.03 -6.87 25.97
CA GLY B 921 6.02 -7.86 26.21
C GLY B 921 5.22 -7.50 27.45
N ILE B 922 4.03 -8.06 27.58
CA ILE B 922 3.29 -7.90 28.82
C ILE B 922 2.47 -9.16 29.06
N PHE B 923 2.54 -9.67 30.28
CA PHE B 923 1.66 -10.74 30.71
C PHE B 923 0.66 -10.11 31.65
N SER B 924 -0.58 -10.05 31.21
CA SER B 924 -1.67 -9.45 31.97
C SER B 924 -2.96 -10.01 31.44
N ARG B 925 -3.96 -10.09 32.30
CA ARG B 925 -5.27 -10.52 31.86
C ARG B 925 -6.30 -9.48 32.26
N SER B 926 -5.82 -8.23 32.30
CA SER B 926 -6.68 -7.09 32.55
C SER B 926 -6.86 -6.33 31.24
N PRO B 927 -8.10 -6.26 30.73
CA PRO B 927 -8.38 -5.58 29.47
C PRO B 927 -7.93 -4.12 29.52
N GLU B 928 -8.08 -3.50 30.69
CA GLU B 928 -7.71 -2.09 30.87
C GLU B 928 -6.20 -1.90 30.79
N HIS B 929 -5.46 -2.78 31.45
CA HIS B 929 -4.00 -2.70 31.43
C HIS B 929 -3.44 -3.04 30.07
N LEU B 930 -4.04 -4.00 29.38
CA LEU B 930 -3.60 -4.37 28.04
C LEU B 930 -3.83 -3.21 27.07
N ALA B 931 -4.97 -2.54 27.20
CA ALA B 931 -5.28 -1.38 26.37
C ALA B 931 -4.30 -0.24 26.60
N LYS B 932 -3.99 0.03 27.86
CA LYS B 932 -2.97 1.03 28.18
C LYS B 932 -1.62 0.65 27.59
N ALA B 933 -1.27 -0.63 27.66
CA ALA B 933 -0.02 -1.09 27.06
C ALA B 933 -0.03 -0.95 25.54
N ARG B 934 -1.14 -1.29 24.88
CA ARG B 934 -1.19 -1.18 23.42
C ARG B 934 -0.96 0.27 23.02
N ARG B 935 -1.54 1.18 23.79
CA ARG B 935 -1.43 2.60 23.48
C ARG B 935 -0.08 3.21 23.86
N GLU B 936 0.37 2.96 25.09
CA GLU B 936 1.50 3.69 25.68
C GLU B 936 2.84 2.97 25.68
N PHE B 937 2.84 1.64 25.58
CA PHE B 937 4.10 0.88 25.59
C PHE B 937 4.58 0.88 24.14
N ARG B 938 5.21 1.97 23.73
CA ARG B 938 5.39 2.28 22.31
C ARG B 938 6.64 1.68 21.67
N VAL B 939 6.73 0.35 21.66
CA VAL B 939 7.85 -0.35 21.03
C VAL B 939 7.45 -0.75 19.60
N GLY B 940 8.41 -1.14 18.77
CA GLY B 940 8.09 -1.51 17.39
C GLY B 940 7.25 -2.79 17.31
N ASN B 941 7.51 -3.69 18.25
CA ASN B 941 6.83 -4.99 18.31
C ASN B 941 6.48 -5.31 19.75
N LEU B 942 5.21 -5.15 20.07
CA LEU B 942 4.72 -5.42 21.43
C LEU B 942 4.01 -6.76 21.47
N TYR B 943 4.40 -7.61 22.40
CA TYR B 943 3.80 -8.93 22.51
C TYR B 943 2.95 -9.04 23.75
N ILE B 944 1.75 -9.61 23.61
CA ILE B 944 0.86 -9.78 24.76
C ILE B 944 0.74 -11.27 25.09
N ASN B 945 1.09 -11.61 26.33
CA ASN B 945 0.94 -12.98 26.83
C ASN B 945 1.72 -14.06 26.10
N ARG B 946 2.94 -13.70 25.68
CA ARG B 946 3.85 -14.65 25.05
C ARG B 946 5.24 -14.01 25.04
N ASN B 947 6.26 -14.77 24.68
CA ASN B 947 7.63 -14.24 24.61
C ASN B 947 7.74 -13.10 23.60
N ASN B 948 8.75 -12.24 23.78
CA ASN B 948 8.88 -11.08 22.90
C ASN B 948 9.90 -11.28 21.80
N THR B 949 10.34 -12.52 21.61
CA THR B 949 11.33 -12.86 20.58
C THR B 949 10.67 -13.73 19.52
N GLY B 950 11.41 -14.06 18.47
CA GLY B 950 10.92 -15.00 17.48
C GLY B 950 9.94 -14.44 16.45
N ALA B 951 10.09 -13.17 16.12
CA ALA B 951 9.25 -12.54 15.09
C ALA B 951 9.28 -13.33 13.78
N LEU B 952 8.13 -13.52 13.16
CA LEU B 952 8.03 -14.24 11.89
C LEU B 952 7.70 -13.30 10.75
N VAL B 953 8.26 -13.61 9.58
CA VAL B 953 7.94 -12.87 8.36
C VAL B 953 6.42 -12.81 8.12
N GLU B 954 5.96 -11.63 7.73
CA GLU B 954 4.55 -11.29 7.49
C GLU B 954 3.69 -11.15 8.75
N ARG B 955 3.75 -12.14 9.63
CA ARG B 955 3.04 -12.11 10.89
C ARG B 955 3.56 -11.02 11.84
N GLN B 956 4.87 -10.92 11.97
CA GLN B 956 5.46 -9.87 12.82
C GLN B 956 6.55 -9.08 12.10
N PRO B 957 6.16 -8.16 11.21
CA PRO B 957 7.20 -7.31 10.59
C PRO B 957 7.97 -6.60 11.72
N PHE B 958 9.29 -6.62 11.61
CA PHE B 958 10.14 -6.35 12.75
C PHE B 958 10.96 -5.09 12.59
N GLY B 959 10.95 -4.25 13.62
CA GLY B 959 11.76 -3.04 13.63
C GLY B 959 11.06 -1.95 14.41
N GLY B 960 11.82 -0.96 14.87
CA GLY B 960 11.21 0.16 15.57
C GLY B 960 11.87 1.48 15.28
N ALA B 961 11.56 2.48 16.10
CA ALA B 961 12.17 3.79 15.97
C ALA B 961 12.98 4.11 17.23
N ARG B 962 12.95 5.37 17.69
CA ARG B 962 13.85 5.83 18.74
C ARG B 962 15.29 5.48 18.36
N MET B 963 16.05 4.95 19.30
CA MET B 963 17.42 4.55 18.98
C MET B 963 17.50 3.08 18.54
N SER B 964 16.35 2.48 18.28
CA SER B 964 16.30 1.09 17.87
C SER B 964 16.31 0.91 16.35
N GLY B 965 16.21 2.00 15.61
CA GLY B 965 16.19 1.90 14.16
C GLY B 965 15.64 3.16 13.53
N VAL B 966 15.30 3.08 12.24
CA VAL B 966 14.81 4.25 11.52
C VAL B 966 13.39 4.01 11.01
N GLY B 967 12.69 3.08 11.65
CA GLY B 967 11.29 2.82 11.32
C GLY B 967 11.12 1.95 10.09
N THR B 968 12.14 1.18 9.75
CA THR B 968 11.98 0.21 8.65
C THR B 968 11.67 -1.16 9.27
N LYS B 969 10.75 -1.89 8.66
CA LYS B 969 10.32 -3.15 9.25
C LYS B 969 10.51 -4.31 8.27
N ALA B 970 11.57 -5.08 8.50
CA ALA B 970 11.85 -6.28 7.72
C ALA B 970 10.72 -7.30 7.83
N GLY B 971 10.48 -8.01 6.74
CA GLY B 971 9.44 -9.02 6.71
C GLY B 971 8.03 -8.47 6.71
N GLY B 972 7.88 -7.21 6.33
CA GLY B 972 6.58 -6.58 6.23
C GLY B 972 6.32 -5.94 4.88
N PRO B 973 5.08 -5.46 4.64
CA PRO B 973 4.64 -4.98 3.33
C PRO B 973 5.07 -3.54 3.00
N ASP B 974 5.78 -2.86 3.91
CA ASP B 974 6.34 -1.54 3.61
C ASP B 974 7.85 -1.62 3.28
N TYR B 975 8.45 -2.79 3.45
CA TYR B 975 9.90 -2.91 3.47
C TYR B 975 10.58 -2.63 2.12
N LEU B 976 10.07 -3.26 1.06
CA LEU B 976 10.78 -3.20 -0.22
C LEU B 976 10.81 -1.77 -0.78
N LEU B 977 9.78 -0.98 -0.48
CA LEU B 977 9.72 0.41 -0.92
C LEU B 977 10.95 1.22 -0.49
N HIS B 978 11.54 0.86 0.65
CA HIS B 978 12.73 1.56 1.15
C HIS B 978 13.96 1.34 0.27
N PHE B 979 13.94 0.31 -0.58
CA PHE B 979 15.09 0.01 -1.44
C PHE B 979 14.93 0.58 -2.84
N MET B 980 13.88 1.37 -3.04
CA MET B 980 13.56 1.87 -4.36
C MET B 980 13.17 3.35 -4.29
N ASP B 981 13.00 3.96 -5.46
CA ASP B 981 12.39 5.29 -5.54
C ASP B 981 11.25 5.26 -6.54
N PRO B 982 10.18 5.99 -6.26
CA PRO B 982 9.02 6.03 -7.16
C PRO B 982 9.28 6.90 -8.37
N ARG B 983 8.66 6.56 -9.50
CA ARG B 983 8.69 7.37 -10.70
C ARG B 983 7.26 7.43 -11.22
N VAL B 984 6.91 8.53 -11.86
CA VAL B 984 5.63 8.64 -12.54
C VAL B 984 5.90 9.00 -14.00
N VAL B 985 5.21 8.31 -14.91
CA VAL B 985 5.20 8.73 -16.30
C VAL B 985 3.80 9.21 -16.63
N THR B 986 3.70 10.43 -17.15
CA THR B 986 2.41 11.02 -17.49
C THR B 986 2.35 11.24 -19.00
N GLU B 987 1.36 10.66 -19.65
CA GLU B 987 1.24 10.82 -21.11
C GLU B 987 -0.06 11.51 -21.48
N ASN B 988 0.06 12.56 -22.29
CA ASN B 988 -1.07 13.15 -22.96
C ASN B 988 -1.42 12.27 -24.16
N THR B 989 -2.56 11.59 -24.09
CA THR B 989 -2.93 10.60 -25.10
C THR B 989 -3.77 11.19 -26.22
N MET B 990 -4.09 12.48 -26.11
CA MET B 990 -4.89 13.11 -27.15
C MET B 990 -4.03 13.55 -28.35
N ARG B 991 -4.44 13.14 -29.55
CA ARG B 991 -3.80 13.59 -30.78
C ARG B 991 -4.87 14.07 -31.72
N ARG B 992 -4.73 15.28 -32.24
CA ARG B 992 -5.65 15.82 -33.25
C ARG B 992 -7.12 15.70 -32.78
N GLY B 993 -7.35 15.97 -31.51
CA GLY B 993 -8.70 16.04 -30.99
C GLY B 993 -9.34 14.72 -30.58
N PHE B 994 -8.56 13.64 -30.57
CA PHE B 994 -9.09 12.37 -30.09
C PHE B 994 -8.14 11.61 -29.16
N ALA B 995 -8.71 10.99 -28.14
CA ALA B 995 -7.95 10.20 -27.20
C ALA B 995 -8.68 8.89 -26.98
N PRO B 996 -7.93 7.78 -26.83
CA PRO B 996 -8.55 6.48 -26.56
C PRO B 996 -9.26 6.51 -25.21
N ILE B 997 -10.42 5.87 -25.11
CA ILE B 997 -11.08 5.73 -23.81
C ILE B 997 -10.45 4.56 -23.08
N GLU B 998 -10.08 4.77 -21.82
CA GLU B 998 -9.52 3.70 -21.01
C GLU B 998 -10.55 3.27 -19.97
N GLU B 999 -10.45 2.01 -19.53
CA GLU B 999 -11.45 1.41 -18.64
C GLU B 999 -11.79 2.26 -17.41
N ASP B 1000 -10.77 2.82 -16.77
CA ASP B 1000 -10.96 3.54 -15.51
C ASP B 1000 -11.08 5.06 -15.65
N ASP B 1001 -11.19 5.56 -16.87
CA ASP B 1001 -11.39 6.99 -17.09
C ASP B 1001 -12.68 7.50 -16.40
N ASP B 1002 -12.60 8.66 -15.75
CA ASP B 1002 -13.81 9.41 -15.47
C ASP B 1002 -14.38 9.86 -16.82
N TRP B 1003 -15.48 9.25 -17.24
CA TRP B 1003 -16.05 9.58 -18.55
C TRP B 1003 -17.52 10.00 -18.44
N VAL B 1004 -18.25 9.88 -19.54
CA VAL B 1004 -19.64 10.32 -19.59
C VAL B 1004 -20.59 9.18 -19.97
#